data_8HG1
#
_entry.id   8HG1
#
_cell.length_a   1.00
_cell.length_b   1.00
_cell.length_c   1.00
_cell.angle_alpha   90.00
_cell.angle_beta   90.00
_cell.angle_gamma   90.00
#
_symmetry.space_group_name_H-M   'P 1'
#
loop_
_entity.id
_entity.type
_entity.pdbx_description
1 polymer 'DNA polymerase'
2 polymer E4R
3 polymer 'DNA polymerase processivity factor component A20'
4 polymer 'DNA (25-MER)'
5 polymer 'DNA (38-MER)'
6 non-polymer 'MAGNESIUM ION'
7 non-polymer "THYMIDINE-5'-TRIPHOSPHATE"
#
loop_
_entity_poly.entity_id
_entity_poly.type
_entity_poly.pdbx_seq_one_letter_code
_entity_poly.pdbx_strand_id
1 'polypeptide(L)'
;MWSHPQFEKGSGSWSHPQFEKGSGSMDVRCINWFESHGENRFLYLKSRCRNGETVFIRFPHYFYYVVTDEIYQSLSPPPF
NARPMGKMRTIDIDETISYNLDIKDRKCSVADMWLIEEPKKRSIQNATMDEFFNISWFYISNGISPDGCYSLDEQYLTKI
NNGCYHCDDPRNCFAKEIPRFDIPRSYLFLDIECHFDKKFPSVFINPISHTSYCYIDLSGKRLLFTLINEEMLTEQEIQE
AVDRGCLRIQSLMEMDYERELVLCSEIVLLRIAKQLLELTFDYVVTFNGHNFDLRYITNRLELLTGEKIIFRSPDKKEAV
HLCIYERNQSSHKGVCGMANTTFHVNNNNGTIFFDLYSFIQKSEKLDSYKLDSISKNAFSCMGKVLNRGVREMTFIGDDT
TDAKGKADTFAKVLTTGNYVTVDEDIICKVIRKDILENGFKVVLSCPTLPNDIYKLSFGKDDIDLAQMYKDYNLNIALDM
ARYCIHDACLCQYLWEYYGVETKTDAGAATYVLPQSMVFEYRASTIIKGPLLKLLLETKTILVRSETKQKFPYEGGKVFA
PKQKMFSNNVLIFDYNSLYPNVCIFGNLSPETLVGVVVSTNRLEEEINNQLLLQKYPPPRYITVHCEPRLPNLISEIAIF
DRSIEGTIPRLLRTFLAERARYKKMLKQATSSTEKAIYDSMQYTYKIVANSVYGLMGFRNSALYSYASAKSCTSIGRRMI
LYLESVLNGAELSNGMLRFANTLSNPFYMDDRDINPIVKTSLPIDYRFRFRSVYGDTDSVFTEIDSQDVDKSIEIAKELE
RLINSRVLFNNFKIEFEAVYKNLIMQSKKKYTTMKYSASSNSKSVPERINKGTSETRRDVSKFHKNMIKTYKTRLSEMLS
EGRMNSNQVCIDILRSLETDLRSEFDSRSSPLELFMLSRMHHSNYKSADNPNMYLVTEYNKNNPETIELGERYYFAYICP
ANVPWTKKLVNIKTYETIIDRSFKLGSNQRIFYEVYFKRLTSEIVNLLDNKVLCISFFQRMFGSRPTFYEA
;
A
2 'polypeptide(L)'
;MNSVTISHAPYTITYHDDWEPVMSQLVEFYNEVASWLLRDETSPIPDKFFIQLKQPLRNKRVCVCGIDPYPKDGTGVPFE
SPNFTKKSIKEIASSISRLTGVIDYKGYNLNIIDGVIPWNYYLSCKLGETKSHAIYWDKISKLLLQHITKHVSVLYCLGK
TDFSNIRAKLESPVTTIVGYHPAARDHQFEKDRSFEIINVLLELDNKTPINWAQGFIY
;
B
3 'polypeptide(L)'
;MTSSADLTNLKELLSLYKSLRFSDSVAIEKYNSLVEWGTSTYWKIGVQKVTNVETSISDYYDEVKNKPFNIDPGYYIFLP
VYFGSVFIYSKGKNMVELGSGNSFQIPDEIRSACNKVLDSDNGIDFLRFVLLNNRWIMEDAISKYQSPVNIFKLASEYGL
NIPNYLEIEIEEDTLFDDELYSIMERSFDDTFPKISISYIKLGELKRQVVDFFKFSFMYIESIKVDRIGDNIFIPSVITK
SGKKILVKDVDHLIRSKVREHTFVKVKKKNTFSILYDYDGNGTETRGEVIKRIIDTIGRDYYVNGKYFSKVGIAGLKQLT
NKLDINECATVDELVDEINKSGTVKRKIKNQSVFDLSRECLGYPEADFITLVNNMRFKIENCKVVNFNIENTNCLNNPSI
ETIYGNFNQFVSIFNTVTDVKKRLFE
;
C
4 'polydeoxyribonucleotide'
;(DA)(DG)(DC)(DT)(DA)(DT)(DG)(DA)(DC)(DC)(DA)(DT)(DG)(DA)(DT)(DT)(DA)(DC)(DG)(DA)
(DA)(DT)(DT)(DG)(DC)
;
P
5 'polydeoxyribonucleotide'
;(DC)(DT)(DG)(DC)(DA)(DC)(DG)(DA)(DA)(DT)(DT)(DA)(DA)(DG)(DC)(DA)(DA)(DT)(DT)(DC)
(DG)(DT)(DA)(DA)(DT)(DC)(DA)(DT)(DG)(DG)(DT)(DC)(DA)(DT)(DA)(DG)(DC)(DT)
;
T
#
# COMPACT_ATOMS: atom_id res chain seq x y z
N SER A 25 43.41 21.82 10.96
CA SER A 25 41.96 21.97 10.90
C SER A 25 41.40 22.40 12.25
N MET A 26 41.61 21.57 13.27
CA MET A 26 41.15 21.83 14.64
C MET A 26 39.63 21.99 14.62
N ASP A 27 39.08 23.14 15.02
CA ASP A 27 37.65 23.26 15.24
C ASP A 27 36.92 23.33 13.90
N VAL A 28 35.98 22.40 13.69
CA VAL A 28 35.18 22.35 12.48
C VAL A 28 33.74 22.03 12.86
N ARG A 29 32.79 22.60 12.13
CA ARG A 29 31.37 22.28 12.28
C ARG A 29 30.85 21.72 10.96
N CYS A 30 30.19 20.57 11.04
CA CYS A 30 29.77 19.86 9.85
C CYS A 30 28.63 20.57 9.14
N ILE A 31 28.61 20.45 7.81
CA ILE A 31 27.56 21.02 6.98
C ILE A 31 26.85 19.95 6.15
N ASN A 32 27.60 19.13 5.43
CA ASN A 32 27.01 18.12 4.56
C ASN A 32 27.96 16.95 4.42
N TRP A 33 27.38 15.78 4.12
CA TRP A 33 28.13 14.58 3.77
C TRP A 33 27.60 14.06 2.44
N PHE A 34 28.50 13.63 1.57
CA PHE A 34 28.09 13.17 0.25
C PHE A 34 29.06 12.12 -0.25
N GLU A 35 28.63 11.35 -1.24
CA GLU A 35 29.36 10.22 -1.78
C GLU A 35 29.90 10.53 -3.17
N SER A 36 30.83 9.71 -3.62
CA SER A 36 31.42 9.80 -4.95
C SER A 36 31.15 8.51 -5.70
N HIS A 37 30.78 8.63 -6.97
CA HIS A 37 30.37 7.49 -7.79
C HIS A 37 31.32 7.27 -8.97
N GLY A 38 32.62 7.43 -8.73
CA GLY A 38 33.63 7.19 -9.73
C GLY A 38 34.12 5.76 -9.73
N GLU A 39 35.33 5.57 -10.27
CA GLU A 39 35.92 4.25 -10.27
C GLU A 39 36.16 3.75 -8.85
N ASN A 40 36.62 4.63 -7.97
CA ASN A 40 36.80 4.32 -6.56
C ASN A 40 35.80 5.10 -5.73
N ARG A 41 35.18 4.44 -4.77
CA ARG A 41 34.15 5.05 -3.93
C ARG A 41 34.77 5.76 -2.75
N PHE A 42 34.15 6.87 -2.34
CA PHE A 42 34.67 7.69 -1.25
C PHE A 42 33.51 8.35 -0.53
N LEU A 43 33.78 8.79 0.70
CA LEU A 43 32.85 9.55 1.51
C LEU A 43 33.46 10.90 1.84
N TYR A 44 32.65 11.95 1.76
CA TYR A 44 33.14 13.31 1.88
C TYR A 44 32.46 14.04 3.04
N LEU A 45 33.21 14.93 3.68
CA LEU A 45 32.71 15.80 4.73
C LEU A 45 33.01 17.25 4.39
N LYS A 46 32.01 18.11 4.50
CA LYS A 46 32.17 19.54 4.29
C LYS A 46 31.98 20.27 5.61
N SER A 47 32.99 21.04 6.00
CA SER A 47 32.95 21.70 7.30
C SER A 47 33.60 23.08 7.17
N ARG A 48 33.25 23.95 8.11
CA ARG A 48 33.81 25.30 8.17
C ARG A 48 34.39 25.56 9.55
N CYS A 49 35.55 26.21 9.56
CA CYS A 49 36.24 26.55 10.80
C CYS A 49 35.62 27.81 11.41
N ARG A 50 36.18 28.27 12.53
CA ARG A 50 35.66 29.46 13.20
C ARG A 50 35.83 30.70 12.34
N ASN A 51 37.01 30.87 11.73
CA ASN A 51 37.27 32.07 10.93
C ASN A 51 36.38 32.13 9.69
N GLY A 52 36.18 30.99 9.03
CA GLY A 52 35.34 30.95 7.86
C GLY A 52 35.90 30.14 6.72
N GLU A 53 37.05 29.50 6.94
CA GLU A 53 37.64 28.67 5.91
C GLU A 53 36.91 27.34 5.79
N THR A 54 36.77 26.85 4.57
CA THR A 54 36.06 25.61 4.28
C THR A 54 37.06 24.46 4.14
N VAL A 55 36.77 23.36 4.83
CA VAL A 55 37.66 22.21 4.89
C VAL A 55 36.90 20.98 4.40
N PHE A 56 37.52 20.20 3.54
CA PHE A 56 36.98 18.93 3.07
C PHE A 56 37.86 17.79 3.60
N ILE A 57 37.22 16.71 4.02
CA ILE A 57 37.91 15.51 4.47
C ILE A 57 37.32 14.31 3.73
N ARG A 58 38.18 13.47 3.17
CA ARG A 58 37.77 12.36 2.34
C ARG A 58 38.01 11.05 3.09
N PHE A 59 37.01 10.16 3.05
CA PHE A 59 37.03 8.91 3.77
C PHE A 59 36.87 7.72 2.83
N PRO A 60 37.64 6.66 3.02
CA PRO A 60 37.35 5.41 2.31
C PRO A 60 36.01 4.84 2.74
N HIS A 61 35.30 4.23 1.80
CA HIS A 61 33.96 3.71 2.04
C HIS A 61 33.94 2.21 1.81
N TYR A 62 33.32 1.48 2.73
CA TYR A 62 33.33 0.03 2.75
C TYR A 62 31.91 -0.52 2.63
N PHE A 63 31.83 -1.84 2.58
CA PHE A 63 30.58 -2.58 2.68
C PHE A 63 30.60 -3.36 3.98
N TYR A 64 29.60 -3.14 4.84
CA TYR A 64 29.62 -3.65 6.20
C TYR A 64 28.76 -4.90 6.31
N TYR A 65 29.34 -5.96 6.88
CA TYR A 65 28.64 -7.21 7.12
C TYR A 65 28.90 -7.67 8.56
N VAL A 66 27.91 -8.35 9.13
CA VAL A 66 27.98 -8.86 10.49
C VAL A 66 27.97 -10.39 10.41
N VAL A 67 29.02 -11.01 10.95
CA VAL A 67 29.19 -12.46 10.86
C VAL A 67 29.56 -13.01 12.24
N THR A 68 29.31 -14.30 12.40
CA THR A 68 29.62 -15.03 13.63
C THR A 68 31.08 -15.46 13.61
N ASP A 69 31.61 -15.77 14.80
CA ASP A 69 33.01 -16.16 14.93
C ASP A 69 33.32 -17.40 14.08
N GLU A 70 32.41 -18.37 14.07
CA GLU A 70 32.62 -19.56 13.25
C GLU A 70 32.67 -19.21 11.77
N ILE A 71 31.71 -18.42 11.30
CA ILE A 71 31.71 -18.00 9.90
C ILE A 71 32.92 -17.13 9.60
N TYR A 72 33.34 -16.32 10.57
CA TYR A 72 34.53 -15.49 10.37
C TYR A 72 35.77 -16.35 10.18
N GLN A 73 35.91 -17.41 10.98
CA GLN A 73 37.02 -18.34 10.79
C GLN A 73 36.89 -19.17 9.52
N SER A 74 35.66 -19.34 9.01
CA SER A 74 35.42 -20.16 7.83
C SER A 74 35.39 -19.36 6.53
N LEU A 75 35.73 -18.08 6.56
CA LEU A 75 35.77 -17.28 5.34
C LEU A 75 36.97 -17.68 4.51
N SER A 76 36.73 -18.27 3.34
CA SER A 76 37.84 -18.78 2.52
C SER A 76 38.80 -17.69 2.08
N PRO A 77 38.37 -16.57 1.51
CA PRO A 77 39.29 -15.44 1.32
C PRO A 77 39.25 -14.52 2.51
N PRO A 78 40.40 -14.20 3.09
CA PRO A 78 40.40 -13.39 4.31
C PRO A 78 39.79 -12.03 4.05
N PRO A 79 39.03 -11.50 5.01
CA PRO A 79 38.40 -10.19 4.81
C PRO A 79 39.40 -9.06 4.89
N PHE A 80 39.01 -7.91 4.34
CA PHE A 80 39.89 -6.75 4.33
C PHE A 80 40.17 -6.26 5.75
N ASN A 81 39.14 -6.20 6.58
CA ASN A 81 39.31 -5.77 7.96
C ASN A 81 38.10 -6.23 8.77
N ALA A 82 38.36 -6.66 10.00
CA ALA A 82 37.31 -7.13 10.90
C ALA A 82 37.56 -6.56 12.29
N ARG A 83 36.48 -6.14 12.95
CA ARG A 83 36.55 -5.56 14.28
C ARG A 83 35.63 -6.32 15.22
N PRO A 84 36.10 -6.75 16.39
CA PRO A 84 35.23 -7.49 17.31
C PRO A 84 34.08 -6.64 17.81
N MET A 85 32.93 -7.27 18.02
CA MET A 85 31.74 -6.60 18.51
C MET A 85 31.26 -7.13 19.85
N GLY A 86 31.88 -8.16 20.39
CA GLY A 86 31.55 -8.67 21.70
C GLY A 86 30.46 -9.72 21.68
N LYS A 87 30.12 -10.19 22.88
CA LYS A 87 29.05 -11.16 23.05
C LYS A 87 27.72 -10.50 22.73
N MET A 88 26.92 -11.16 21.89
CA MET A 88 25.60 -10.67 21.54
C MET A 88 24.60 -11.82 21.53
N ARG A 89 23.34 -11.47 21.39
CA ARG A 89 22.22 -12.38 21.60
C ARG A 89 21.29 -12.32 20.39
N THR A 90 20.89 -13.48 19.90
CA THR A 90 20.03 -13.58 18.72
C THR A 90 18.69 -14.20 19.10
N ILE A 91 17.60 -13.57 18.67
CA ILE A 91 16.25 -14.01 19.00
C ILE A 91 15.47 -14.22 17.72
N ASP A 92 14.79 -15.37 17.62
CA ASP A 92 13.84 -15.62 16.55
C ASP A 92 12.51 -14.96 16.92
N ILE A 93 12.04 -14.06 16.06
CA ILE A 93 10.85 -13.28 16.37
C ILE A 93 9.67 -13.77 15.53
N ASP A 94 9.73 -15.01 15.07
CA ASP A 94 8.61 -15.60 14.37
C ASP A 94 7.50 -15.95 15.36
N GLU A 95 6.26 -15.73 14.94
CA GLU A 95 5.10 -15.93 15.79
C GLU A 95 4.33 -17.16 15.32
N THR A 96 4.05 -18.07 16.24
CA THR A 96 3.30 -19.28 15.95
C THR A 96 2.13 -19.40 16.91
N ILE A 97 1.03 -19.95 16.42
CA ILE A 97 -0.17 -20.14 17.22
C ILE A 97 0.00 -21.43 18.01
N SER A 98 -0.63 -21.49 19.18
CA SER A 98 -0.53 -22.63 20.08
C SER A 98 -1.92 -22.99 20.60
N TYR A 99 -2.21 -24.28 20.67
CA TYR A 99 -3.52 -24.75 21.10
C TYR A 99 -3.52 -25.25 22.54
N ASN A 100 -2.33 -25.44 23.11
CA ASN A 100 -2.19 -25.85 24.50
C ASN A 100 -1.20 -24.95 25.22
N LEU A 101 -0.92 -25.21 26.49
CA LEU A 101 0.00 -24.38 27.26
C LEU A 101 1.39 -24.96 27.44
N ASP A 102 1.77 -25.96 26.66
CA ASP A 102 3.16 -26.42 26.62
C ASP A 102 3.89 -25.60 25.56
N ILE A 103 4.13 -24.33 25.86
CA ILE A 103 4.71 -23.38 24.91
C ILE A 103 6.24 -23.49 25.00
N LYS A 104 6.87 -23.78 23.86
CA LYS A 104 8.31 -23.91 23.83
C LYS A 104 8.97 -22.54 23.97
N ASP A 105 10.08 -22.50 24.69
CA ASP A 105 10.81 -21.26 24.90
C ASP A 105 11.39 -20.76 23.58
N ARG A 106 11.50 -19.44 23.47
CA ARG A 106 11.96 -18.81 22.24
C ARG A 106 13.41 -19.19 21.97
N LYS A 107 13.73 -19.37 20.69
CA LYS A 107 15.08 -19.73 20.28
C LYS A 107 16.02 -18.56 20.53
N CYS A 108 17.03 -18.78 21.36
CA CYS A 108 17.93 -17.71 21.79
C CYS A 108 19.35 -18.25 21.82
N SER A 109 20.25 -17.57 21.12
CA SER A 109 21.64 -18.01 20.99
C SER A 109 22.56 -16.86 21.38
N VAL A 110 23.71 -17.19 21.96
CA VAL A 110 24.71 -16.22 22.36
C VAL A 110 26.05 -16.61 21.73
N ALA A 111 26.66 -15.69 21.00
CA ALA A 111 27.93 -15.97 20.33
C ALA A 111 28.67 -14.66 20.09
N ASP A 112 29.98 -14.78 19.86
CA ASP A 112 30.81 -13.63 19.56
C ASP A 112 30.62 -13.19 18.11
N MET A 113 30.44 -11.89 17.91
CA MET A 113 30.13 -11.34 16.60
C MET A 113 31.30 -10.51 16.10
N TRP A 114 31.35 -10.32 14.78
CA TRP A 114 32.40 -9.54 14.14
C TRP A 114 31.77 -8.59 13.11
N LEU A 115 32.49 -7.51 12.83
CA LEU A 115 32.09 -6.53 11.82
C LEU A 115 33.18 -6.44 10.78
N ILE A 116 32.90 -6.94 9.58
CA ILE A 116 33.88 -7.00 8.50
C ILE A 116 33.56 -5.92 7.48
N GLU A 117 34.61 -5.33 6.91
CA GLU A 117 34.49 -4.26 5.93
C GLU A 117 35.15 -4.69 4.63
N GLU A 118 34.44 -4.51 3.51
CA GLU A 118 34.90 -4.96 2.21
C GLU A 118 34.89 -3.80 1.22
N PRO A 119 35.99 -3.56 0.52
CA PRO A 119 35.98 -2.52 -0.52
C PRO A 119 34.98 -2.77 -1.63
N LYS A 120 34.75 -4.02 -1.99
CA LYS A 120 33.77 -4.39 -3.02
C LYS A 120 32.72 -5.31 -2.42
N LYS A 121 31.57 -5.37 -3.08
CA LYS A 121 30.44 -6.11 -2.55
C LYS A 121 30.73 -7.60 -2.47
N ARG A 122 30.29 -8.22 -1.39
CA ARG A 122 30.51 -9.62 -1.14
C ARG A 122 29.20 -10.27 -0.72
N SER A 123 29.08 -11.57 -0.99
CA SER A 123 27.91 -12.34 -0.64
C SER A 123 28.29 -13.36 0.42
N ILE A 124 27.61 -13.32 1.56
CA ILE A 124 27.81 -14.27 2.65
C ILE A 124 26.50 -14.97 2.93
N GLN A 125 26.53 -16.30 2.96
CA GLN A 125 25.30 -17.07 3.01
C GLN A 125 24.63 -16.94 4.38
N ASN A 126 25.40 -16.73 5.43
CA ASN A 126 24.89 -16.69 6.79
C ASN A 126 25.17 -15.35 7.46
N ALA A 127 24.92 -14.26 6.74
CA ALA A 127 25.14 -12.93 7.30
C ALA A 127 23.83 -12.35 7.82
N THR A 128 23.89 -11.73 8.99
CA THR A 128 22.74 -11.17 9.67
C THR A 128 22.89 -9.65 9.76
N MET A 129 21.87 -9.01 10.33
CA MET A 129 21.82 -7.54 10.47
C MET A 129 21.99 -6.86 9.12
N ASP A 130 21.22 -7.31 8.14
CA ASP A 130 21.35 -6.87 6.76
C ASP A 130 20.34 -5.82 6.35
N GLU A 131 19.63 -5.22 7.32
CA GLU A 131 18.59 -4.26 7.01
C GLU A 131 19.06 -2.81 7.09
N PHE A 132 20.31 -2.56 7.43
CA PHE A 132 20.79 -1.21 7.67
C PHE A 132 21.69 -0.73 6.54
N PHE A 133 21.85 0.60 6.48
CA PHE A 133 22.63 1.23 5.44
C PHE A 133 24.11 1.23 5.81
N ASN A 134 24.95 1.54 4.83
CA ASN A 134 26.39 1.64 5.06
C ASN A 134 26.77 2.95 5.77
N ILE A 135 26.08 4.04 5.46
CA ILE A 135 26.37 5.31 6.11
C ILE A 135 26.01 5.25 7.59
N SER A 136 24.91 4.56 7.92
CA SER A 136 24.54 4.38 9.32
C SER A 136 25.60 3.58 10.06
N TRP A 137 26.10 2.51 9.44
CA TRP A 137 27.17 1.73 10.05
C TRP A 137 28.41 2.59 10.26
N PHE A 138 28.77 3.38 9.26
CA PHE A 138 29.91 4.29 9.38
C PHE A 138 29.75 5.20 10.61
N TYR A 139 28.61 5.89 10.69
CA TYR A 139 28.39 6.84 11.77
C TYR A 139 28.42 6.14 13.13
N ILE A 140 27.64 5.06 13.29
CA ILE A 140 27.47 4.46 14.60
C ILE A 140 28.74 3.74 15.05
N SER A 141 29.40 3.02 14.14
CA SER A 141 30.63 2.32 14.50
C SER A 141 31.76 3.28 14.81
N ASN A 142 31.88 4.37 14.06
CA ASN A 142 32.96 5.32 14.28
C ASN A 142 32.66 6.33 15.37
N GLY A 143 31.43 6.36 15.89
CA GLY A 143 31.07 7.33 16.91
C GLY A 143 31.08 8.76 16.43
N ILE A 144 30.50 9.02 15.26
CA ILE A 144 30.48 10.33 14.65
C ILE A 144 29.04 10.76 14.43
N SER A 145 28.73 12.00 14.83
CA SER A 145 27.41 12.58 14.63
C SER A 145 27.40 13.46 13.40
N PRO A 146 26.35 13.37 12.57
CA PRO A 146 26.33 14.14 11.32
C PRO A 146 26.36 15.65 11.50
N ASP A 147 25.91 16.18 12.63
CA ASP A 147 25.83 17.62 12.83
C ASP A 147 26.54 18.03 14.10
N GLY A 148 27.74 17.50 14.33
CA GLY A 148 28.52 17.83 15.50
C GLY A 148 29.67 18.77 15.19
N CYS A 149 30.21 19.36 16.26
CA CYS A 149 31.42 20.17 16.19
C CYS A 149 32.56 19.39 16.82
N TYR A 150 33.67 19.28 16.10
CA TYR A 150 34.78 18.44 16.51
C TYR A 150 36.08 19.22 16.48
N SER A 151 37.07 18.68 17.18
CA SER A 151 38.43 19.23 17.22
C SER A 151 39.36 18.16 16.66
N LEU A 152 39.58 18.21 15.35
CA LEU A 152 40.37 17.19 14.68
C LEU A 152 41.84 17.33 15.04
N ASP A 153 42.56 16.21 14.94
CA ASP A 153 44.01 16.18 15.10
C ASP A 153 44.66 15.83 13.76
N GLU A 154 45.70 16.57 13.40
CA GLU A 154 46.31 16.40 12.08
C GLU A 154 47.21 15.17 11.99
N GLN A 155 47.46 14.48 13.10
CA GLN A 155 48.31 13.30 13.05
C GLN A 155 47.69 12.20 12.19
N TYR A 156 46.36 12.23 12.03
CA TYR A 156 45.65 11.22 11.25
C TYR A 156 45.10 11.78 9.94
N LEU A 157 45.55 12.95 9.52
CA LEU A 157 45.09 13.59 8.30
C LEU A 157 46.26 13.85 7.37
N THR A 158 46.05 13.65 6.07
CA THR A 158 47.06 13.89 5.05
C THR A 158 46.50 14.85 4.02
N LYS A 159 47.27 15.88 3.69
CA LYS A 159 46.82 16.87 2.72
C LYS A 159 47.12 16.40 1.31
N ILE A 160 46.11 16.44 0.45
CA ILE A 160 46.24 16.01 -0.94
C ILE A 160 45.90 17.11 -1.93
N ASN A 161 45.41 18.25 -1.47
CA ASN A 161 44.88 19.31 -2.31
C ASN A 161 44.62 20.49 -1.40
N ASN A 162 44.46 21.69 -1.98
CA ASN A 162 44.20 22.89 -1.21
C ASN A 162 42.73 22.86 -0.78
N GLY A 163 42.50 22.57 0.50
CA GLY A 163 41.16 22.46 1.03
C GLY A 163 40.63 21.06 1.20
N CYS A 164 41.41 20.03 0.87
CA CYS A 164 40.99 18.65 1.00
C CYS A 164 42.03 17.86 1.78
N TYR A 165 41.56 16.95 2.63
CA TYR A 165 42.41 16.10 3.45
C TYR A 165 41.91 14.67 3.36
N HIS A 166 42.80 13.73 3.70
CA HIS A 166 42.49 12.30 3.68
C HIS A 166 42.65 11.73 5.07
N CYS A 167 41.67 10.92 5.50
CA CYS A 167 41.68 10.29 6.81
C CYS A 167 41.49 8.79 6.65
N ASP A 168 42.43 8.01 7.18
CA ASP A 168 42.32 6.56 7.15
C ASP A 168 41.82 5.97 8.46
N ASP A 169 41.86 6.74 9.55
CA ASP A 169 41.43 6.27 10.87
C ASP A 169 40.41 7.25 11.42
N PRO A 170 39.16 7.19 10.96
CA PRO A 170 38.15 8.12 11.44
C PRO A 170 37.85 7.99 12.93
N ARG A 171 38.10 6.83 13.52
CA ARG A 171 37.77 6.63 14.93
C ARG A 171 38.66 7.48 15.84
N ASN A 172 39.92 7.68 15.45
CA ASN A 172 40.83 8.46 16.28
C ASN A 172 40.82 9.93 15.90
N CYS A 173 40.38 10.27 14.68
CA CYS A 173 40.34 11.67 14.28
C CYS A 173 39.21 12.43 14.95
N PHE A 174 38.03 11.82 15.04
CA PHE A 174 36.84 12.47 15.58
C PHE A 174 36.59 12.10 17.04
N ALA A 175 37.65 11.87 17.81
CA ALA A 175 37.49 11.40 19.18
C ALA A 175 37.02 12.49 20.13
N LYS A 176 37.35 13.75 19.84
CA LYS A 176 37.06 14.86 20.75
C LYS A 176 35.94 15.72 20.18
N GLU A 177 34.95 16.02 21.01
CA GLU A 177 33.80 16.83 20.63
C GLU A 177 33.83 18.13 21.41
N ILE A 178 33.39 19.20 20.77
CA ILE A 178 33.49 20.55 21.34
C ILE A 178 32.10 21.18 21.28
N PRO A 179 31.85 22.20 22.11
CA PRO A 179 30.55 22.88 22.06
C PRO A 179 30.30 23.55 20.71
N ARG A 180 29.02 23.64 20.36
CA ARG A 180 28.62 24.17 19.07
C ARG A 180 28.87 25.68 18.99
N PHE A 181 29.31 26.13 17.81
CA PHE A 181 29.56 27.54 17.56
C PHE A 181 28.98 27.93 16.20
N ASP A 182 28.74 29.23 16.03
CA ASP A 182 28.08 29.73 14.84
C ASP A 182 29.09 30.00 13.72
N ILE A 183 28.65 29.77 12.49
CA ILE A 183 29.49 29.95 11.30
C ILE A 183 28.72 30.73 10.24
N PRO A 184 29.40 31.44 9.34
CA PRO A 184 28.69 32.08 8.22
C PRO A 184 28.36 31.08 7.13
N ARG A 185 27.32 31.41 6.36
CA ARG A 185 26.84 30.55 5.29
C ARG A 185 26.49 31.38 4.07
N SER A 186 26.41 30.71 2.92
CA SER A 186 26.16 31.35 1.63
C SER A 186 24.94 30.74 0.97
N TYR A 187 24.23 31.55 0.19
CA TYR A 187 22.98 31.14 -0.44
C TYR A 187 22.89 31.68 -1.85
N LEU A 188 22.02 31.07 -2.65
CA LEU A 188 21.62 31.60 -3.95
C LEU A 188 20.16 31.25 -4.20
N PHE A 189 19.36 32.28 -4.45
CA PHE A 189 17.96 32.13 -4.83
C PHE A 189 17.76 32.75 -6.20
N LEU A 190 17.07 32.04 -7.10
CA LEU A 190 16.89 32.53 -8.45
C LEU A 190 15.54 32.15 -9.00
N ASP A 191 15.12 32.88 -10.03
CA ASP A 191 13.90 32.61 -10.77
C ASP A 191 14.05 33.20 -12.17
N ILE A 192 13.44 32.54 -13.16
CA ILE A 192 13.51 32.95 -14.55
C ILE A 192 12.11 33.13 -15.10
N GLU A 193 12.00 33.87 -16.21
CA GLU A 193 10.75 34.09 -16.90
C GLU A 193 10.99 33.93 -18.39
N CYS A 194 10.28 33.01 -19.02
CA CYS A 194 10.48 32.67 -20.42
C CYS A 194 9.34 33.21 -21.28
N HIS A 195 9.68 33.53 -22.52
CA HIS A 195 8.73 34.06 -23.48
C HIS A 195 7.82 32.95 -23.98
N PHE A 196 6.55 33.29 -24.23
CA PHE A 196 5.62 32.35 -24.82
C PHE A 196 4.52 33.12 -25.53
N ASP A 197 3.90 32.48 -26.52
CA ASP A 197 2.91 33.14 -27.37
C ASP A 197 1.49 32.71 -27.02
N LYS A 198 1.24 31.40 -26.96
CA LYS A 198 -0.10 30.88 -26.75
C LYS A 198 -0.21 29.79 -25.70
N LYS A 199 0.89 29.28 -25.17
CA LYS A 199 0.83 28.13 -24.28
C LYS A 199 2.10 28.11 -23.43
N PHE A 200 2.35 26.98 -22.78
CA PHE A 200 3.57 26.80 -22.01
C PHE A 200 4.78 26.95 -22.94
N PRO A 201 5.86 27.59 -22.50
CA PRO A 201 7.00 27.81 -23.40
C PRO A 201 7.67 26.51 -23.82
N SER A 202 8.31 26.57 -24.99
CA SER A 202 9.08 25.46 -25.54
C SER A 202 10.53 25.90 -25.73
N VAL A 203 11.47 25.02 -25.37
CA VAL A 203 12.88 25.37 -25.40
C VAL A 203 13.40 25.62 -26.80
N PHE A 204 12.82 24.95 -27.81
CA PHE A 204 13.33 25.05 -29.17
C PHE A 204 12.84 26.29 -29.91
N ILE A 205 11.80 26.96 -29.42
CA ILE A 205 11.21 28.08 -30.14
C ILE A 205 11.26 29.35 -29.30
N ASN A 206 11.23 29.20 -27.99
CA ASN A 206 11.00 30.36 -27.15
C ASN A 206 12.24 30.72 -26.32
N PRO A 207 12.61 31.98 -26.28
CA PRO A 207 13.80 32.40 -25.52
C PRO A 207 13.47 32.78 -24.09
N ILE A 208 14.53 33.14 -23.36
CA ILE A 208 14.42 33.61 -21.99
C ILE A 208 14.45 35.13 -22.00
N SER A 209 13.55 35.76 -21.25
CA SER A 209 13.44 37.21 -21.21
C SER A 209 14.09 37.83 -19.99
N HIS A 210 14.05 37.13 -18.84
CA HIS A 210 14.57 37.68 -17.59
C HIS A 210 15.19 36.57 -16.75
N THR A 211 16.04 36.98 -15.81
CA THR A 211 16.64 36.07 -14.84
C THR A 211 17.08 36.89 -13.63
N SER A 212 16.57 36.54 -12.46
CA SER A 212 16.83 37.27 -11.23
C SER A 212 17.59 36.39 -10.25
N TYR A 213 18.38 37.02 -9.39
CA TYR A 213 19.20 36.30 -8.42
C TYR A 213 19.17 37.02 -7.07
N CYS A 214 19.34 36.25 -6.00
CA CYS A 214 19.58 36.78 -4.67
C CYS A 214 20.85 36.13 -4.14
N TYR A 215 21.85 36.93 -3.84
CA TYR A 215 23.22 36.47 -3.64
C TYR A 215 23.69 36.86 -2.26
N ILE A 216 24.06 35.86 -1.46
CA ILE A 216 24.61 36.09 -0.12
C ILE A 216 25.95 35.37 -0.05
N ASP A 217 26.99 36.10 0.34
CA ASP A 217 28.33 35.54 0.45
C ASP A 217 28.66 35.28 1.91
N LEU A 218 29.90 34.85 2.17
CA LEU A 218 30.30 34.52 3.53
C LEU A 218 30.44 35.76 4.41
N SER A 219 30.59 36.94 3.82
CA SER A 219 30.72 38.16 4.60
C SER A 219 29.40 38.72 5.08
N GLY A 220 28.27 38.20 4.59
CA GLY A 220 26.96 38.67 4.99
C GLY A 220 26.34 39.72 4.10
N LYS A 221 26.88 39.94 2.90
CA LYS A 221 26.34 40.95 2.00
C LYS A 221 25.18 40.38 1.19
N ARG A 222 24.15 41.19 1.00
CA ARG A 222 22.97 40.80 0.24
C ARG A 222 22.92 41.61 -1.05
N LEU A 223 22.85 40.92 -2.18
CA LEU A 223 22.88 41.56 -3.49
C LEU A 223 21.70 41.06 -4.32
N LEU A 224 21.06 41.98 -5.04
CA LEU A 224 19.94 41.67 -5.93
C LEU A 224 20.25 42.21 -7.31
N PHE A 225 20.09 41.37 -8.34
CA PHE A 225 20.31 41.83 -9.70
C PHE A 225 19.49 41.00 -10.66
N THR A 226 18.97 41.66 -11.70
CA THR A 226 18.13 41.05 -12.72
C THR A 226 18.74 41.30 -14.09
N LEU A 227 18.72 40.28 -14.95
CA LEU A 227 19.29 40.37 -16.28
C LEU A 227 18.17 40.36 -17.32
N ILE A 228 18.16 41.38 -18.18
CA ILE A 228 17.12 41.56 -19.18
C ILE A 228 17.69 41.20 -20.54
N ASN A 229 16.96 40.38 -21.29
CA ASN A 229 17.39 40.00 -22.64
C ASN A 229 17.12 41.15 -23.60
N GLU A 230 18.18 41.72 -24.16
CA GLU A 230 18.08 42.86 -25.07
C GLU A 230 17.78 42.44 -26.50
N GLU A 231 17.86 41.16 -26.82
CA GLU A 231 17.66 40.71 -28.19
C GLU A 231 16.23 40.85 -28.67
N MET A 232 15.28 41.15 -27.78
CA MET A 232 13.89 41.37 -28.16
C MET A 232 13.46 42.81 -27.87
N LEU A 233 14.38 43.76 -28.00
CA LEU A 233 14.09 45.18 -27.85
C LEU A 233 14.74 45.94 -29.00
N THR A 234 14.12 47.05 -29.38
CA THR A 234 14.65 47.90 -30.44
C THR A 234 15.85 48.68 -29.91
N GLU A 235 16.72 49.10 -30.84
CA GLU A 235 17.92 49.82 -30.46
C GLU A 235 17.60 51.13 -29.74
N GLN A 236 16.58 51.84 -30.21
CA GLN A 236 16.18 53.08 -29.55
C GLN A 236 15.72 52.81 -28.13
N GLU A 237 14.97 51.73 -27.92
CA GLU A 237 14.54 51.36 -26.58
C GLU A 237 15.72 51.01 -25.70
N ILE A 238 16.73 50.34 -26.28
CA ILE A 238 17.94 50.03 -25.53
C ILE A 238 18.65 51.30 -25.10
N GLN A 239 18.77 52.27 -26.01
CA GLN A 239 19.41 53.54 -25.65
C GLN A 239 18.64 54.27 -24.57
N GLU A 240 17.30 54.25 -24.66
CA GLU A 240 16.48 54.87 -23.62
C GLU A 240 16.70 54.19 -22.28
N ALA A 241 16.77 52.85 -22.28
CA ALA A 241 16.99 52.12 -21.03
C ALA A 241 18.34 52.46 -20.43
N VAL A 242 19.38 52.56 -21.26
CA VAL A 242 20.70 52.91 -20.74
C VAL A 242 20.69 54.32 -20.18
N ASP A 243 20.01 55.24 -20.86
CA ASP A 243 19.91 56.61 -20.36
C ASP A 243 19.10 56.67 -19.07
N ARG A 244 18.23 55.70 -18.83
CA ARG A 244 17.39 55.70 -17.64
C ARG A 244 18.10 55.14 -16.42
N GLY A 245 19.23 54.46 -16.58
CA GLY A 245 19.98 53.98 -15.44
C GLY A 245 20.51 52.57 -15.55
N CYS A 246 20.05 51.82 -16.55
CA CYS A 246 20.50 50.45 -16.72
C CYS A 246 21.91 50.39 -17.28
N LEU A 247 22.52 49.22 -17.18
CA LEU A 247 23.88 48.99 -17.63
C LEU A 247 23.90 47.97 -18.76
N ARG A 248 24.60 48.31 -19.84
CA ARG A 248 24.75 47.44 -21.01
C ARG A 248 26.12 46.78 -20.97
N ILE A 249 26.16 45.47 -21.19
CA ILE A 249 27.40 44.72 -21.22
C ILE A 249 27.44 43.86 -22.47
N GLN A 250 28.65 43.60 -22.96
CA GLN A 250 28.85 42.73 -24.11
C GLN A 250 29.65 41.47 -23.81
N SER A 251 30.30 41.38 -22.65
CA SER A 251 31.14 40.25 -22.31
C SER A 251 30.87 39.83 -20.88
N LEU A 252 31.26 38.59 -20.57
CA LEU A 252 31.11 38.06 -19.22
C LEU A 252 31.97 38.81 -18.22
N MET A 253 33.14 39.29 -18.65
CA MET A 253 34.11 39.85 -17.73
C MET A 253 33.76 41.27 -17.28
N GLU A 254 32.81 41.92 -17.93
CA GLU A 254 32.50 43.32 -17.65
C GLU A 254 31.17 43.47 -16.94
N MET A 255 30.79 42.48 -16.13
CA MET A 255 29.61 42.58 -15.29
C MET A 255 30.02 42.78 -13.84
N ASP A 256 29.33 43.70 -13.16
CA ASP A 256 29.43 43.86 -11.73
C ASP A 256 28.11 43.46 -11.08
N TYR A 257 28.20 42.75 -9.96
CA TYR A 257 27.01 42.28 -9.27
C TYR A 257 26.33 43.38 -8.45
N GLU A 258 26.99 44.52 -8.28
CA GLU A 258 26.46 45.60 -7.45
C GLU A 258 25.49 46.52 -8.19
N ARG A 259 25.00 46.11 -9.36
CA ARG A 259 24.02 46.88 -10.10
C ARG A 259 22.75 46.06 -10.27
N GLU A 260 21.60 46.71 -10.13
CA GLU A 260 20.33 45.99 -10.10
C GLU A 260 19.91 45.51 -11.48
N LEU A 261 19.70 46.45 -12.41
CA LEU A 261 19.22 46.13 -13.74
C LEU A 261 20.39 46.15 -14.71
N VAL A 262 20.64 45.02 -15.37
CA VAL A 262 21.66 44.89 -16.39
C VAL A 262 21.03 44.20 -17.59
N LEU A 263 21.15 44.81 -18.77
CA LEU A 263 20.57 44.27 -19.99
C LEU A 263 21.66 43.78 -20.93
N CYS A 264 21.50 42.56 -21.41
CA CYS A 264 22.49 41.91 -22.26
C CYS A 264 21.78 40.88 -23.13
N SER A 265 22.56 40.17 -23.95
CA SER A 265 22.01 39.19 -24.87
C SER A 265 21.72 37.87 -24.13
N GLU A 266 21.20 36.91 -24.89
CA GLU A 266 20.83 35.63 -24.29
C GLU A 266 22.04 34.77 -23.99
N ILE A 267 23.05 34.81 -24.86
CA ILE A 267 24.25 34.01 -24.64
C ILE A 267 24.98 34.47 -23.39
N VAL A 268 25.12 35.79 -23.21
CA VAL A 268 25.79 36.31 -22.03
C VAL A 268 24.99 35.96 -20.78
N LEU A 269 23.66 36.02 -20.87
CA LEU A 269 22.81 35.62 -19.76
C LEU A 269 23.06 34.17 -19.36
N LEU A 270 23.12 33.28 -20.35
CA LEU A 270 23.34 31.86 -20.06
C LEU A 270 24.73 31.62 -19.50
N ARG A 271 25.73 32.34 -20.00
CA ARG A 271 27.07 32.21 -19.45
C ARG A 271 27.14 32.67 -18.00
N ILE A 272 26.47 33.78 -17.69
CA ILE A 272 26.42 34.25 -16.31
C ILE A 272 25.74 33.23 -15.41
N ALA A 273 24.63 32.66 -15.88
CA ALA A 273 23.94 31.63 -15.11
C ALA A 273 24.83 30.41 -14.87
N LYS A 274 25.55 29.97 -15.91
CA LYS A 274 26.43 28.83 -15.77
C LYS A 274 27.56 29.12 -14.79
N GLN A 275 28.12 30.33 -14.85
CA GLN A 275 29.17 30.70 -13.91
C GLN A 275 28.65 30.72 -12.49
N LEU A 276 27.43 31.22 -12.28
CA LEU A 276 26.90 31.31 -10.92
C LEU A 276 26.53 29.94 -10.37
N LEU A 277 26.05 29.04 -11.21
CA LEU A 277 25.65 27.71 -10.73
C LEU A 277 26.83 26.78 -10.53
N GLU A 278 28.04 27.17 -10.92
CA GLU A 278 29.22 26.34 -10.75
C GLU A 278 29.99 26.63 -9.47
N LEU A 279 29.60 27.64 -8.70
CA LEU A 279 30.28 27.97 -7.47
C LEU A 279 29.92 26.99 -6.37
N THR A 280 30.68 27.03 -5.28
CA THR A 280 30.46 26.14 -4.14
C THR A 280 29.61 26.84 -3.09
N PHE A 281 28.35 27.06 -3.44
CA PHE A 281 27.38 27.59 -2.50
C PHE A 281 27.00 26.52 -1.48
N ASP A 282 26.54 26.98 -0.31
CA ASP A 282 25.98 26.05 0.67
C ASP A 282 24.59 25.58 0.24
N TYR A 283 23.77 26.48 -0.29
CA TYR A 283 22.42 26.15 -0.70
C TYR A 283 22.08 26.90 -1.99
N VAL A 284 21.45 26.20 -2.92
CA VAL A 284 20.83 26.80 -4.09
C VAL A 284 19.36 26.42 -4.04
N VAL A 285 18.49 27.41 -3.80
CA VAL A 285 17.09 27.18 -3.50
C VAL A 285 16.24 27.75 -4.62
N THR A 286 15.31 26.94 -5.12
CA THR A 286 14.38 27.34 -6.18
C THR A 286 12.98 26.91 -5.81
N PHE A 287 12.03 27.31 -6.65
CA PHE A 287 10.65 26.84 -6.57
C PHE A 287 10.31 26.19 -7.89
N ASN A 288 10.18 24.86 -7.88
CA ASN A 288 9.97 24.07 -9.09
C ASN A 288 11.06 24.34 -10.12
N GLY A 289 12.29 24.43 -9.64
CA GLY A 289 13.42 24.71 -10.51
C GLY A 289 14.07 23.47 -11.07
N HIS A 290 13.89 22.34 -10.41
CA HIS A 290 14.47 21.09 -10.88
C HIS A 290 13.69 20.50 -12.04
N ASN A 291 12.53 21.06 -12.37
CA ASN A 291 11.74 20.57 -13.50
C ASN A 291 11.65 21.59 -14.62
N PHE A 292 11.67 22.88 -14.32
CA PHE A 292 11.52 23.91 -15.33
C PHE A 292 12.74 24.81 -15.47
N ASP A 293 13.21 25.41 -14.37
CA ASP A 293 14.18 26.50 -14.49
C ASP A 293 15.56 25.99 -14.89
N LEU A 294 16.15 25.12 -14.08
CA LEU A 294 17.49 24.62 -14.38
C LEU A 294 17.50 23.79 -15.66
N ARG A 295 16.44 23.02 -15.88
CA ARG A 295 16.32 22.25 -17.12
C ARG A 295 16.30 23.17 -18.33
N TYR A 296 15.51 24.25 -18.26
CA TYR A 296 15.45 25.21 -19.35
C TYR A 296 16.82 25.84 -19.59
N ILE A 297 17.49 26.25 -18.51
CA ILE A 297 18.80 26.90 -18.66
C ILE A 297 19.79 25.95 -19.32
N THR A 298 19.85 24.71 -18.83
CA THR A 298 20.81 23.74 -19.37
C THR A 298 20.52 23.45 -20.85
N ASN A 299 19.26 23.18 -21.18
CA ASN A 299 18.92 22.85 -22.56
C ASN A 299 19.16 24.02 -23.49
N ARG A 300 18.82 25.24 -23.08
CA ARG A 300 19.02 26.40 -23.92
C ARG A 300 20.51 26.69 -24.09
N LEU A 301 21.30 26.50 -23.04
CA LEU A 301 22.75 26.67 -23.16
C LEU A 301 23.34 25.64 -24.11
N GLU A 302 22.85 24.40 -24.07
CA GLU A 302 23.34 23.38 -24.98
C GLU A 302 22.84 23.57 -26.41
N LEU A 303 21.73 24.26 -26.59
CA LEU A 303 21.23 24.51 -27.95
C LEU A 303 21.94 25.70 -28.59
N LEU A 304 22.00 26.83 -27.90
CA LEU A 304 22.62 28.02 -28.48
C LEU A 304 24.12 27.86 -28.60
N THR A 305 24.77 27.35 -27.57
CA THR A 305 26.20 27.11 -27.53
C THR A 305 26.40 25.62 -27.23
N GLY A 306 27.65 25.16 -27.29
CA GLY A 306 27.97 23.80 -26.92
C GLY A 306 28.42 23.60 -25.49
N GLU A 307 28.27 24.60 -24.62
CA GLU A 307 28.81 24.54 -23.28
C GLU A 307 27.93 23.70 -22.36
N LYS A 308 28.53 23.25 -21.26
CA LYS A 308 27.85 22.45 -20.26
C LYS A 308 28.24 22.93 -18.87
N ILE A 309 27.38 22.65 -17.90
CA ILE A 309 27.63 23.02 -16.51
C ILE A 309 28.32 21.84 -15.83
N ILE A 310 29.50 22.10 -15.26
CA ILE A 310 30.40 21.04 -14.78
C ILE A 310 30.53 21.16 -13.27
N PHE A 311 30.33 20.04 -12.59
CA PHE A 311 30.55 19.92 -11.15
C PHE A 311 31.78 19.05 -10.92
N ARG A 312 32.69 19.54 -10.07
CA ARG A 312 33.93 18.84 -9.77
C ARG A 312 34.00 18.48 -8.29
N SER A 313 34.63 17.36 -8.00
CA SER A 313 34.80 16.90 -6.64
C SER A 313 35.87 17.73 -5.93
N PRO A 314 35.86 17.74 -4.59
CA PRO A 314 36.86 18.53 -3.86
C PRO A 314 38.30 18.15 -4.19
N ASP A 315 38.57 16.88 -4.50
CA ASP A 315 39.92 16.45 -4.87
C ASP A 315 40.20 16.61 -6.36
N LYS A 316 39.22 17.05 -7.14
CA LYS A 316 39.36 17.22 -8.59
C LYS A 316 39.87 15.97 -9.28
N LYS A 317 39.12 14.87 -9.14
CA LYS A 317 39.36 13.69 -9.95
C LYS A 317 38.13 13.19 -10.69
N GLU A 318 36.95 13.72 -10.40
CA GLU A 318 35.72 13.35 -11.10
C GLU A 318 34.99 14.62 -11.50
N ALA A 319 34.60 14.71 -12.77
CA ALA A 319 33.84 15.83 -13.29
C ALA A 319 32.58 15.30 -13.95
N VAL A 320 31.44 15.89 -13.61
CA VAL A 320 30.15 15.47 -14.15
C VAL A 320 29.42 16.70 -14.68
N HIS A 321 28.49 16.44 -15.59
CA HIS A 321 27.64 17.48 -16.15
C HIS A 321 26.28 17.49 -15.43
N LEU A 322 25.59 18.61 -15.53
CA LEU A 322 24.27 18.73 -14.93
C LEU A 322 23.27 17.92 -15.75
N CYS A 323 22.52 17.05 -15.07
CA CYS A 323 21.50 16.24 -15.73
C CYS A 323 20.50 15.84 -14.67
N ILE A 324 19.28 16.36 -14.77
CA ILE A 324 18.28 16.15 -13.74
C ILE A 324 17.61 14.79 -13.95
N TYR A 325 17.60 13.98 -12.90
CA TYR A 325 17.04 12.64 -12.96
C TYR A 325 15.77 12.56 -12.14
N GLU A 326 14.99 11.51 -12.39
CA GLU A 326 13.67 11.34 -11.83
C GLU A 326 13.64 10.14 -10.90
N ARG A 327 13.07 10.33 -9.72
CA ARG A 327 12.87 9.26 -8.75
C ARG A 327 11.38 9.05 -8.59
N ASN A 328 10.90 7.85 -8.94
CA ASN A 328 9.49 7.51 -8.89
C ASN A 328 9.22 6.66 -7.66
N GLN A 329 8.15 7.01 -6.94
CA GLN A 329 7.77 6.31 -5.73
C GLN A 329 6.46 5.55 -5.95
N SER A 330 6.34 4.40 -5.31
CA SER A 330 5.18 3.54 -5.44
C SER A 330 4.40 3.46 -4.13
N SER A 331 3.11 3.18 -4.24
CA SER A 331 2.24 3.08 -3.08
C SER A 331 2.27 1.66 -2.52
N HIS A 332 2.12 1.56 -1.21
CA HIS A 332 2.11 0.29 -0.51
C HIS A 332 0.71 -0.28 -0.34
N LYS A 333 -0.31 0.36 -0.90
CA LYS A 333 -1.66 -0.17 -0.89
C LYS A 333 -1.78 -1.21 -2.01
N GLY A 334 -3.02 -1.57 -2.35
CA GLY A 334 -3.23 -2.59 -3.35
C GLY A 334 -2.61 -2.26 -4.68
N VAL A 335 -2.32 -3.31 -5.44
CA VAL A 335 -1.68 -3.29 -6.77
C VAL A 335 -0.55 -2.27 -6.87
N CYS A 336 0.14 -2.03 -5.75
CA CYS A 336 1.29 -1.14 -5.70
C CYS A 336 0.98 0.22 -6.33
N GLY A 337 1.36 0.40 -7.59
CA GLY A 337 1.03 1.61 -8.31
C GLY A 337 1.92 2.78 -7.96
N MET A 338 2.25 3.60 -8.95
CA MET A 338 3.10 4.77 -8.75
C MET A 338 2.24 5.94 -8.32
N ALA A 339 2.71 6.69 -7.32
CA ALA A 339 1.92 7.75 -6.72
C ALA A 339 2.70 9.03 -6.43
N ASN A 340 3.95 9.13 -6.90
CA ASN A 340 4.73 10.34 -6.68
C ASN A 340 5.92 10.37 -7.62
N THR A 341 6.33 11.58 -8.00
CA THR A 341 7.53 11.79 -8.79
C THR A 341 8.29 12.98 -8.21
N THR A 342 9.61 12.94 -8.31
CA THR A 342 10.46 13.99 -7.77
C THR A 342 11.72 14.09 -8.63
N PHE A 343 12.22 15.32 -8.80
CA PHE A 343 13.37 15.59 -9.64
C PHE A 343 14.52 16.08 -8.79
N HIS A 344 15.73 15.60 -9.10
CA HIS A 344 16.90 15.88 -8.30
C HIS A 344 18.07 16.25 -9.20
N VAL A 345 19.10 16.83 -8.59
CA VAL A 345 20.30 17.26 -9.30
C VAL A 345 21.45 16.35 -8.91
N ASN A 346 22.28 16.02 -9.90
CA ASN A 346 23.35 15.03 -9.76
C ASN A 346 24.70 15.68 -9.48
N ASN A 347 24.74 16.79 -8.76
CA ASN A 347 26.01 17.43 -8.44
C ASN A 347 26.77 16.62 -7.41
N ASN A 348 28.10 16.77 -7.44
CA ASN A 348 28.98 16.06 -6.52
C ASN A 348 30.03 16.99 -5.91
N ASN A 349 29.66 18.25 -5.69
CA ASN A 349 30.57 19.23 -5.11
C ASN A 349 30.18 19.65 -3.70
N GLY A 350 29.09 19.12 -3.16
CA GLY A 350 28.66 19.44 -1.81
C GLY A 350 27.52 20.42 -1.72
N THR A 351 27.20 21.13 -2.80
CA THR A 351 26.12 22.10 -2.77
C THR A 351 24.77 21.38 -2.71
N ILE A 352 23.89 21.85 -1.85
CA ILE A 352 22.56 21.28 -1.68
C ILE A 352 21.59 22.07 -2.55
N PHE A 353 21.04 21.41 -3.56
CA PHE A 353 20.01 22.00 -4.40
C PHE A 353 18.65 21.65 -3.81
N PHE A 354 17.92 22.67 -3.37
CA PHE A 354 16.69 22.50 -2.63
C PHE A 354 15.51 23.04 -3.43
N ASP A 355 14.48 22.21 -3.57
CA ASP A 355 13.25 22.59 -4.26
C ASP A 355 12.15 22.72 -3.22
N LEU A 356 11.59 23.92 -3.10
CA LEU A 356 10.55 24.16 -2.11
C LEU A 356 9.23 23.52 -2.49
N TYR A 357 9.03 23.24 -3.78
CA TYR A 357 7.79 22.62 -4.22
C TYR A 357 7.59 21.26 -3.56
N SER A 358 8.60 20.39 -3.64
CA SER A 358 8.48 19.06 -3.07
C SER A 358 8.39 19.11 -1.55
N PHE A 359 9.16 20.00 -0.92
CA PHE A 359 9.15 20.09 0.54
C PHE A 359 7.78 20.54 1.04
N ILE A 360 7.19 21.55 0.40
CA ILE A 360 5.87 22.01 0.80
C ILE A 360 4.81 20.96 0.51
N GLN A 361 4.94 20.24 -0.61
CA GLN A 361 4.00 19.16 -0.89
C GLN A 361 4.05 18.08 0.19
N LYS A 362 5.26 17.70 0.61
CA LYS A 362 5.42 16.61 1.56
C LYS A 362 5.21 17.03 3.00
N SER A 363 5.20 18.33 3.29
CA SER A 363 5.07 18.78 4.67
C SER A 363 3.61 19.06 5.05
N GLU A 364 2.96 19.98 4.34
CA GLU A 364 1.65 20.47 4.74
C GLU A 364 0.68 20.41 3.55
N LYS A 365 -0.60 20.61 3.85
CA LYS A 365 -1.68 20.35 2.89
C LYS A 365 -2.42 21.64 2.53
N LEU A 366 -2.65 21.85 1.24
CA LEU A 366 -3.42 22.96 0.70
C LEU A 366 -4.32 22.44 -0.41
N ASP A 367 -5.17 23.35 -0.91
CA ASP A 367 -6.01 23.02 -2.07
C ASP A 367 -5.19 22.97 -3.35
N SER A 368 -4.23 23.88 -3.50
CA SER A 368 -3.32 23.90 -4.63
C SER A 368 -1.92 24.22 -4.13
N TYR A 369 -0.92 23.85 -4.92
CA TYR A 369 0.48 24.02 -4.53
C TYR A 369 1.23 24.96 -5.47
N LYS A 370 0.54 25.94 -6.03
CA LYS A 370 1.19 26.98 -6.79
C LYS A 370 1.84 28.00 -5.85
N LEU A 371 2.73 28.82 -6.40
CA LEU A 371 3.43 29.80 -5.58
C LEU A 371 2.46 30.83 -5.01
N ASP A 372 1.47 31.25 -5.81
CA ASP A 372 0.52 32.25 -5.36
C ASP A 372 -0.30 31.74 -4.18
N SER A 373 -0.74 30.49 -4.24
CA SER A 373 -1.54 29.92 -3.15
C SER A 373 -0.73 29.84 -1.86
N ILE A 374 0.52 29.40 -1.94
CA ILE A 374 1.35 29.29 -0.75
C ILE A 374 1.63 30.67 -0.17
N SER A 375 1.91 31.66 -1.03
CA SER A 375 2.13 33.02 -0.54
C SER A 375 0.89 33.57 0.13
N LYS A 376 -0.29 33.31 -0.45
CA LYS A 376 -1.53 33.80 0.12
C LYS A 376 -1.83 33.14 1.47
N ASN A 377 -1.50 31.85 1.59
CA ASN A 377 -1.76 31.14 2.84
C ASN A 377 -0.75 31.52 3.93
N ALA A 378 0.48 31.86 3.53
CA ALA A 378 1.56 32.05 4.50
C ALA A 378 1.70 33.50 4.95
N PHE A 379 1.65 34.46 4.03
CA PHE A 379 1.90 35.86 4.32
C PHE A 379 0.57 36.62 4.32
N SER A 380 -0.04 36.73 5.50
CA SER A 380 -1.29 37.46 5.65
C SER A 380 -1.24 38.24 6.96
N CYS A 381 -2.05 39.29 7.02
CA CYS A 381 -2.12 40.14 8.18
C CYS A 381 -3.41 40.94 8.12
N MET A 382 -3.91 41.32 9.30
CA MET A 382 -5.09 42.15 9.41
C MET A 382 -4.65 43.60 9.42
N GLY A 383 -5.42 44.47 8.78
CA GLY A 383 -5.06 45.87 8.65
C GLY A 383 -6.21 46.78 8.98
N LYS A 384 -5.86 47.94 9.56
CA LYS A 384 -6.82 48.95 9.94
C LYS A 384 -6.86 50.06 8.90
N VAL A 385 -8.06 50.44 8.49
CA VAL A 385 -8.23 51.53 7.52
C VAL A 385 -7.84 52.84 8.19
N LEU A 386 -6.98 53.61 7.52
CA LEU A 386 -6.50 54.87 8.06
C LEU A 386 -6.93 56.07 7.22
N ASN A 387 -7.12 55.89 5.92
CA ASN A 387 -7.52 56.99 5.05
C ASN A 387 -8.43 56.45 3.96
N ARG A 388 -9.21 57.33 3.36
CA ARG A 388 -10.23 56.93 2.39
C ARG A 388 -10.24 57.95 1.25
N GLY A 389 -11.28 57.90 0.44
CA GLY A 389 -11.44 58.87 -0.63
C GLY A 389 -10.83 58.39 -1.94
N VAL A 390 -11.42 58.87 -3.04
CA VAL A 390 -11.06 58.55 -4.43
C VAL A 390 -10.83 57.05 -4.55
N ARG A 391 -10.00 56.62 -5.50
CA ARG A 391 -9.78 55.20 -5.76
C ARG A 391 -8.58 54.64 -5.00
N GLU A 392 -8.27 55.21 -3.84
CA GLU A 392 -7.17 54.72 -3.02
C GLU A 392 -7.60 54.59 -1.57
N MET A 393 -7.04 53.60 -0.88
CA MET A 393 -7.21 53.43 0.56
C MET A 393 -5.85 53.15 1.19
N THR A 394 -5.61 53.76 2.35
CA THR A 394 -4.36 53.58 3.08
C THR A 394 -4.60 52.69 4.28
N PHE A 395 -3.77 51.66 4.42
CA PHE A 395 -3.90 50.68 5.50
C PHE A 395 -2.70 50.78 6.43
N ILE A 396 -2.92 50.44 7.70
CA ILE A 396 -1.88 50.47 8.72
C ILE A 396 -1.86 49.11 9.40
N GLY A 397 -0.67 48.64 9.75
CA GLY A 397 -0.50 47.39 10.47
C GLY A 397 0.54 47.56 11.56
N ASP A 398 0.33 46.87 12.68
CA ASP A 398 1.20 47.01 13.83
C ASP A 398 0.94 45.82 14.75
N ASP A 399 1.64 45.79 15.89
CA ASP A 399 1.49 44.67 16.81
C ASP A 399 0.13 44.64 17.49
N THR A 400 -0.66 45.70 17.36
CA THR A 400 -1.95 45.80 18.02
C THR A 400 -3.11 45.43 17.11
N THR A 401 -2.83 44.91 15.92
CA THR A 401 -3.88 44.56 14.97
C THR A 401 -4.12 43.07 14.85
N ASP A 402 -3.09 42.28 14.53
CA ASP A 402 -3.26 40.84 14.33
C ASP A 402 -2.58 40.04 15.42
N ALA A 403 -1.26 40.21 15.60
CA ALA A 403 -0.49 39.43 16.56
C ALA A 403 0.93 39.97 16.62
N LYS A 404 1.78 39.34 17.42
CA LYS A 404 3.17 39.75 17.52
C LYS A 404 3.97 38.95 16.49
N GLY A 405 4.48 39.64 15.46
CA GLY A 405 5.31 39.05 14.46
C GLY A 405 4.73 39.04 13.06
N LYS A 406 3.41 38.99 12.93
CA LYS A 406 2.81 38.93 11.59
C LYS A 406 3.05 40.21 10.81
N ALA A 407 2.94 41.37 11.48
CA ALA A 407 3.19 42.63 10.81
C ALA A 407 4.64 42.73 10.35
N ASP A 408 5.57 42.22 11.15
CA ASP A 408 6.98 42.24 10.76
C ASP A 408 7.21 41.44 9.48
N THR A 409 6.64 40.24 9.40
CA THR A 409 6.79 39.43 8.20
C THR A 409 6.13 40.09 7.00
N PHE A 410 4.95 40.68 7.20
CA PHE A 410 4.28 41.36 6.09
C PHE A 410 5.12 42.54 5.59
N ALA A 411 5.72 43.30 6.51
CA ALA A 411 6.57 44.42 6.10
C ALA A 411 7.83 43.93 5.40
N LYS A 412 8.36 42.80 5.85
CA LYS A 412 9.53 42.22 5.19
C LYS A 412 9.21 41.81 3.76
N VAL A 413 8.06 41.19 3.55
CA VAL A 413 7.69 40.75 2.21
C VAL A 413 7.32 41.93 1.32
N LEU A 414 6.73 42.99 1.90
CA LEU A 414 6.26 44.14 1.14
C LEU A 414 7.39 44.94 0.51
N THR A 415 8.65 44.68 0.88
CA THR A 415 9.77 45.41 0.30
C THR A 415 9.86 45.19 -1.20
N THR A 416 9.48 44.01 -1.67
CA THR A 416 9.54 43.67 -3.08
C THR A 416 8.17 43.37 -3.69
N GLY A 417 7.10 43.37 -2.89
CA GLY A 417 5.80 43.01 -3.40
C GLY A 417 5.19 44.10 -4.28
N ASN A 418 4.25 43.68 -5.11
CA ASN A 418 3.57 44.56 -6.05
C ASN A 418 2.07 44.57 -5.91
N TYR A 419 1.44 43.43 -5.65
CA TYR A 419 -0.01 43.34 -5.59
C TYR A 419 -0.45 42.71 -4.27
N VAL A 420 -1.47 43.28 -3.66
CA VAL A 420 -1.98 42.82 -2.37
C VAL A 420 -3.47 42.53 -2.51
N THR A 421 -3.89 41.38 -2.00
CA THR A 421 -5.29 40.96 -2.04
C THR A 421 -6.00 41.40 -0.77
N VAL A 422 -7.16 42.04 -0.95
CA VAL A 422 -7.93 42.58 0.17
C VAL A 422 -9.25 41.83 0.24
N ASP A 423 -9.59 41.33 1.43
CA ASP A 423 -10.86 40.65 1.71
C ASP A 423 -11.03 39.41 0.85
N GLU A 424 -9.93 38.73 0.53
CA GLU A 424 -9.90 37.42 -0.10
C GLU A 424 -10.39 37.43 -1.55
N ASP A 425 -10.86 38.57 -2.05
CA ASP A 425 -11.42 38.57 -3.39
C ASP A 425 -10.85 39.67 -4.28
N ILE A 426 -10.56 40.84 -3.73
CA ILE A 426 -10.14 41.99 -4.52
C ILE A 426 -8.63 42.02 -4.60
N ILE A 427 -8.11 42.14 -5.82
CA ILE A 427 -6.67 42.26 -6.07
C ILE A 427 -6.35 43.73 -6.30
N CYS A 428 -5.38 44.25 -5.55
CA CYS A 428 -5.07 45.67 -5.55
C CYS A 428 -3.62 45.88 -5.95
N LYS A 429 -3.34 47.08 -6.48
CA LYS A 429 -2.01 47.45 -6.91
C LYS A 429 -1.40 48.42 -5.90
N VAL A 430 -0.15 48.17 -5.51
CA VAL A 430 0.51 49.02 -4.53
C VAL A 430 0.99 50.30 -5.19
N ILE A 431 0.66 51.44 -4.58
CA ILE A 431 1.08 52.74 -5.08
C ILE A 431 2.33 53.23 -4.35
N ARG A 432 2.23 53.40 -3.03
CA ARG A 432 3.37 53.76 -2.20
C ARG A 432 3.41 52.87 -0.98
N LYS A 433 4.63 52.60 -0.51
CA LYS A 433 4.83 51.74 0.65
C LYS A 433 5.73 52.43 1.64
N ASP A 434 5.39 52.33 2.93
CA ASP A 434 6.18 52.89 4.01
C ASP A 434 6.37 51.81 5.07
N ILE A 435 7.61 51.56 5.45
CA ILE A 435 7.94 50.53 6.42
C ILE A 435 8.29 51.25 7.73
N LEU A 436 7.42 51.12 8.72
CA LEU A 436 7.66 51.73 10.02
C LEU A 436 8.64 50.90 10.83
N GLU A 437 8.90 51.36 12.06
CA GLU A 437 9.83 50.65 12.93
C GLU A 437 9.30 49.27 13.30
N ASN A 438 8.00 49.15 13.57
CA ASN A 438 7.43 47.90 14.01
C ASN A 438 6.39 47.32 13.05
N GLY A 439 5.73 48.15 12.26
CA GLY A 439 4.71 47.66 11.35
C GLY A 439 4.91 48.11 9.91
N PHE A 440 3.82 48.45 9.23
CA PHE A 440 3.90 48.89 7.85
C PHE A 440 2.73 49.83 7.55
N LYS A 441 2.91 50.62 6.51
CA LYS A 441 1.87 51.54 6.04
C LYS A 441 1.85 51.46 4.52
N VAL A 442 0.74 50.98 3.96
CA VAL A 442 0.63 50.76 2.52
C VAL A 442 -0.62 51.47 2.01
N VAL A 443 -0.51 51.98 0.78
CA VAL A 443 -1.64 52.60 0.09
C VAL A 443 -1.90 51.83 -1.20
N LEU A 444 -3.15 51.48 -1.43
CA LEU A 444 -3.55 50.61 -2.54
C LEU A 444 -4.56 51.33 -3.42
N SER A 445 -4.91 50.69 -4.53
CA SER A 445 -5.86 51.25 -5.49
C SER A 445 -7.08 50.33 -5.55
N CYS A 446 -8.06 50.61 -4.71
CA CYS A 446 -9.27 49.82 -4.58
C CYS A 446 -10.44 50.75 -4.28
N PRO A 447 -11.67 50.30 -4.56
CA PRO A 447 -12.84 51.12 -4.22
C PRO A 447 -13.02 51.24 -2.72
N THR A 448 -13.91 52.14 -2.33
CA THR A 448 -14.15 52.42 -0.91
C THR A 448 -14.69 51.19 -0.21
N LEU A 449 -14.18 50.92 0.99
CA LEU A 449 -14.57 49.77 1.78
C LEU A 449 -15.13 50.25 3.11
N PRO A 450 -16.40 49.98 3.42
CA PRO A 450 -17.05 50.55 4.61
C PRO A 450 -16.90 49.67 5.85
N ASN A 451 -15.67 49.57 6.36
CA ASN A 451 -15.39 48.90 7.63
C ASN A 451 -14.19 49.58 8.28
N ASP A 452 -13.60 48.89 9.26
CA ASP A 452 -12.44 49.42 9.97
C ASP A 452 -11.22 48.51 9.90
N ILE A 453 -11.42 47.19 9.88
CA ILE A 453 -10.31 46.24 9.83
C ILE A 453 -10.56 45.25 8.70
N TYR A 454 -9.57 45.08 7.83
CA TYR A 454 -9.64 44.15 6.71
C TYR A 454 -8.41 43.24 6.72
N LYS A 455 -8.49 42.18 5.92
CA LYS A 455 -7.44 41.18 5.82
C LYS A 455 -6.67 41.38 4.52
N LEU A 456 -5.35 41.42 4.62
CA LEU A 456 -4.47 41.60 3.48
C LEU A 456 -3.60 40.38 3.29
N SER A 457 -3.33 40.02 2.04
CA SER A 457 -2.51 38.86 1.72
C SER A 457 -1.82 39.09 0.39
N PHE A 458 -0.75 38.34 0.17
CA PHE A 458 0.03 38.41 -1.07
C PHE A 458 -0.38 37.23 -1.94
N GLY A 459 -1.00 37.52 -3.09
CA GLY A 459 -1.51 36.46 -3.93
C GLY A 459 -1.42 36.72 -5.42
N LYS A 460 -2.52 36.50 -6.12
CA LYS A 460 -2.55 36.54 -7.58
C LYS A 460 -2.33 37.96 -8.08
N ASP A 461 -1.80 38.07 -9.29
CA ASP A 461 -1.60 39.34 -9.98
C ASP A 461 -2.54 39.40 -11.18
N ASP A 462 -3.17 40.55 -11.38
CA ASP A 462 -4.17 40.71 -12.44
C ASP A 462 -3.50 41.24 -13.71
N ILE A 463 -2.52 40.47 -14.19
CA ILE A 463 -1.80 40.82 -15.41
C ILE A 463 -1.89 39.66 -16.38
N ASP A 464 -1.89 39.98 -17.67
CA ASP A 464 -1.92 38.98 -18.74
C ASP A 464 -0.53 38.95 -19.37
N LEU A 465 0.22 37.88 -19.09
CA LEU A 465 1.60 37.81 -19.58
C LEU A 465 1.65 37.66 -21.09
N ALA A 466 0.71 36.89 -21.66
CA ALA A 466 0.71 36.68 -23.10
C ALA A 466 0.49 37.98 -23.85
N GLN A 467 -0.46 38.80 -23.40
CA GLN A 467 -0.71 40.07 -24.06
C GLN A 467 0.49 40.99 -23.95
N MET A 468 1.15 41.01 -22.79
CA MET A 468 2.33 41.85 -22.62
C MET A 468 3.49 41.36 -23.48
N TYR A 469 3.55 40.05 -23.76
CA TYR A 469 4.59 39.55 -24.67
C TYR A 469 4.26 39.84 -26.12
N LYS A 470 2.97 39.91 -26.48
CA LYS A 470 2.61 40.21 -27.86
C LYS A 470 3.09 41.59 -28.29
N ASP A 471 2.92 42.59 -27.42
CA ASP A 471 3.38 43.95 -27.69
C ASP A 471 4.42 44.36 -26.64
N TYR A 472 5.66 43.98 -26.90
CA TYR A 472 6.73 44.21 -25.94
C TYR A 472 7.17 45.67 -25.96
N ASN A 473 7.64 46.14 -24.81
CA ASN A 473 8.01 47.53 -24.63
C ASN A 473 8.97 47.63 -23.46
N LEU A 474 9.61 48.79 -23.33
CA LEU A 474 10.57 49.00 -22.24
C LEU A 474 9.89 48.96 -20.89
N ASN A 475 8.72 49.60 -20.77
CA ASN A 475 8.00 49.61 -19.49
C ASN A 475 7.58 48.20 -19.09
N ILE A 476 7.14 47.40 -20.06
CA ILE A 476 6.77 46.02 -19.77
C ILE A 476 8.00 45.22 -19.33
N ALA A 477 9.15 45.50 -19.93
CA ALA A 477 10.39 44.83 -19.50
C ALA A 477 10.72 45.17 -18.06
N LEU A 478 10.62 46.44 -17.68
CA LEU A 478 10.90 46.81 -16.29
C LEU A 478 9.90 46.20 -15.33
N ASP A 479 8.62 46.16 -15.72
CA ASP A 479 7.60 45.54 -14.88
C ASP A 479 7.89 44.06 -14.66
N MET A 480 8.26 43.34 -15.72
CA MET A 480 8.59 41.92 -15.56
C MET A 480 9.86 41.76 -14.74
N ALA A 481 10.78 42.72 -14.82
CA ALA A 481 11.95 42.66 -13.96
C ALA A 481 11.56 42.73 -12.48
N ARG A 482 10.64 43.64 -12.15
CA ARG A 482 10.17 43.73 -10.78
C ARG A 482 9.47 42.44 -10.35
N TYR A 483 8.63 41.89 -11.23
CA TYR A 483 7.92 40.66 -10.89
C TYR A 483 8.91 39.52 -10.65
N CYS A 484 9.94 39.43 -11.48
CA CYS A 484 10.92 38.34 -11.35
C CYS A 484 11.74 38.48 -10.08
N ILE A 485 12.14 39.71 -9.72
CA ILE A 485 12.91 39.86 -8.49
C ILE A 485 12.04 39.55 -7.27
N HIS A 486 10.76 39.89 -7.32
CA HIS A 486 9.86 39.50 -6.23
C HIS A 486 9.74 38.00 -6.13
N ASP A 487 9.62 37.32 -7.27
CA ASP A 487 9.55 35.85 -7.24
C ASP A 487 10.82 35.24 -6.67
N ALA A 488 11.98 35.82 -7.00
CA ALA A 488 13.23 35.31 -6.46
C ALA A 488 13.31 35.50 -4.96
N CYS A 489 12.86 36.65 -4.45
CA CYS A 489 12.92 36.90 -3.01
C CYS A 489 11.89 36.10 -2.23
N LEU A 490 10.78 35.71 -2.87
CA LEU A 490 9.81 34.85 -2.19
C LEU A 490 10.44 33.54 -1.74
N CYS A 491 11.45 33.05 -2.45
CA CYS A 491 12.12 31.83 -2.04
C CYS A 491 12.80 32.00 -0.70
N GLN A 492 13.51 33.11 -0.50
CA GLN A 492 14.13 33.38 0.79
C GLN A 492 13.08 33.59 1.87
N TYR A 493 12.00 34.29 1.55
CA TYR A 493 10.95 34.52 2.54
C TYR A 493 10.36 33.20 3.02
N LEU A 494 10.05 32.30 2.10
CA LEU A 494 9.51 31.00 2.48
C LEU A 494 10.55 30.14 3.20
N TRP A 495 11.82 30.26 2.80
CA TRP A 495 12.90 29.53 3.45
C TRP A 495 13.01 29.92 4.91
N GLU A 496 12.88 31.21 5.21
CA GLU A 496 12.91 31.65 6.60
C GLU A 496 11.61 31.33 7.32
N TYR A 497 10.48 31.33 6.61
CA TYR A 497 9.20 31.08 7.25
C TYR A 497 9.07 29.63 7.70
N TYR A 498 9.56 28.68 6.89
CA TYR A 498 9.35 27.27 7.18
C TYR A 498 10.45 26.64 8.03
N GLY A 499 11.50 27.39 8.36
CA GLY A 499 12.52 26.92 9.26
C GLY A 499 13.25 25.68 8.78
N VAL A 500 13.72 25.70 7.52
CA VAL A 500 14.33 24.52 6.93
C VAL A 500 15.65 24.19 7.61
N GLU A 501 16.40 25.21 8.05
CA GLU A 501 17.72 24.96 8.60
C GLU A 501 17.64 24.25 9.95
N THR A 502 16.76 24.71 10.84
CA THR A 502 16.61 24.07 12.13
C THR A 502 16.12 22.64 11.99
N LYS A 503 15.15 22.43 11.09
CA LYS A 503 14.64 21.08 10.86
C LYS A 503 15.73 20.18 10.29
N THR A 504 16.56 20.70 9.38
CA THR A 504 17.65 19.92 8.81
C THR A 504 18.63 19.50 9.89
N ASP A 505 19.03 20.44 10.75
CA ASP A 505 20.00 20.12 11.80
C ASP A 505 19.42 19.10 12.77
N ALA A 506 18.17 19.29 13.19
CA ALA A 506 17.56 18.37 14.14
C ALA A 506 17.40 16.98 13.54
N GLY A 507 16.99 16.90 12.27
CA GLY A 507 16.87 15.61 11.61
C GLY A 507 18.20 14.91 11.46
N ALA A 508 19.26 15.64 11.12
CA ALA A 508 20.58 15.05 11.04
C ALA A 508 21.03 14.53 12.40
N ALA A 509 20.73 15.26 13.47
CA ALA A 509 21.10 14.81 14.80
C ALA A 509 20.34 13.55 15.19
N THR A 510 19.03 13.52 14.96
CA THR A 510 18.20 12.45 15.49
C THR A 510 18.24 11.21 14.61
N TYR A 511 17.94 11.35 13.32
CA TYR A 511 17.84 10.21 12.43
C TYR A 511 19.19 9.59 12.08
N VAL A 512 20.29 10.27 12.39
CA VAL A 512 21.64 9.84 12.00
C VAL A 512 21.67 9.67 10.48
N LEU A 513 21.48 10.78 9.77
CA LEU A 513 21.45 10.80 8.32
C LEU A 513 22.20 12.03 7.81
N PRO A 514 22.73 11.98 6.59
CA PRO A 514 23.33 13.17 6.01
C PRO A 514 22.32 14.29 5.84
N GLN A 515 22.83 15.52 5.89
CA GLN A 515 21.97 16.70 5.84
C GLN A 515 21.17 16.79 4.54
N SER A 516 21.63 16.15 3.46
CA SER A 516 20.95 16.20 2.18
C SER A 516 19.98 15.04 1.98
N MET A 517 19.79 14.19 2.98
CA MET A 517 18.93 13.02 2.88
C MET A 517 17.77 13.05 3.87
N VAL A 518 17.61 14.14 4.61
CA VAL A 518 16.64 14.16 5.71
C VAL A 518 15.21 14.15 5.16
N PHE A 519 14.93 14.96 4.15
CA PHE A 519 13.57 15.15 3.65
C PHE A 519 13.28 14.28 2.43
N GLU A 520 13.87 13.09 2.35
CA GLU A 520 13.74 12.25 1.17
C GLU A 520 13.03 10.93 1.42
N TYR A 521 13.02 10.44 2.65
CA TYR A 521 12.55 9.10 2.96
C TYR A 521 11.48 9.13 4.03
N ARG A 522 10.74 8.03 4.12
CA ARG A 522 9.61 7.90 5.01
C ARG A 522 10.06 7.26 6.33
N ALA A 523 9.09 6.85 7.15
CA ALA A 523 9.40 6.39 8.51
C ALA A 523 10.21 5.11 8.52
N SER A 524 10.07 4.29 7.49
CA SER A 524 10.76 3.00 7.46
C SER A 524 12.27 3.15 7.41
N THR A 525 12.77 4.31 7.00
CA THR A 525 14.20 4.55 6.89
C THR A 525 14.76 5.43 7.99
N ILE A 526 14.03 6.46 8.41
CA ILE A 526 14.54 7.43 9.37
C ILE A 526 14.58 6.89 10.80
N ILE A 527 14.14 5.66 11.04
CA ILE A 527 14.21 5.06 12.36
C ILE A 527 15.31 4.01 12.47
N LYS A 528 16.06 3.77 11.40
CA LYS A 528 17.06 2.70 11.44
C LYS A 528 18.30 3.09 12.22
N GLY A 529 18.63 4.38 12.28
CA GLY A 529 19.76 4.84 13.05
C GLY A 529 19.60 4.62 14.54
N PRO A 530 18.54 5.19 15.11
CA PRO A 530 18.25 4.92 16.53
C PRO A 530 18.05 3.44 16.82
N LEU A 531 17.43 2.70 15.91
CA LEU A 531 17.24 1.26 16.11
C LEU A 531 18.57 0.53 16.18
N LEU A 532 19.51 0.86 15.27
CA LEU A 532 20.81 0.22 15.28
C LEU A 532 21.60 0.58 16.53
N LYS A 533 21.54 1.85 16.93
CA LYS A 533 22.22 2.25 18.17
C LYS A 533 21.65 1.50 19.36
N LEU A 534 20.33 1.38 19.43
CA LEU A 534 19.68 0.70 20.54
C LEU A 534 20.03 -0.77 20.56
N LEU A 535 20.07 -1.41 19.39
CA LEU A 535 20.43 -2.82 19.32
C LEU A 535 21.88 -3.05 19.75
N LEU A 536 22.79 -2.18 19.31
CA LEU A 536 24.19 -2.33 19.72
C LEU A 536 24.35 -2.11 21.22
N GLU A 537 23.63 -1.15 21.79
CA GLU A 537 23.70 -0.92 23.22
C GLU A 537 23.13 -2.09 24.00
N THR A 538 22.03 -2.67 23.52
CA THR A 538 21.36 -3.77 24.19
C THR A 538 21.97 -5.12 23.85
N LYS A 539 22.79 -5.20 22.79
CA LYS A 539 23.40 -6.45 22.34
C LYS A 539 22.35 -7.49 21.94
N THR A 540 21.57 -7.17 20.92
CA THR A 540 20.48 -8.03 20.47
C THR A 540 20.41 -8.01 18.95
N ILE A 541 20.16 -9.19 18.38
CA ILE A 541 19.92 -9.35 16.95
C ILE A 541 18.59 -10.05 16.77
N LEU A 542 17.76 -9.53 15.87
CA LEU A 542 16.45 -10.09 15.60
C LEU A 542 16.45 -10.74 14.22
N VAL A 543 15.99 -12.00 14.16
CA VAL A 543 16.01 -12.78 12.94
C VAL A 543 14.65 -13.40 12.70
N ARG A 544 14.39 -13.76 11.44
CA ARG A 544 13.17 -14.43 11.03
C ARG A 544 13.51 -15.69 10.27
N SER A 545 12.61 -16.67 10.33
CA SER A 545 12.83 -17.94 9.66
C SER A 545 11.61 -18.46 8.92
N GLU A 546 10.48 -17.76 8.96
CA GLU A 546 9.25 -18.19 8.31
C GLU A 546 8.73 -17.05 7.43
N THR A 547 7.55 -17.28 6.86
CA THR A 547 6.89 -16.27 6.03
C THR A 547 5.87 -15.52 6.87
N LYS A 548 5.75 -14.21 6.63
CA LYS A 548 4.82 -13.40 7.40
C LYS A 548 3.43 -13.48 6.78
N GLN A 549 2.43 -13.79 7.62
CA GLN A 549 1.05 -13.92 7.19
C GLN A 549 0.23 -12.75 7.71
N LYS A 550 -0.65 -12.23 6.88
CA LYS A 550 -1.43 -11.02 7.18
C LYS A 550 -2.87 -11.39 7.48
N PHE A 551 -3.40 -10.83 8.56
CA PHE A 551 -4.79 -10.96 8.93
C PHE A 551 -5.36 -9.60 9.29
N PRO A 552 -6.65 -9.39 9.09
CA PRO A 552 -7.28 -8.14 9.54
C PRO A 552 -7.37 -8.07 11.06
N TYR A 553 -7.37 -6.84 11.58
CA TYR A 553 -7.54 -6.64 13.01
C TYR A 553 -8.25 -5.33 13.26
N GLU A 554 -8.86 -5.22 14.44
CA GLU A 554 -9.72 -4.09 14.78
C GLU A 554 -8.90 -2.88 15.20
N GLY A 555 -9.58 -1.73 15.29
CA GLY A 555 -8.94 -0.49 15.63
C GLY A 555 -9.57 0.20 16.83
N GLY A 556 -9.46 1.52 16.88
CA GLY A 556 -9.97 2.25 18.02
C GLY A 556 -11.48 2.25 18.10
N LYS A 557 -12.00 2.70 19.24
CA LYS A 557 -13.42 2.74 19.49
C LYS A 557 -13.93 4.17 19.38
N VAL A 558 -15.01 4.34 18.62
CA VAL A 558 -15.66 5.63 18.44
C VAL A 558 -17.09 5.53 18.93
N PHE A 559 -17.47 6.41 19.84
CA PHE A 559 -18.81 6.42 20.40
C PHE A 559 -19.77 7.20 19.50
N ALA A 560 -21.02 6.77 19.48
CA ALA A 560 -22.05 7.48 18.74
C ALA A 560 -22.55 8.66 19.56
N PRO A 561 -22.68 9.85 18.96
CA PRO A 561 -23.16 11.00 19.72
C PRO A 561 -24.60 10.80 20.17
N LYS A 562 -24.93 11.39 21.32
CA LYS A 562 -26.27 11.24 21.87
C LYS A 562 -27.23 12.33 21.41
N GLN A 563 -26.75 13.55 21.23
CA GLN A 563 -27.60 14.65 20.79
C GLN A 563 -26.90 15.38 19.65
N LYS A 564 -27.64 16.24 18.95
CA LYS A 564 -27.08 17.11 17.93
C LYS A 564 -26.70 18.47 18.50
N MET A 565 -27.68 19.20 19.03
CA MET A 565 -27.43 20.51 19.61
C MET A 565 -27.47 20.41 21.13
N PHE A 566 -26.48 21.00 21.79
CA PHE A 566 -26.26 20.78 23.21
C PHE A 566 -26.66 21.96 24.07
N SER A 567 -26.23 23.17 23.74
CA SER A 567 -26.50 24.41 24.48
C SER A 567 -25.93 24.37 25.89
N ASN A 568 -25.01 23.46 26.19
CA ASN A 568 -24.31 23.42 27.46
C ASN A 568 -22.82 23.20 27.20
N ASN A 569 -22.01 23.65 28.15
CA ASN A 569 -20.57 23.51 28.02
C ASN A 569 -20.18 22.04 27.98
N VAL A 570 -19.25 21.71 27.09
CA VAL A 570 -18.74 20.36 26.94
C VAL A 570 -17.24 20.38 27.20
N LEU A 571 -16.79 19.50 28.09
CA LEU A 571 -15.39 19.42 28.49
C LEU A 571 -14.68 18.32 27.71
N ILE A 572 -13.49 18.64 27.20
CA ILE A 572 -12.74 17.74 26.35
C ILE A 572 -11.54 17.21 27.12
N PHE A 573 -11.42 15.90 27.20
CA PHE A 573 -10.30 15.24 27.87
C PHE A 573 -9.62 14.32 26.87
N ASP A 574 -8.29 14.37 26.82
CA ASP A 574 -7.51 13.61 25.86
C ASP A 574 -6.36 12.90 26.55
N TYR A 575 -5.94 11.78 25.97
CA TYR A 575 -4.84 10.98 26.49
C TYR A 575 -3.54 11.46 25.85
N ASN A 576 -2.46 11.44 26.64
CA ASN A 576 -1.15 11.87 26.18
C ASN A 576 -0.41 10.67 25.58
N SER A 577 -0.32 10.63 24.26
CA SER A 577 0.44 9.62 23.53
C SER A 577 -0.04 8.21 23.89
N LEU A 578 -1.28 7.94 23.51
CA LEU A 578 -1.97 6.74 23.98
C LEU A 578 -1.25 5.47 23.56
N TYR A 579 -0.96 5.32 22.26
CA TYR A 579 -0.44 4.05 21.78
C TYR A 579 1.02 3.81 22.20
N PRO A 580 1.93 4.78 22.10
CA PRO A 580 3.27 4.54 22.66
C PRO A 580 3.27 4.23 24.13
N ASN A 581 2.41 4.89 24.91
CA ASN A 581 2.35 4.61 26.34
C ASN A 581 1.74 3.24 26.61
N VAL A 582 0.80 2.79 25.78
CA VAL A 582 0.28 1.43 25.89
C VAL A 582 1.39 0.43 25.62
N CYS A 583 2.20 0.68 24.60
CA CYS A 583 3.31 -0.22 24.29
C CYS A 583 4.31 -0.27 25.44
N ILE A 584 4.59 0.88 26.06
CA ILE A 584 5.51 0.90 27.19
C ILE A 584 4.91 0.15 28.39
N PHE A 585 3.63 0.37 28.66
CA PHE A 585 2.99 -0.25 29.82
C PHE A 585 2.92 -1.76 29.67
N GLY A 586 2.58 -2.25 28.49
CA GLY A 586 2.44 -3.68 28.27
C GLY A 586 3.67 -4.40 27.79
N ASN A 587 4.77 -3.68 27.52
CA ASN A 587 6.00 -4.27 27.01
C ASN A 587 5.75 -5.04 25.72
N LEU A 588 4.98 -4.44 24.82
CA LEU A 588 4.57 -5.10 23.58
C LEU A 588 5.68 -4.97 22.56
N SER A 589 6.53 -5.99 22.49
CA SER A 589 7.59 -6.09 21.50
C SER A 589 7.56 -7.50 20.91
N PRO A 590 7.96 -7.66 19.64
CA PRO A 590 7.94 -9.00 19.04
C PRO A 590 8.86 -9.99 19.72
N GLU A 591 9.88 -9.51 20.44
CA GLU A 591 10.83 -10.39 21.10
C GLU A 591 10.50 -10.65 22.56
N THR A 592 9.40 -10.08 23.07
CA THR A 592 8.96 -10.33 24.44
C THR A 592 7.62 -11.05 24.51
N LEU A 593 7.15 -11.61 23.40
CA LEU A 593 5.87 -12.29 23.36
C LEU A 593 6.08 -13.76 23.74
N VAL A 594 5.45 -14.19 24.83
CA VAL A 594 5.61 -15.56 25.28
C VAL A 594 4.90 -16.52 24.33
N GLY A 595 3.69 -16.19 23.93
CA GLY A 595 2.96 -17.02 22.99
C GLY A 595 1.53 -16.57 22.85
N VAL A 596 0.85 -17.20 21.90
CA VAL A 596 -0.56 -16.95 21.63
C VAL A 596 -1.31 -18.26 21.84
N VAL A 597 -2.33 -18.23 22.69
CA VAL A 597 -3.08 -19.43 23.07
C VAL A 597 -4.50 -19.29 22.54
N VAL A 598 -4.95 -20.28 21.78
CA VAL A 598 -6.26 -20.26 21.14
C VAL A 598 -7.00 -21.54 21.48
N SER A 599 -8.32 -21.47 21.38
CA SER A 599 -9.19 -22.63 21.58
C SER A 599 -10.37 -22.54 20.64
N THR A 600 -10.80 -23.69 20.14
CA THR A 600 -11.91 -23.77 19.20
C THR A 600 -13.24 -24.13 19.85
N ASN A 601 -13.29 -24.24 21.18
CA ASN A 601 -14.50 -24.63 21.88
C ASN A 601 -14.45 -24.11 23.30
N ARG A 602 -15.61 -24.12 23.97
CA ARG A 602 -15.76 -23.58 25.31
C ARG A 602 -15.12 -24.45 26.39
N LEU A 603 -14.70 -25.67 26.07
CA LEU A 603 -14.12 -26.57 27.05
C LEU A 603 -12.62 -26.31 27.23
N GLU A 604 -11.86 -26.41 26.14
CA GLU A 604 -10.45 -26.04 26.20
C GLU A 604 -10.26 -24.57 26.54
N GLU A 605 -11.22 -23.72 26.19
CA GLU A 605 -11.13 -22.33 26.61
C GLU A 605 -11.06 -22.22 28.13
N GLU A 606 -11.98 -22.90 28.83
CA GLU A 606 -11.98 -22.86 30.28
C GLU A 606 -10.73 -23.51 30.86
N ILE A 607 -10.34 -24.66 30.33
CA ILE A 607 -9.16 -25.35 30.88
C ILE A 607 -7.92 -24.48 30.73
N ASN A 608 -7.72 -23.91 29.54
CA ASN A 608 -6.56 -23.08 29.29
C ASN A 608 -6.61 -21.80 30.13
N ASN A 609 -7.78 -21.22 30.33
CA ASN A 609 -7.88 -20.03 31.17
C ASN A 609 -7.44 -20.35 32.60
N GLN A 610 -7.95 -21.45 33.16
CA GLN A 610 -7.60 -21.81 34.52
C GLN A 610 -6.11 -22.09 34.67
N LEU A 611 -5.52 -22.80 33.70
CA LEU A 611 -4.10 -23.12 33.84
C LEU A 611 -3.22 -21.90 33.55
N LEU A 612 -3.67 -21.02 32.64
CA LEU A 612 -2.88 -19.85 32.28
C LEU A 612 -2.85 -18.84 33.42
N LEU A 613 -3.97 -18.67 34.14
CA LEU A 613 -3.99 -17.69 35.21
C LEU A 613 -3.00 -18.02 36.32
N GLN A 614 -2.61 -19.29 36.47
CA GLN A 614 -1.67 -19.69 37.50
C GLN A 614 -0.27 -19.98 36.99
N LYS A 615 -0.11 -20.32 35.71
CA LYS A 615 1.24 -20.49 35.18
C LYS A 615 1.94 -19.15 34.97
N TYR A 616 1.18 -18.09 34.70
CA TYR A 616 1.74 -16.76 34.40
C TYR A 616 1.09 -15.74 35.33
N PRO A 617 1.70 -15.51 36.50
CA PRO A 617 1.09 -14.64 37.46
C PRO A 617 0.90 -13.25 36.86
N PRO A 618 0.10 -12.38 37.46
CA PRO A 618 -0.16 -11.07 36.91
C PRO A 618 0.64 -9.87 37.40
N PRO A 619 1.78 -9.98 38.10
CA PRO A 619 2.57 -8.79 38.41
C PRO A 619 3.70 -8.68 37.39
N ARG A 620 4.02 -9.79 36.73
CA ARG A 620 5.10 -9.78 35.76
C ARG A 620 4.61 -9.99 34.33
N TYR A 621 3.83 -11.04 34.09
CA TYR A 621 3.26 -11.28 32.79
C TYR A 621 1.94 -10.53 32.65
N ILE A 622 1.67 -10.05 31.43
CA ILE A 622 0.42 -9.40 31.11
C ILE A 622 -0.24 -10.16 29.96
N THR A 623 -1.51 -10.51 30.15
CA THR A 623 -2.26 -11.27 29.16
C THR A 623 -3.38 -10.42 28.62
N VAL A 624 -3.50 -10.35 27.29
CA VAL A 624 -4.46 -9.50 26.62
C VAL A 624 -5.37 -10.37 25.77
N HIS A 625 -6.68 -10.26 25.97
CA HIS A 625 -7.66 -10.94 25.15
C HIS A 625 -7.87 -10.14 23.87
N CYS A 626 -8.13 -10.84 22.77
CA CYS A 626 -8.27 -10.22 21.46
C CYS A 626 -9.38 -10.92 20.68
N GLU A 627 -9.82 -10.24 19.62
CA GLU A 627 -10.76 -10.85 18.70
C GLU A 627 -10.10 -12.05 18.01
N PRO A 628 -10.82 -13.15 17.82
CA PRO A 628 -10.20 -14.35 17.25
C PRO A 628 -9.61 -14.10 15.87
N ARG A 629 -8.49 -14.75 15.60
CA ARG A 629 -7.77 -14.58 14.35
C ARG A 629 -8.55 -15.12 13.15
N LEU A 630 -9.17 -16.27 13.28
CA LEU A 630 -9.84 -16.98 12.20
C LEU A 630 -11.27 -17.29 12.59
N PRO A 631 -12.16 -17.49 11.62
CA PRO A 631 -13.57 -17.75 11.97
C PRO A 631 -13.78 -19.00 12.80
N ASN A 632 -12.97 -20.04 12.61
CA ASN A 632 -13.16 -21.26 13.39
C ASN A 632 -12.81 -21.06 14.87
N LEU A 633 -11.83 -20.21 15.16
CA LEU A 633 -11.43 -19.98 16.54
C LEU A 633 -12.45 -19.11 17.27
N ILE A 634 -12.48 -19.22 18.59
CA ILE A 634 -13.35 -18.41 19.43
C ILE A 634 -12.60 -17.68 20.53
N SER A 635 -11.30 -17.87 20.67
CA SER A 635 -10.55 -17.23 21.73
C SER A 635 -9.13 -16.97 21.25
N GLU A 636 -8.49 -15.94 21.82
CA GLU A 636 -7.11 -15.61 21.52
C GLU A 636 -6.53 -14.84 22.70
N ILE A 637 -5.50 -15.39 23.32
CA ILE A 637 -4.82 -14.75 24.45
C ILE A 637 -3.35 -14.62 24.11
N ALA A 638 -2.81 -13.41 24.27
CA ALA A 638 -1.40 -13.13 24.02
C ALA A 638 -0.74 -12.75 25.34
N ILE A 639 0.33 -13.45 25.69
CA ILE A 639 1.06 -13.26 26.94
C ILE A 639 2.36 -12.51 26.64
N PHE A 640 2.64 -11.48 27.42
CA PHE A 640 3.84 -10.68 27.26
C PHE A 640 4.64 -10.69 28.56
N ASP A 641 5.96 -10.65 28.42
CA ASP A 641 6.86 -10.64 29.56
C ASP A 641 7.32 -9.22 29.85
N ARG A 642 7.56 -8.92 31.13
CA ARG A 642 7.96 -7.59 31.55
C ARG A 642 9.22 -7.59 32.40
N SER A 643 9.97 -8.69 32.42
CA SER A 643 11.21 -8.72 33.20
C SER A 643 12.31 -7.91 32.52
N ILE A 644 12.42 -8.01 31.20
CA ILE A 644 13.44 -7.31 30.43
C ILE A 644 12.73 -6.38 29.45
N GLU A 645 13.16 -5.12 29.42
CA GLU A 645 12.52 -4.13 28.55
C GLU A 645 12.81 -4.42 27.09
N GLY A 646 11.80 -4.19 26.25
CA GLY A 646 11.91 -4.46 24.82
C GLY A 646 12.62 -3.35 24.07
N THR A 647 12.50 -3.41 22.75
CA THR A 647 13.16 -2.47 21.84
C THR A 647 12.23 -1.34 21.42
N ILE A 648 11.01 -1.70 20.99
CA ILE A 648 10.02 -0.68 20.64
C ILE A 648 9.75 0.27 21.80
N PRO A 649 9.61 -0.18 23.05
CA PRO A 649 9.45 0.79 24.14
C PRO A 649 10.59 1.80 24.23
N ARG A 650 11.83 1.39 23.99
CA ARG A 650 12.94 2.34 24.11
C ARG A 650 12.98 3.30 22.93
N LEU A 651 12.67 2.82 21.73
CA LEU A 651 12.49 3.74 20.60
C LEU A 651 11.44 4.78 20.91
N LEU A 652 10.29 4.34 21.44
CA LEU A 652 9.23 5.28 21.75
C LEU A 652 9.64 6.24 22.85
N ARG A 653 10.41 5.77 23.83
CA ARG A 653 10.89 6.66 24.88
C ARG A 653 11.78 7.75 24.31
N THR A 654 12.67 7.39 23.38
CA THR A 654 13.51 8.39 22.73
C THR A 654 12.68 9.45 22.02
N PHE A 655 11.71 9.00 21.22
CA PHE A 655 10.92 9.96 20.44
C PHE A 655 10.07 10.84 21.35
N LEU A 656 9.51 10.28 22.42
CA LEU A 656 8.73 11.06 23.37
C LEU A 656 9.59 12.10 24.08
N ALA A 657 10.83 11.74 24.42
CA ALA A 657 11.73 12.72 25.03
C ALA A 657 12.01 13.88 24.07
N GLU A 658 12.26 13.57 22.80
CA GLU A 658 12.48 14.64 21.82
C GLU A 658 11.26 15.55 21.69
N ARG A 659 10.06 14.94 21.63
CA ARG A 659 8.85 15.74 21.52
C ARG A 659 8.65 16.63 22.73
N ALA A 660 8.94 16.12 23.93
CA ALA A 660 8.81 16.93 25.13
C ALA A 660 9.78 18.11 25.11
N ARG A 661 11.02 17.87 24.65
CA ARG A 661 11.97 18.97 24.56
C ARG A 661 11.45 20.06 23.64
N TYR A 662 11.00 19.69 22.44
CA TYR A 662 10.54 20.73 21.52
C TYR A 662 9.23 21.35 21.97
N LYS A 663 8.44 20.62 22.78
CA LYS A 663 7.22 21.20 23.32
C LYS A 663 7.53 22.31 24.34
N LYS A 664 8.49 22.07 25.24
CA LYS A 664 8.84 23.13 26.18
C LYS A 664 9.51 24.29 25.44
N MET A 665 10.30 23.99 24.40
CA MET A 665 10.89 25.05 23.60
C MET A 665 9.81 25.91 22.95
N LEU A 666 8.76 25.28 22.44
CA LEU A 666 7.61 26.03 21.93
C LEU A 666 6.97 26.87 23.02
N LYS A 667 6.82 26.29 24.21
CA LYS A 667 6.21 27.03 25.32
C LYS A 667 7.00 28.28 25.67
N GLN A 668 8.31 28.26 25.45
CA GLN A 668 9.14 29.43 25.73
C GLN A 668 9.22 30.43 24.57
N ALA A 669 8.53 30.18 23.46
CA ALA A 669 8.63 31.05 22.30
C ALA A 669 7.76 32.30 22.47
N THR A 670 8.11 33.34 21.71
CA THR A 670 7.40 34.62 21.75
C THR A 670 6.88 35.06 20.39
N SER A 671 7.65 34.90 19.33
CA SER A 671 7.26 35.34 17.99
C SER A 671 6.50 34.23 17.27
N SER A 672 5.69 34.65 16.29
CA SER A 672 4.83 33.70 15.58
C SER A 672 5.63 32.68 14.80
N THR A 673 6.72 33.10 14.15
CA THR A 673 7.49 32.19 13.31
C THR A 673 8.09 31.06 14.14
N GLU A 674 8.68 31.39 15.29
CA GLU A 674 9.27 30.37 16.14
C GLU A 674 8.20 29.42 16.68
N LYS A 675 7.03 29.97 17.04
CA LYS A 675 5.93 29.14 17.50
C LYS A 675 5.52 28.13 16.43
N ALA A 676 5.37 28.60 15.18
CA ALA A 676 4.98 27.70 14.11
C ALA A 676 6.03 26.63 13.87
N ILE A 677 7.31 27.02 13.86
CA ILE A 677 8.38 26.07 13.60
C ILE A 677 8.42 24.98 14.67
N TYR A 678 8.35 25.40 15.94
CA TYR A 678 8.43 24.43 17.03
C TYR A 678 7.19 23.53 17.09
N ASP A 679 6.02 24.10 16.83
CA ASP A 679 4.80 23.29 16.78
C ASP A 679 4.91 22.23 15.68
N SER A 680 5.41 22.63 14.50
CA SER A 680 5.58 21.67 13.42
C SER A 680 6.56 20.58 13.80
N MET A 681 7.66 20.94 14.47
CA MET A 681 8.66 19.95 14.86
C MET A 681 8.09 18.93 15.83
N GLN A 682 7.36 19.40 16.84
CA GLN A 682 6.78 18.45 17.79
C GLN A 682 5.70 17.60 17.13
N TYR A 683 4.97 18.16 16.17
CA TYR A 683 4.01 17.36 15.41
C TYR A 683 4.70 16.26 14.62
N THR A 684 5.83 16.57 13.99
CA THR A 684 6.56 15.55 13.24
C THR A 684 7.05 14.44 14.16
N TYR A 685 7.55 14.80 15.34
CA TYR A 685 8.01 13.76 16.26
C TYR A 685 6.85 12.88 16.74
N LYS A 686 5.67 13.46 16.94
CA LYS A 686 4.46 12.67 17.31
C LYS A 686 4.12 11.73 16.19
N ILE A 687 4.16 12.23 14.97
CA ILE A 687 3.79 11.39 13.84
C ILE A 687 4.77 10.23 13.69
N VAL A 688 6.05 10.47 13.93
CA VAL A 688 7.04 9.38 13.86
C VAL A 688 6.78 8.37 14.96
N ALA A 689 6.47 8.83 16.16
CA ALA A 689 6.18 7.91 17.26
C ALA A 689 4.98 7.02 16.93
N ASN A 690 3.95 7.59 16.29
CA ASN A 690 2.82 6.76 15.88
C ASN A 690 3.18 5.86 14.69
N SER A 691 4.09 6.33 13.84
CA SER A 691 4.52 5.52 12.71
C SER A 691 5.28 4.30 13.17
N VAL A 692 5.88 4.34 14.36
CA VAL A 692 6.50 3.14 14.91
C VAL A 692 5.46 2.03 15.09
N TYR A 693 4.33 2.37 15.72
CA TYR A 693 3.19 1.45 15.76
C TYR A 693 2.75 1.01 14.37
N GLY A 694 2.57 1.97 13.47
CA GLY A 694 2.11 1.62 12.13
C GLY A 694 3.01 0.61 11.44
N LEU A 695 4.32 0.80 11.56
CA LEU A 695 5.27 -0.17 11.00
C LEU A 695 5.18 -1.50 11.71
N MET A 696 5.02 -1.48 13.03
CA MET A 696 4.91 -2.72 13.78
C MET A 696 3.67 -3.50 13.38
N GLY A 697 2.70 -2.82 12.75
CA GLY A 697 1.56 -3.48 12.15
C GLY A 697 1.62 -3.65 10.65
N PHE A 698 2.78 -3.43 10.01
CA PHE A 698 2.92 -3.45 8.57
C PHE A 698 3.54 -4.77 8.13
N ARG A 699 2.95 -5.41 7.13
CA ARG A 699 3.36 -6.76 6.75
C ARG A 699 4.78 -6.79 6.21
N ASN A 700 5.12 -5.89 5.29
CA ASN A 700 6.42 -5.92 4.62
C ASN A 700 7.51 -5.24 5.42
N SER A 701 7.34 -5.07 6.72
CA SER A 701 8.33 -4.43 7.57
C SER A 701 9.12 -5.49 8.32
N ALA A 702 10.29 -5.09 8.81
CA ALA A 702 11.14 -6.01 9.56
C ALA A 702 10.78 -6.02 11.04
N LEU A 703 9.88 -5.15 11.47
CA LEU A 703 9.40 -5.10 12.85
C LEU A 703 7.99 -5.65 12.99
N TYR A 704 7.57 -6.51 12.06
CA TYR A 704 6.18 -6.95 12.01
C TYR A 704 5.84 -7.78 13.24
N SER A 705 4.70 -7.47 13.86
CA SER A 705 4.20 -8.22 15.00
C SER A 705 2.68 -8.03 15.04
N TYR A 706 1.95 -9.04 14.55
CA TYR A 706 0.50 -8.97 14.52
C TYR A 706 -0.09 -8.91 15.93
N ALA A 707 0.44 -9.75 16.83
CA ALA A 707 -0.07 -9.81 18.19
C ALA A 707 0.15 -8.50 18.94
N SER A 708 1.30 -7.87 18.73
CA SER A 708 1.59 -6.61 19.42
C SER A 708 0.61 -5.52 19.02
N ALA A 709 0.32 -5.41 17.72
CA ALA A 709 -0.63 -4.42 17.25
C ALA A 709 -2.03 -4.68 17.80
N LYS A 710 -2.47 -5.94 17.75
CA LYS A 710 -3.80 -6.25 18.30
C LYS A 710 -3.88 -5.94 19.78
N SER A 711 -2.82 -6.28 20.53
CA SER A 711 -2.82 -6.00 21.96
C SER A 711 -2.87 -4.51 22.25
N CYS A 712 -2.12 -3.72 21.49
CA CYS A 712 -2.13 -2.27 21.70
C CYS A 712 -3.53 -1.71 21.45
N THR A 713 -4.17 -2.15 20.37
CA THR A 713 -5.53 -1.68 20.10
C THR A 713 -6.51 -2.09 21.19
N SER A 714 -6.40 -3.33 21.67
CA SER A 714 -7.30 -3.81 22.71
C SER A 714 -7.12 -3.04 24.01
N ILE A 715 -5.87 -2.76 24.39
CA ILE A 715 -5.62 -2.01 25.61
C ILE A 715 -6.15 -0.58 25.47
N GLY A 716 -6.02 0.00 24.27
CA GLY A 716 -6.61 1.32 24.05
C GLY A 716 -8.12 1.32 24.21
N ARG A 717 -8.78 0.30 23.68
CA ARG A 717 -10.23 0.19 23.86
C ARG A 717 -10.60 0.02 25.32
N ARG A 718 -9.83 -0.77 26.06
CA ARG A 718 -10.09 -0.93 27.49
C ARG A 718 -9.94 0.41 28.23
N MET A 719 -8.93 1.20 27.88
CA MET A 719 -8.74 2.49 28.52
C MET A 719 -9.88 3.46 28.21
N ILE A 720 -10.33 3.52 26.95
CA ILE A 720 -11.44 4.42 26.64
C ILE A 720 -12.70 3.98 27.40
N LEU A 721 -12.96 2.67 27.45
CA LEU A 721 -14.15 2.21 28.17
C LEU A 721 -14.05 2.53 29.66
N TYR A 722 -12.86 2.34 30.25
CA TYR A 722 -12.69 2.64 31.67
C TYR A 722 -12.94 4.10 31.96
N LEU A 723 -12.36 5.00 31.15
CA LEU A 723 -12.55 6.42 31.39
C LEU A 723 -14.01 6.83 31.20
N GLU A 724 -14.66 6.32 30.15
CA GLU A 724 -16.06 6.67 29.93
C GLU A 724 -16.95 6.18 31.06
N SER A 725 -16.69 4.97 31.55
CA SER A 725 -17.49 4.43 32.65
C SER A 725 -17.29 5.23 33.93
N VAL A 726 -16.04 5.62 34.22
CA VAL A 726 -15.80 6.32 35.47
C VAL A 726 -16.23 7.79 35.40
N LEU A 727 -16.36 8.36 34.19
CA LEU A 727 -16.73 9.77 34.06
C LEU A 727 -18.24 9.98 33.91
N ASN A 728 -18.95 9.06 33.26
CA ASN A 728 -20.38 9.23 33.06
C ASN A 728 -21.11 9.27 34.39
N GLY A 729 -22.01 10.22 34.54
CA GLY A 729 -22.82 10.33 35.75
C GLY A 729 -22.02 10.55 37.01
N ALA A 730 -21.09 11.49 36.97
CA ALA A 730 -20.19 11.77 38.10
C ALA A 730 -20.56 13.13 38.67
N GLU A 731 -21.31 13.11 39.77
CA GLU A 731 -21.71 14.35 40.41
C GLU A 731 -20.73 14.74 41.50
N LEU A 732 -20.72 16.03 41.84
CA LEU A 732 -20.00 16.51 43.01
C LEU A 732 -20.96 17.28 43.91
N SER A 733 -20.96 16.92 45.18
CA SER A 733 -21.82 17.55 46.16
C SER A 733 -20.97 18.04 47.32
N ASN A 734 -21.29 19.23 47.81
CA ASN A 734 -20.48 19.92 48.82
C ASN A 734 -19.06 20.04 48.26
N GLY A 735 -18.03 19.75 49.04
CA GLY A 735 -16.67 19.70 48.56
C GLY A 735 -16.18 18.32 48.21
N MET A 736 -17.07 17.42 47.79
CA MET A 736 -16.72 16.03 47.59
C MET A 736 -17.12 15.61 46.18
N LEU A 737 -16.46 14.60 45.63
CA LEU A 737 -16.70 14.18 44.26
C LEU A 737 -17.01 12.69 44.24
N ARG A 738 -17.92 12.29 43.35
CA ARG A 738 -18.40 10.93 43.24
C ARG A 738 -18.22 10.43 41.81
N PHE A 739 -17.65 9.24 41.66
CA PHE A 739 -17.56 8.57 40.37
C PHE A 739 -18.62 7.49 40.26
N ALA A 740 -18.97 7.15 39.02
CA ALA A 740 -20.08 6.25 38.78
C ALA A 740 -19.78 4.84 39.28
N ASN A 741 -18.65 4.28 38.88
CA ASN A 741 -18.30 2.90 39.20
C ASN A 741 -17.02 2.87 40.01
N THR A 742 -16.75 1.70 40.61
CA THR A 742 -15.52 1.53 41.37
C THR A 742 -14.32 1.68 40.47
N LEU A 743 -13.30 2.37 41.00
CA LEU A 743 -12.10 2.70 40.21
C LEU A 743 -11.07 1.62 40.46
N SER A 744 -11.00 0.67 39.56
CA SER A 744 -10.11 -0.48 39.69
C SER A 744 -9.34 -0.69 38.40
N ASN A 745 -8.14 -1.26 38.53
CA ASN A 745 -7.31 -1.53 37.37
C ASN A 745 -7.97 -2.62 36.53
N PRO A 746 -8.28 -2.37 35.25
CA PRO A 746 -9.00 -3.35 34.44
C PRO A 746 -8.15 -4.48 33.90
N PHE A 747 -6.92 -4.65 34.37
CA PHE A 747 -6.05 -5.75 33.97
C PHE A 747 -5.73 -6.71 35.10
N TYR A 748 -5.31 -6.18 36.26
CA TYR A 748 -5.03 -7.02 37.41
C TYR A 748 -5.17 -6.16 38.67
N MET A 749 -5.33 -6.83 39.81
CA MET A 749 -5.52 -6.13 41.07
C MET A 749 -4.25 -5.39 41.45
N ASP A 750 -4.42 -4.15 41.93
CA ASP A 750 -3.30 -3.30 42.29
C ASP A 750 -3.43 -2.91 43.76
N ASP A 751 -2.43 -2.18 44.25
CA ASP A 751 -2.35 -1.79 45.65
C ASP A 751 -3.01 -0.44 45.91
N ARG A 752 -3.47 0.26 44.88
CA ARG A 752 -4.11 1.54 45.08
C ARG A 752 -5.50 1.37 45.69
N ASP A 753 -6.01 2.46 46.26
CA ASP A 753 -7.36 2.47 46.79
C ASP A 753 -8.37 2.49 45.64
N ILE A 754 -9.50 1.83 45.84
CA ILE A 754 -10.54 1.72 44.83
C ILE A 754 -11.81 2.45 45.25
N ASN A 755 -11.69 3.38 46.18
CA ASN A 755 -12.86 4.11 46.68
C ASN A 755 -13.24 5.22 45.71
N PRO A 756 -14.50 5.27 45.25
CA PRO A 756 -14.90 6.31 44.31
C PRO A 756 -15.30 7.63 44.95
N ILE A 757 -14.93 7.85 46.20
CA ILE A 757 -15.31 9.05 46.95
C ILE A 757 -14.02 9.81 47.27
N VAL A 758 -13.83 10.97 46.64
CA VAL A 758 -12.51 11.60 46.56
C VAL A 758 -12.61 13.07 46.97
N LYS A 759 -11.61 13.54 47.72
CA LYS A 759 -11.54 14.93 48.15
C LYS A 759 -11.56 15.88 46.95
N THR A 760 -12.10 17.08 47.14
CA THR A 760 -11.96 18.17 46.20
C THR A 760 -11.59 19.45 46.95
N SER A 761 -10.91 20.35 46.25
CA SER A 761 -10.52 21.64 46.80
C SER A 761 -11.50 22.75 46.45
N LEU A 762 -12.59 22.41 45.76
CA LEU A 762 -13.52 23.42 45.27
C LEU A 762 -14.39 23.93 46.42
N PRO A 763 -15.01 25.10 46.23
CA PRO A 763 -15.93 25.61 47.26
C PRO A 763 -17.10 24.66 47.51
N ILE A 764 -17.62 24.71 48.74
CA ILE A 764 -18.64 23.77 49.16
C ILE A 764 -19.95 23.96 48.39
N ASP A 765 -20.30 25.21 48.07
CA ASP A 765 -21.60 25.51 47.51
C ASP A 765 -21.74 25.17 46.03
N TYR A 766 -20.84 24.34 45.48
CA TYR A 766 -20.91 23.93 44.09
C TYR A 766 -21.64 22.59 44.00
N ARG A 767 -22.53 22.49 43.00
CA ARG A 767 -23.27 21.25 42.76
C ARG A 767 -23.49 21.13 41.26
N PHE A 768 -22.99 20.04 40.67
CA PHE A 768 -23.06 19.87 39.23
C PHE A 768 -23.18 18.39 38.90
N ARG A 769 -23.65 18.11 37.67
CA ARG A 769 -23.77 16.76 37.15
C ARG A 769 -22.94 16.65 35.87
N PHE A 770 -22.38 15.47 35.65
CA PHE A 770 -21.49 15.22 34.53
C PHE A 770 -22.04 14.07 33.71
N ARG A 771 -21.79 14.12 32.39
CA ARG A 771 -22.34 13.14 31.46
C ARG A 771 -21.42 12.99 30.26
N SER A 772 -21.41 11.80 29.68
CA SER A 772 -20.58 11.48 28.51
C SER A 772 -21.45 11.47 27.26
N VAL A 773 -21.00 12.18 26.22
CA VAL A 773 -21.78 12.36 25.00
C VAL A 773 -21.05 11.78 23.78
N TYR A 774 -19.73 11.94 23.72
CA TYR A 774 -18.98 11.53 22.54
C TYR A 774 -17.59 11.08 22.97
N GLY A 775 -16.95 10.30 22.09
CA GLY A 775 -15.59 9.86 22.32
C GLY A 775 -14.99 9.31 21.05
N ASP A 776 -13.66 9.41 20.97
CA ASP A 776 -12.92 8.92 19.80
C ASP A 776 -11.53 8.51 20.26
N THR A 777 -11.33 7.20 20.43
CA THR A 777 -10.05 6.62 20.82
C THR A 777 -9.52 7.21 22.13
N ASP A 778 -8.64 8.20 22.05
CA ASP A 778 -8.11 8.84 23.26
C ASP A 778 -8.85 10.12 23.61
N SER A 779 -10.18 10.07 23.71
CA SER A 779 -10.92 11.30 23.99
C SER A 779 -12.28 10.95 24.58
N VAL A 780 -12.70 11.75 25.56
CA VAL A 780 -14.03 11.64 26.15
C VAL A 780 -14.63 13.03 26.19
N PHE A 781 -15.80 13.19 25.59
CA PHE A 781 -16.54 14.44 25.61
C PHE A 781 -17.48 14.42 26.80
N THR A 782 -17.24 15.30 27.77
CA THR A 782 -17.97 15.30 29.03
C THR A 782 -18.82 16.56 29.11
N GLU A 783 -20.09 16.39 29.46
CA GLU A 783 -21.04 17.50 29.48
C GLU A 783 -21.29 17.96 30.91
N ILE A 784 -21.38 19.27 31.11
CA ILE A 784 -21.62 19.87 32.40
C ILE A 784 -22.82 20.80 32.28
N ASP A 785 -23.72 20.74 33.26
CA ASP A 785 -24.95 21.54 33.25
C ASP A 785 -24.68 22.94 33.79
N SER A 786 -23.93 23.70 32.99
CA SER A 786 -23.62 25.09 33.33
C SER A 786 -23.54 25.89 32.03
N GLN A 787 -23.31 27.19 32.17
CA GLN A 787 -23.24 28.07 31.02
C GLN A 787 -22.04 29.01 31.01
N ASP A 788 -21.44 29.31 32.16
CA ASP A 788 -20.26 30.17 32.19
C ASP A 788 -19.00 29.33 32.06
N VAL A 789 -17.89 30.00 31.74
CA VAL A 789 -16.68 29.27 31.37
C VAL A 789 -15.59 29.32 32.44
N ASP A 790 -15.60 30.32 33.32
CA ASP A 790 -14.59 30.36 34.38
C ASP A 790 -14.76 29.20 35.34
N LYS A 791 -16.00 28.99 35.81
CA LYS A 791 -16.27 27.84 36.68
C LYS A 791 -15.99 26.54 35.95
N SER A 792 -16.34 26.46 34.67
CA SER A 792 -16.09 25.25 33.91
C SER A 792 -14.60 24.94 33.83
N ILE A 793 -13.78 25.96 33.59
CA ILE A 793 -12.34 25.75 33.48
C ILE A 793 -11.75 25.34 34.82
N GLU A 794 -12.19 25.99 35.90
CA GLU A 794 -11.70 25.63 37.23
C GLU A 794 -12.07 24.20 37.60
N ILE A 795 -13.33 23.82 37.35
CA ILE A 795 -13.78 22.45 37.62
C ILE A 795 -13.00 21.46 36.77
N ALA A 796 -12.76 21.79 35.50
CA ALA A 796 -12.03 20.89 34.63
C ALA A 796 -10.60 20.69 35.12
N LYS A 797 -9.94 21.76 35.57
CA LYS A 797 -8.58 21.62 36.08
C LYS A 797 -8.55 20.74 37.33
N GLU A 798 -9.49 20.98 38.26
CA GLU A 798 -9.53 20.15 39.47
C GLU A 798 -9.82 18.69 39.13
N LEU A 799 -10.74 18.45 38.19
CA LEU A 799 -11.08 17.08 37.80
C LEU A 799 -9.90 16.39 37.14
N GLU A 800 -9.15 17.13 36.31
CA GLU A 800 -7.97 16.55 35.68
C GLU A 800 -6.94 16.14 36.73
N ARG A 801 -6.70 17.01 37.72
CA ARG A 801 -5.76 16.67 38.77
C ARG A 801 -6.22 15.43 39.54
N LEU A 802 -7.52 15.36 39.85
CA LEU A 802 -8.05 14.22 40.58
C LEU A 802 -7.92 12.93 39.78
N ILE A 803 -8.22 12.97 38.48
CA ILE A 803 -8.13 11.76 37.67
C ILE A 803 -6.68 11.30 37.57
N ASN A 804 -5.76 12.24 37.38
CA ASN A 804 -4.34 11.87 37.30
C ASN A 804 -3.84 11.28 38.61
N SER A 805 -4.29 11.82 39.75
CA SER A 805 -3.78 11.36 41.03
C SER A 805 -4.45 10.07 41.51
N ARG A 806 -5.68 9.80 41.11
CA ARG A 806 -6.42 8.68 41.68
C ARG A 806 -6.96 7.68 40.67
N VAL A 807 -7.45 8.14 39.52
CA VAL A 807 -8.10 7.23 38.58
C VAL A 807 -7.09 6.47 37.75
N LEU A 808 -6.12 7.19 37.17
CA LEU A 808 -5.16 6.57 36.27
C LEU A 808 -4.01 5.95 37.06
N PHE A 809 -3.10 5.29 36.35
CA PHE A 809 -2.02 4.54 36.98
C PHE A 809 -0.84 4.46 36.02
N ASN A 810 0.33 4.18 36.60
CA ASN A 810 1.58 3.97 35.85
C ASN A 810 1.85 5.20 34.99
N ASN A 811 1.98 5.09 33.68
CA ASN A 811 2.38 6.20 32.83
C ASN A 811 1.22 6.73 31.99
N PHE A 812 0.02 6.75 32.55
CA PHE A 812 -1.16 7.26 31.86
C PHE A 812 -1.58 8.58 32.47
N LYS A 813 -1.72 9.62 31.63
CA LYS A 813 -2.16 10.93 32.07
C LYS A 813 -3.07 11.53 31.01
N ILE A 814 -3.96 12.41 31.44
CA ILE A 814 -4.87 13.10 30.53
C ILE A 814 -4.50 14.57 30.48
N GLU A 815 -5.18 15.30 29.62
CA GLU A 815 -5.01 16.74 29.47
C GLU A 815 -6.36 17.38 29.16
N PHE A 816 -6.65 18.48 29.84
CA PHE A 816 -7.87 19.24 29.61
C PHE A 816 -7.65 20.10 28.38
N GLU A 817 -8.35 19.79 27.28
CA GLU A 817 -8.08 20.44 26.01
C GLU A 817 -8.76 21.80 25.91
N ALA A 818 -10.09 21.82 25.94
CA ALA A 818 -10.83 23.06 25.73
C ALA A 818 -12.26 22.87 26.23
N VAL A 819 -13.03 23.96 26.17
CA VAL A 819 -14.45 23.95 26.48
C VAL A 819 -15.20 24.32 25.21
N TYR A 820 -16.17 23.49 24.83
CA TYR A 820 -16.92 23.67 23.60
C TYR A 820 -18.31 24.19 23.90
N LYS A 821 -18.67 25.31 23.28
CA LYS A 821 -20.02 25.85 23.33
C LYS A 821 -20.67 25.75 21.96
N ASN A 822 -21.99 25.63 21.97
CA ASN A 822 -22.80 25.54 20.74
C ASN A 822 -22.31 24.38 19.86
N LEU A 823 -22.02 23.26 20.50
CA LEU A 823 -21.55 22.08 19.78
C LEU A 823 -22.71 21.46 18.99
N ILE A 824 -22.45 21.13 17.74
CA ILE A 824 -23.43 20.51 16.86
C ILE A 824 -22.84 19.21 16.32
N MET A 825 -23.57 18.11 16.46
CA MET A 825 -23.17 16.82 15.93
C MET A 825 -23.96 16.54 14.66
N GLN A 826 -23.24 16.33 13.56
CA GLN A 826 -23.85 15.89 12.31
C GLN A 826 -23.72 14.38 12.13
N SER A 827 -22.52 13.84 12.30
CA SER A 827 -22.26 12.43 12.12
C SER A 827 -21.24 12.02 13.18
N LYS A 828 -20.64 10.84 13.00
CA LYS A 828 -19.75 10.30 14.03
C LYS A 828 -18.40 11.01 14.04
N LYS A 829 -18.05 11.68 12.94
CA LYS A 829 -16.79 12.41 12.86
C LYS A 829 -16.97 13.80 12.26
N LYS A 830 -18.13 14.42 12.50
CA LYS A 830 -18.43 15.73 11.93
C LYS A 830 -19.11 16.59 13.00
N TYR A 831 -18.43 17.65 13.43
CA TYR A 831 -19.01 18.53 14.43
C TYR A 831 -18.43 19.94 14.27
N THR A 832 -19.18 20.92 14.78
CA THR A 832 -18.79 22.31 14.77
C THR A 832 -19.01 22.89 16.17
N THR A 833 -18.16 23.82 16.57
CA THR A 833 -18.26 24.42 17.91
C THR A 833 -17.37 25.65 18.00
N MET A 834 -17.53 26.37 19.10
CA MET A 834 -16.64 27.46 19.50
C MET A 834 -15.74 26.94 20.62
N LYS A 835 -14.47 27.30 20.56
CA LYS A 835 -13.46 26.72 21.44
C LYS A 835 -12.89 27.77 22.38
N TYR A 836 -12.89 27.46 23.68
CA TYR A 836 -12.20 28.24 24.70
C TYR A 836 -11.05 27.40 25.23
N SER A 837 -9.83 27.91 25.11
CA SER A 837 -8.66 27.14 25.50
C SER A 837 -8.59 26.99 27.03
N ALA A 838 -7.69 26.12 27.47
CA ALA A 838 -7.50 25.92 28.91
C ALA A 838 -6.98 27.20 29.57
N SER A 839 -6.07 27.90 28.92
CA SER A 839 -5.57 29.19 29.41
C SER A 839 -6.39 30.31 28.77
N SER A 840 -7.60 30.50 29.28
CA SER A 840 -8.51 31.50 28.75
C SER A 840 -9.48 31.91 29.85
N ASN A 841 -10.17 33.02 29.62
CA ASN A 841 -11.17 33.55 30.54
C ASN A 841 -12.44 33.89 29.75
N SER A 842 -13.46 34.35 30.48
CA SER A 842 -14.74 34.66 29.85
C SER A 842 -14.60 35.80 28.86
N LYS A 843 -13.81 36.83 29.20
CA LYS A 843 -13.60 37.96 28.31
C LYS A 843 -12.51 37.65 27.30
N SER A 844 -12.70 36.60 26.51
CA SER A 844 -11.77 36.22 25.46
C SER A 844 -12.54 35.88 24.19
N VAL A 845 -11.87 36.04 23.06
CA VAL A 845 -12.50 35.80 21.76
C VAL A 845 -12.54 34.30 21.47
N PRO A 846 -13.71 33.75 21.16
CA PRO A 846 -13.79 32.33 20.81
C PRO A 846 -13.19 32.05 19.44
N GLU A 847 -12.80 30.80 19.25
CA GLU A 847 -12.28 30.32 17.97
C GLU A 847 -13.18 29.24 17.41
N ARG A 848 -13.50 29.36 16.13
CA ARG A 848 -14.39 28.43 15.44
C ARG A 848 -13.61 27.20 15.03
N ILE A 849 -14.15 26.02 15.33
CA ILE A 849 -13.51 24.74 15.03
C ILE A 849 -14.45 23.92 14.17
N ASN A 850 -13.96 23.47 13.02
CA ASN A 850 -14.68 22.58 12.12
C ASN A 850 -13.89 21.30 11.98
N LYS A 851 -14.55 20.16 12.18
CA LYS A 851 -13.92 18.85 12.09
C LYS A 851 -14.74 17.95 11.19
N GLY A 852 -14.24 17.72 9.98
CA GLY A 852 -14.84 16.78 9.05
C GLY A 852 -16.04 17.29 8.28
N THR A 853 -16.47 18.52 8.52
CA THR A 853 -17.65 19.05 7.85
C THR A 853 -17.31 19.44 6.41
N SER A 854 -18.32 19.89 5.68
CA SER A 854 -18.13 20.27 4.29
C SER A 854 -17.59 21.69 4.18
N GLU A 855 -16.55 21.99 4.95
CA GLU A 855 -15.79 23.22 4.82
C GLU A 855 -14.28 23.00 4.85
N THR A 856 -13.82 21.89 5.42
CA THR A 856 -12.41 21.54 5.42
C THR A 856 -12.05 20.55 4.32
N ARG A 857 -13.04 20.00 3.62
CA ARG A 857 -12.77 19.05 2.55
C ARG A 857 -12.34 19.78 1.28
N ARG A 858 -11.30 19.28 0.65
CA ARG A 858 -10.71 19.91 -0.52
C ARG A 858 -11.45 19.58 -1.81
N ASP A 859 -12.41 18.66 -1.77
CA ASP A 859 -13.09 18.22 -2.98
C ASP A 859 -14.60 18.45 -2.89
N VAL A 860 -15.03 19.54 -2.26
CA VAL A 860 -16.46 19.79 -2.18
C VAL A 860 -16.84 20.92 -3.14
N SER A 861 -16.42 22.14 -2.82
CA SER A 861 -16.65 23.31 -3.67
C SER A 861 -16.03 24.56 -3.05
N LYS A 862 -16.30 25.71 -3.66
CA LYS A 862 -16.16 26.99 -3.01
C LYS A 862 -17.47 27.72 -2.83
N PHE A 863 -18.44 27.48 -3.72
CA PHE A 863 -19.76 28.09 -3.63
C PHE A 863 -20.64 27.37 -2.63
N HIS A 864 -20.41 26.06 -2.42
CA HIS A 864 -21.14 25.28 -1.43
C HIS A 864 -20.87 25.76 -0.01
N LYS A 865 -19.62 26.10 0.29
CA LYS A 865 -19.24 26.47 1.65
C LYS A 865 -19.93 27.76 2.09
N ASN A 866 -19.99 28.75 1.21
CA ASN A 866 -20.64 30.02 1.57
C ASN A 866 -22.11 29.80 1.89
N MET A 867 -22.79 29.02 1.05
CA MET A 867 -24.21 28.76 1.26
C MET A 867 -24.44 28.00 2.57
N ILE A 868 -23.64 26.98 2.84
CA ILE A 868 -23.88 26.21 4.07
C ILE A 868 -23.55 27.06 5.30
N LYS A 869 -22.52 27.91 5.22
CA LYS A 869 -22.20 28.78 6.35
C LYS A 869 -23.36 29.73 6.64
N THR A 870 -23.84 30.43 5.62
CA THR A 870 -24.91 31.40 5.85
C THR A 870 -26.19 30.70 6.30
N TYR A 871 -26.43 29.47 5.81
CA TYR A 871 -27.66 28.79 6.19
C TYR A 871 -27.59 28.23 7.60
N LYS A 872 -26.44 27.73 8.04
CA LYS A 872 -26.31 27.35 9.44
C LYS A 872 -26.46 28.56 10.35
N THR A 873 -25.88 29.70 9.96
CA THR A 873 -26.04 30.90 10.78
C THR A 873 -27.51 31.31 10.87
N ARG A 874 -28.21 31.32 9.73
CA ARG A 874 -29.62 31.69 9.72
C ARG A 874 -30.46 30.71 10.54
N LEU A 875 -30.16 29.41 10.43
CA LEU A 875 -30.90 28.42 11.20
C LEU A 875 -30.67 28.60 12.69
N SER A 876 -29.43 28.88 13.09
CA SER A 876 -29.16 29.12 14.51
C SER A 876 -29.91 30.35 15.01
N GLU A 877 -29.89 31.43 14.22
CA GLU A 877 -30.61 32.64 14.63
C GLU A 877 -32.11 32.39 14.73
N MET A 878 -32.68 31.68 13.75
CA MET A 878 -34.12 31.42 13.77
C MET A 878 -34.51 30.52 14.93
N LEU A 879 -33.69 29.51 15.22
CA LEU A 879 -33.97 28.65 16.37
C LEU A 879 -33.82 29.42 17.67
N SER A 880 -32.90 30.39 17.73
CA SER A 880 -32.83 31.26 18.89
C SER A 880 -34.10 32.06 19.05
N GLU A 881 -34.59 32.65 17.96
CA GLU A 881 -35.88 33.34 18.01
C GLU A 881 -37.01 32.35 18.29
N GLY A 882 -37.28 31.46 17.33
CA GLY A 882 -38.16 30.33 17.56
C GLY A 882 -39.62 30.58 17.23
N ARG A 883 -40.10 30.07 16.09
CA ARG A 883 -41.52 30.06 15.80
C ARG A 883 -42.07 28.65 15.67
N MET A 884 -41.56 27.86 14.72
CA MET A 884 -41.86 26.44 14.53
C MET A 884 -43.33 26.12 14.83
N ASN A 885 -44.22 26.80 14.10
CA ASN A 885 -45.65 26.61 14.33
C ASN A 885 -46.05 25.18 14.00
N SER A 886 -46.01 24.80 12.73
CA SER A 886 -46.12 23.40 12.32
C SER A 886 -44.87 22.93 11.61
N ASN A 887 -44.49 23.56 10.50
CA ASN A 887 -43.23 23.31 9.81
C ASN A 887 -42.65 24.62 9.28
N GLN A 888 -42.69 25.67 10.10
CA GLN A 888 -42.34 27.00 9.62
C GLN A 888 -40.88 27.07 9.18
N VAL A 889 -39.98 26.47 9.96
CA VAL A 889 -38.56 26.54 9.64
C VAL A 889 -38.28 25.87 8.30
N CYS A 890 -38.83 24.68 8.09
CA CYS A 890 -38.58 23.94 6.85
C CYS A 890 -39.12 24.70 5.65
N ILE A 891 -40.33 25.26 5.76
CA ILE A 891 -40.91 25.99 4.66
C ILE A 891 -40.08 27.22 4.32
N ASP A 892 -39.66 27.98 5.35
CA ASP A 892 -38.87 29.17 5.10
C ASP A 892 -37.53 28.82 4.45
N ILE A 893 -36.85 27.80 4.96
CA ILE A 893 -35.56 27.42 4.41
C ILE A 893 -35.70 26.94 2.97
N LEU A 894 -36.73 26.13 2.70
CA LEU A 894 -36.93 25.65 1.34
C LEU A 894 -37.23 26.78 0.38
N ARG A 895 -38.07 27.74 0.78
CA ARG A 895 -38.38 28.87 -0.08
C ARG A 895 -37.14 29.71 -0.35
N SER A 896 -36.36 30.00 0.69
CA SER A 896 -35.15 30.79 0.50
C SER A 896 -34.15 30.07 -0.40
N LEU A 897 -33.97 28.78 -0.19
CA LEU A 897 -33.05 28.01 -1.03
C LEU A 897 -33.50 27.99 -2.47
N GLU A 898 -34.80 27.80 -2.71
CA GLU A 898 -35.31 27.80 -4.09
C GLU A 898 -35.07 29.14 -4.75
N THR A 899 -35.36 30.24 -4.04
CA THR A 899 -35.15 31.56 -4.61
C THR A 899 -33.69 31.81 -4.92
N ASP A 900 -32.79 31.44 -3.99
CA ASP A 900 -31.37 31.67 -4.21
C ASP A 900 -30.85 30.85 -5.38
N LEU A 901 -31.23 29.58 -5.47
CA LEU A 901 -30.79 28.74 -6.58
C LEU A 901 -31.31 29.25 -7.91
N ARG A 902 -32.57 29.67 -7.95
CA ARG A 902 -33.12 30.21 -9.20
C ARG A 902 -32.39 31.48 -9.61
N SER A 903 -32.10 32.36 -8.65
CA SER A 903 -31.37 33.59 -8.96
C SER A 903 -29.98 33.27 -9.48
N GLU A 904 -29.28 32.33 -8.85
CA GLU A 904 -27.95 31.97 -9.30
C GLU A 904 -27.97 31.36 -10.69
N PHE A 905 -28.97 30.52 -10.98
CA PHE A 905 -29.07 29.92 -12.31
C PHE A 905 -29.37 30.98 -13.37
N ASP A 906 -30.27 31.92 -13.06
CA ASP A 906 -30.66 32.91 -14.07
C ASP A 906 -29.56 33.95 -14.31
N SER A 907 -28.97 34.47 -13.23
CA SER A 907 -28.01 35.56 -13.38
C SER A 907 -26.68 35.07 -13.95
N ARG A 908 -26.18 33.93 -13.45
CA ARG A 908 -24.89 33.38 -13.85
C ARG A 908 -23.75 34.38 -13.63
N SER A 909 -23.84 35.13 -12.52
CA SER A 909 -22.79 36.09 -12.20
C SER A 909 -21.65 35.47 -11.40
N SER A 910 -21.81 34.25 -10.92
CA SER A 910 -20.77 33.61 -10.13
C SER A 910 -19.61 33.19 -11.03
N PRO A 911 -18.38 33.56 -10.69
CA PRO A 911 -17.23 33.19 -11.54
C PRO A 911 -16.95 31.70 -11.51
N LEU A 912 -16.15 31.22 -12.47
CA LEU A 912 -15.83 29.79 -12.54
C LEU A 912 -14.93 29.37 -11.38
N GLU A 913 -14.26 30.32 -10.73
CA GLU A 913 -13.38 29.99 -9.63
C GLU A 913 -14.13 29.44 -8.42
N LEU A 914 -15.43 29.69 -8.33
CA LEU A 914 -16.22 29.17 -7.22
C LEU A 914 -16.70 27.75 -7.44
N PHE A 915 -16.53 27.20 -8.64
CA PHE A 915 -17.00 25.87 -8.98
C PHE A 915 -15.86 24.93 -9.33
N MET A 916 -14.70 25.13 -8.72
CA MET A 916 -13.51 24.35 -9.03
C MET A 916 -13.21 23.37 -7.91
N LEU A 917 -12.96 22.12 -8.30
CA LEU A 917 -12.62 21.05 -7.37
C LEU A 917 -11.20 20.58 -7.65
N SER A 918 -10.60 19.91 -6.66
CA SER A 918 -9.21 19.51 -6.73
C SER A 918 -9.08 18.01 -6.52
N ARG A 919 -8.07 17.42 -7.17
CA ARG A 919 -7.82 16.00 -7.07
C ARG A 919 -6.36 15.73 -7.39
N MET A 920 -5.85 14.63 -6.84
CA MET A 920 -4.46 14.23 -7.03
C MET A 920 -4.35 13.18 -8.13
N HIS A 921 -3.23 13.24 -8.85
CA HIS A 921 -2.97 12.30 -9.94
C HIS A 921 -2.06 11.18 -9.46
N HIS A 922 -2.43 9.95 -9.79
CA HIS A 922 -1.63 8.78 -9.44
C HIS A 922 -1.99 7.66 -10.39
N SER A 923 -1.12 6.64 -10.44
CA SER A 923 -1.30 5.50 -11.32
C SER A 923 -1.74 4.25 -10.56
N ASN A 924 -2.16 4.41 -9.31
CA ASN A 924 -2.50 3.28 -8.45
C ASN A 924 -4.00 3.06 -8.46
N TYR A 925 -4.48 2.44 -9.54
CA TYR A 925 -5.89 2.14 -9.72
C TYR A 925 -6.05 0.68 -10.05
N LYS A 926 -7.12 0.08 -9.50
CA LYS A 926 -7.46 -1.30 -9.92
C LYS A 926 -8.15 -1.10 -11.27
N SER A 927 -7.84 -1.91 -12.25
CA SER A 927 -8.31 -1.81 -13.64
C SER A 927 -7.72 -0.57 -14.30
N ALA A 928 -7.44 -0.67 -15.60
CA ALA A 928 -6.76 0.40 -16.32
C ALA A 928 -7.70 1.31 -17.10
N ASP A 929 -9.02 1.10 -17.01
CA ASP A 929 -9.94 1.97 -17.73
C ASP A 929 -10.06 3.31 -17.01
N ASN A 930 -10.62 3.30 -15.80
CA ASN A 930 -10.50 4.38 -14.81
C ASN A 930 -10.65 5.77 -15.38
N PRO A 931 -11.88 6.25 -15.63
CA PRO A 931 -12.08 7.55 -16.28
C PRO A 931 -11.18 8.70 -15.81
N ASN A 932 -10.79 8.70 -14.53
CA ASN A 932 -9.93 9.77 -14.03
C ASN A 932 -8.57 9.76 -14.71
N MET A 933 -7.92 8.60 -14.73
CA MET A 933 -6.62 8.48 -15.39
C MET A 933 -6.75 8.77 -16.88
N TYR A 934 -7.85 8.35 -17.50
CA TYR A 934 -8.05 8.65 -18.91
C TYR A 934 -8.15 10.14 -19.16
N LEU A 935 -8.87 10.86 -18.30
CA LEU A 935 -8.99 12.30 -18.45
C LEU A 935 -7.62 12.97 -18.33
N VAL A 936 -6.84 12.57 -17.34
CA VAL A 936 -5.52 13.19 -17.17
C VAL A 936 -4.61 12.85 -18.33
N THR A 937 -4.69 11.61 -18.83
CA THR A 937 -3.86 11.20 -19.96
C THR A 937 -4.21 11.98 -21.22
N GLU A 938 -5.51 12.18 -21.48
CA GLU A 938 -5.91 12.96 -22.64
C GLU A 938 -5.45 14.41 -22.51
N TYR A 939 -5.55 14.99 -21.31
CA TYR A 939 -5.06 16.35 -21.12
C TYR A 939 -3.57 16.44 -21.39
N ASN A 940 -2.80 15.47 -20.90
CA ASN A 940 -1.37 15.45 -21.18
C ASN A 940 -1.11 15.29 -22.67
N LYS A 941 -1.93 14.49 -23.36
CA LYS A 941 -1.75 14.28 -24.79
C LYS A 941 -1.97 15.57 -25.58
N ASN A 942 -2.97 16.36 -25.20
CA ASN A 942 -3.39 17.49 -26.02
C ASN A 942 -2.89 18.84 -25.51
N ASN A 943 -1.96 18.88 -24.57
CA ASN A 943 -1.50 20.16 -24.05
C ASN A 943 -0.02 20.13 -23.73
N PRO A 944 0.66 21.28 -23.78
CA PRO A 944 2.11 21.29 -23.48
C PRO A 944 2.42 21.07 -22.01
N GLU A 945 1.71 21.75 -21.12
CA GLU A 945 1.92 21.57 -19.69
C GLU A 945 1.39 20.21 -19.26
N THR A 946 2.18 19.49 -18.46
CA THR A 946 1.88 18.11 -18.09
C THR A 946 1.55 18.03 -16.61
N ILE A 947 0.62 17.14 -16.28
CA ILE A 947 0.31 16.83 -14.89
C ILE A 947 1.11 15.61 -14.48
N GLU A 948 1.91 15.74 -13.43
CA GLU A 948 2.81 14.68 -13.01
C GLU A 948 2.08 13.68 -12.11
N LEU A 949 2.85 12.79 -11.48
CA LEU A 949 2.29 11.68 -10.73
C LEU A 949 2.03 11.99 -9.26
N GLY A 950 2.24 13.23 -8.83
CA GLY A 950 1.89 13.61 -7.48
C GLY A 950 1.35 15.03 -7.42
N GLU A 951 0.82 15.51 -8.53
CA GLU A 951 0.46 16.91 -8.71
C GLU A 951 -1.04 17.09 -8.60
N ARG A 952 -1.46 18.03 -7.75
CA ARG A 952 -2.86 18.38 -7.62
C ARG A 952 -3.29 19.24 -8.80
N TYR A 953 -4.54 19.08 -9.23
CA TYR A 953 -5.05 19.84 -10.35
C TYR A 953 -6.51 20.20 -10.10
N TYR A 954 -6.98 21.19 -10.85
CA TYR A 954 -8.35 21.68 -10.75
C TYR A 954 -9.20 21.11 -11.87
N PHE A 955 -10.48 20.88 -11.56
CA PHE A 955 -11.42 20.41 -12.56
C PHE A 955 -12.83 20.87 -12.18
N ALA A 956 -13.73 20.83 -13.16
CA ALA A 956 -15.10 21.27 -12.96
C ALA A 956 -16.00 20.54 -13.95
N TYR A 957 -17.30 20.79 -13.83
CA TYR A 957 -18.31 20.17 -14.68
C TYR A 957 -18.80 21.20 -15.70
N ILE A 958 -18.74 20.84 -16.98
CA ILE A 958 -19.09 21.74 -18.06
C ILE A 958 -20.01 21.02 -19.04
N CYS A 959 -21.05 21.70 -19.50
CA CYS A 959 -22.03 21.16 -20.43
C CYS A 959 -22.39 22.22 -21.46
N PRO A 960 -22.92 21.81 -22.62
CA PRO A 960 -23.30 22.79 -23.65
C PRO A 960 -24.36 23.74 -23.15
N ALA A 961 -24.32 24.97 -23.69
CA ALA A 961 -25.18 26.03 -23.19
C ALA A 961 -26.65 25.81 -23.52
N ASN A 962 -26.92 25.20 -24.68
CA ASN A 962 -28.30 25.02 -25.12
C ASN A 962 -29.07 24.01 -24.27
N VAL A 963 -28.39 23.22 -23.44
CA VAL A 963 -29.06 22.23 -22.60
C VAL A 963 -29.80 22.95 -21.49
N PRO A 964 -31.13 22.70 -21.32
CA PRO A 964 -31.90 23.29 -20.24
C PRO A 964 -31.85 22.43 -18.97
N TRP A 965 -32.52 22.86 -17.90
CA TRP A 965 -32.46 22.15 -16.63
C TRP A 965 -32.76 20.67 -16.80
N THR A 966 -31.92 19.83 -16.22
CA THR A 966 -32.01 18.38 -16.36
C THR A 966 -32.53 17.77 -15.06
N LYS A 967 -33.56 16.92 -15.19
CA LYS A 967 -34.13 16.27 -14.03
C LYS A 967 -33.39 14.99 -13.67
N LYS A 968 -33.29 14.05 -14.60
CA LYS A 968 -32.59 12.80 -14.37
C LYS A 968 -31.19 12.90 -14.96
N LEU A 969 -30.17 12.71 -14.11
CA LEU A 969 -28.78 12.75 -14.53
C LEU A 969 -28.31 11.32 -14.73
N VAL A 970 -27.89 10.99 -15.95
CA VAL A 970 -27.50 9.63 -16.32
C VAL A 970 -25.98 9.45 -16.22
N ASN A 971 -25.22 10.43 -16.70
CA ASN A 971 -23.76 10.39 -16.63
C ASN A 971 -23.29 11.70 -16.01
N ILE A 972 -22.28 11.61 -15.14
CA ILE A 972 -21.71 12.77 -14.49
C ILE A 972 -20.22 12.91 -14.80
N LYS A 973 -19.48 11.82 -14.74
CA LYS A 973 -18.03 11.85 -14.96
C LYS A 973 -17.66 12.22 -16.39
N THR A 974 -18.59 12.13 -17.34
CA THR A 974 -18.28 12.49 -18.71
C THR A 974 -18.14 14.00 -18.89
N TYR A 975 -18.68 14.79 -17.97
CA TYR A 975 -18.64 16.24 -18.06
C TYR A 975 -17.50 16.87 -17.27
N GLU A 976 -16.58 16.07 -16.73
CA GLU A 976 -15.43 16.60 -16.03
C GLU A 976 -14.42 17.16 -17.03
N THR A 977 -13.96 18.39 -16.79
CA THR A 977 -12.95 19.03 -17.62
C THR A 977 -11.89 19.64 -16.72
N ILE A 978 -10.64 19.59 -17.18
CA ILE A 978 -9.53 20.13 -16.40
C ILE A 978 -9.37 21.61 -16.70
N ILE A 979 -9.35 22.43 -15.66
CA ILE A 979 -9.33 23.88 -15.79
C ILE A 979 -7.89 24.34 -15.63
N ASP A 980 -7.25 24.68 -16.75
CA ASP A 980 -5.88 25.15 -16.74
C ASP A 980 -5.86 26.63 -16.36
N ARG A 981 -4.65 27.17 -16.19
CA ARG A 981 -4.51 28.59 -15.84
C ARG A 981 -4.98 29.50 -16.98
N SER A 982 -4.96 29.01 -18.22
CA SER A 982 -5.36 29.79 -19.38
C SER A 982 -6.77 29.46 -19.85
N PHE A 983 -7.54 28.75 -19.05
CA PHE A 983 -8.89 28.36 -19.45
C PHE A 983 -9.81 29.56 -19.48
N LYS A 984 -10.54 29.69 -20.58
CA LYS A 984 -11.59 30.68 -20.71
C LYS A 984 -12.86 29.98 -21.16
N LEU A 985 -13.95 30.18 -20.44
CA LEU A 985 -15.20 29.50 -20.76
C LEU A 985 -15.73 29.99 -22.10
N GLY A 986 -16.16 29.05 -22.93
CA GLY A 986 -16.65 29.39 -24.26
C GLY A 986 -18.07 29.90 -24.25
N SER A 987 -18.49 30.38 -25.41
CA SER A 987 -19.85 30.89 -25.58
C SER A 987 -20.88 29.77 -25.79
N ASN A 988 -20.43 28.54 -26.02
CA ASN A 988 -21.31 27.39 -26.16
C ASN A 988 -21.18 26.44 -24.98
N GLN A 989 -20.67 26.90 -23.85
CA GLN A 989 -20.47 26.08 -22.68
C GLN A 989 -21.02 26.80 -21.46
N ARG A 990 -21.38 26.02 -20.44
CA ARG A 990 -21.89 26.56 -19.20
C ARG A 990 -21.53 25.63 -18.05
N ILE A 991 -21.48 26.19 -16.85
CA ILE A 991 -21.23 25.40 -15.65
C ILE A 991 -22.42 24.50 -15.39
N PHE A 992 -22.16 23.23 -15.16
CA PHE A 992 -23.24 22.24 -15.02
C PHE A 992 -23.71 22.29 -13.56
N TYR A 993 -24.62 23.25 -13.30
CA TYR A 993 -25.01 23.60 -11.94
C TYR A 993 -25.72 22.47 -11.21
N GLU A 994 -26.24 21.47 -11.92
CA GLU A 994 -27.13 20.51 -11.31
C GLU A 994 -26.43 19.66 -10.25
N VAL A 995 -25.20 19.25 -10.51
CA VAL A 995 -24.47 18.43 -9.53
C VAL A 995 -24.25 19.20 -8.25
N TYR A 996 -23.76 20.44 -8.37
CA TYR A 996 -23.51 21.25 -7.19
C TYR A 996 -24.79 21.51 -6.41
N PHE A 997 -25.88 21.83 -7.13
CA PHE A 997 -27.14 22.11 -6.47
C PHE A 997 -27.67 20.89 -5.74
N LYS A 998 -27.57 19.72 -6.38
CA LYS A 998 -28.01 18.48 -5.75
C LYS A 998 -27.23 18.19 -4.48
N ARG A 999 -25.90 18.34 -4.54
CA ARG A 999 -25.09 18.09 -3.35
C ARG A 999 -25.45 19.06 -2.23
N LEU A 1000 -25.58 20.35 -2.56
CA LEU A 1000 -25.87 21.34 -1.54
C LEU A 1000 -27.24 21.11 -0.91
N THR A 1001 -28.26 20.81 -1.72
CA THR A 1001 -29.59 20.60 -1.15
C THR A 1001 -29.65 19.30 -0.35
N SER A 1002 -28.93 18.26 -0.77
CA SER A 1002 -28.90 17.04 0.00
C SER A 1002 -28.23 17.27 1.35
N GLU A 1003 -27.18 18.09 1.38
CA GLU A 1003 -26.55 18.42 2.65
C GLU A 1003 -27.46 19.28 3.54
N ILE A 1004 -28.18 20.21 2.93
CA ILE A 1004 -29.05 21.10 3.71
C ILE A 1004 -30.23 20.34 4.30
N VAL A 1005 -30.81 19.42 3.53
CA VAL A 1005 -32.01 18.71 3.99
C VAL A 1005 -31.72 17.92 5.25
N ASN A 1006 -30.53 17.34 5.36
CA ASN A 1006 -30.20 16.52 6.52
C ASN A 1006 -30.25 17.32 7.81
N LEU A 1007 -29.96 18.62 7.77
CA LEU A 1007 -29.96 19.42 8.99
C LEU A 1007 -31.37 19.68 9.49
N LEU A 1008 -32.37 19.63 8.62
CA LEU A 1008 -33.75 19.86 9.04
C LEU A 1008 -34.34 18.58 9.64
N ASP A 1009 -35.53 18.72 10.20
CA ASP A 1009 -36.19 17.63 10.92
C ASP A 1009 -37.35 17.00 10.14
N ASN A 1010 -38.08 17.79 9.36
CA ASN A 1010 -39.20 17.24 8.60
C ASN A 1010 -38.68 16.39 7.43
N LYS A 1011 -39.52 15.45 7.01
CA LYS A 1011 -39.18 14.55 5.92
C LYS A 1011 -40.06 14.70 4.69
N VAL A 1012 -41.39 14.70 4.85
CA VAL A 1012 -42.28 14.63 3.70
C VAL A 1012 -42.09 15.84 2.79
N LEU A 1013 -42.00 17.04 3.38
CA LEU A 1013 -41.79 18.23 2.58
C LEU A 1013 -40.45 18.19 1.85
N CYS A 1014 -39.40 17.72 2.53
CA CYS A 1014 -38.10 17.61 1.89
C CYS A 1014 -38.13 16.60 0.74
N ILE A 1015 -38.80 15.46 0.94
CA ILE A 1015 -38.91 14.48 -0.13
C ILE A 1015 -39.63 15.08 -1.33
N SER A 1016 -40.74 15.78 -1.07
CA SER A 1016 -41.50 16.38 -2.17
C SER A 1016 -40.69 17.41 -2.92
N PHE A 1017 -39.98 18.28 -2.20
CA PHE A 1017 -39.16 19.29 -2.87
C PHE A 1017 -38.05 18.66 -3.69
N PHE A 1018 -37.34 17.68 -3.11
CA PHE A 1018 -36.20 17.09 -3.80
C PHE A 1018 -36.67 16.32 -5.03
N GLN A 1019 -37.85 15.69 -4.96
CA GLN A 1019 -38.42 15.05 -6.14
C GLN A 1019 -38.84 16.10 -7.18
N ARG A 1020 -39.38 17.23 -6.74
CA ARG A 1020 -39.82 18.25 -7.67
C ARG A 1020 -38.64 18.82 -8.46
N MET A 1021 -37.51 19.04 -7.79
CA MET A 1021 -36.36 19.63 -8.47
C MET A 1021 -35.54 18.60 -9.23
N PHE A 1022 -35.24 17.46 -8.61
CA PHE A 1022 -34.33 16.49 -9.20
C PHE A 1022 -34.96 15.13 -9.47
N GLY A 1023 -36.09 14.81 -8.85
CA GLY A 1023 -36.74 13.54 -9.11
C GLY A 1023 -35.97 12.33 -8.65
N SER A 1024 -35.39 12.39 -7.45
CA SER A 1024 -34.65 11.28 -6.88
C SER A 1024 -35.04 11.12 -5.42
N ARG A 1025 -34.52 10.06 -4.80
CA ARG A 1025 -34.84 9.78 -3.41
C ARG A 1025 -33.71 10.25 -2.51
N PRO A 1026 -33.96 11.21 -1.62
CA PRO A 1026 -32.91 11.64 -0.68
C PRO A 1026 -32.57 10.55 0.31
N THR A 1027 -31.33 10.61 0.79
CA THR A 1027 -30.85 9.72 1.84
C THR A 1027 -30.68 10.49 3.14
N PHE A 1028 -30.96 9.85 4.25
CA PHE A 1028 -30.89 10.47 5.57
C PHE A 1028 -29.93 9.66 6.45
N TYR A 1029 -29.88 10.03 7.73
CA TYR A 1029 -29.04 9.33 8.70
C TYR A 1029 -29.55 7.92 8.93
N MET B 1 0.61 0.96 -48.15
CA MET B 1 1.69 1.88 -47.85
C MET B 1 1.28 3.32 -48.14
N ASN B 2 1.63 4.23 -47.22
CA ASN B 2 1.32 5.64 -47.36
C ASN B 2 2.56 6.46 -47.01
N SER B 3 2.63 7.67 -47.57
CA SER B 3 3.77 8.55 -47.36
C SER B 3 3.27 9.95 -47.02
N VAL B 4 4.04 10.65 -46.19
CA VAL B 4 3.77 12.03 -45.81
C VAL B 4 5.04 12.82 -45.99
N THR B 5 4.90 14.13 -46.19
CA THR B 5 6.04 15.02 -46.41
C THR B 5 6.22 15.93 -45.20
N ILE B 6 7.44 15.96 -44.68
CA ILE B 6 7.79 16.85 -43.57
C ILE B 6 8.58 18.03 -44.14
N SER B 7 8.71 19.08 -43.31
CA SER B 7 9.36 20.30 -43.78
C SER B 7 10.84 20.09 -44.02
N HIS B 8 11.54 19.44 -43.09
CA HIS B 8 12.97 19.25 -43.16
C HIS B 8 13.29 17.84 -43.63
N ALA B 9 14.58 17.49 -43.59
CA ALA B 9 15.02 16.17 -44.03
C ALA B 9 14.41 15.08 -43.16
N PRO B 10 14.15 13.89 -43.72
CA PRO B 10 14.43 13.45 -45.09
C PRO B 10 13.35 13.84 -46.09
N TYR B 11 12.42 14.71 -45.68
CA TYR B 11 11.33 15.24 -46.48
C TYR B 11 10.30 14.19 -46.88
N THR B 12 10.49 12.93 -46.49
CA THR B 12 9.57 11.88 -46.88
C THR B 12 9.63 10.76 -45.86
N ILE B 13 8.50 10.47 -45.22
CA ILE B 13 8.39 9.37 -44.28
C ILE B 13 7.37 8.38 -44.84
N THR B 14 7.80 7.14 -45.04
CA THR B 14 6.94 6.07 -45.53
C THR B 14 6.58 5.17 -44.35
N TYR B 15 5.29 4.93 -44.17
CA TYR B 15 4.81 4.20 -43.00
C TYR B 15 3.79 3.15 -43.42
N HIS B 16 3.70 2.11 -42.60
CA HIS B 16 2.72 1.05 -42.79
C HIS B 16 1.36 1.49 -42.23
N ASP B 17 0.32 0.77 -42.64
CA ASP B 17 -1.04 1.13 -42.24
C ASP B 17 -1.26 0.95 -40.74
N ASP B 18 -0.41 0.17 -40.07
CA ASP B 18 -0.56 -0.04 -38.64
C ASP B 18 -0.11 1.17 -37.83
N TRP B 19 0.66 2.06 -38.44
CA TRP B 19 1.12 3.28 -37.77
C TRP B 19 0.28 4.50 -38.14
N GLU B 20 -0.98 4.31 -38.49
CA GLU B 20 -1.81 5.44 -38.91
C GLU B 20 -2.07 6.47 -37.83
N PRO B 21 -2.49 6.11 -36.60
CA PRO B 21 -2.97 7.15 -35.67
C PRO B 21 -1.85 7.87 -34.92
N VAL B 22 -0.62 7.77 -35.42
CA VAL B 22 0.53 8.32 -34.72
C VAL B 22 1.32 9.24 -35.64
N MET B 23 1.10 9.11 -36.95
CA MET B 23 1.92 9.84 -37.92
C MET B 23 1.75 11.35 -37.83
N SER B 24 0.51 11.83 -37.65
CA SER B 24 0.28 13.27 -37.60
C SER B 24 1.03 13.90 -36.43
N GLN B 25 0.89 13.29 -35.25
CA GLN B 25 1.56 13.84 -34.07
C GLN B 25 3.06 13.68 -34.18
N LEU B 26 3.52 12.62 -34.83
CA LEU B 26 4.95 12.45 -35.07
C LEU B 26 5.50 13.57 -35.94
N VAL B 27 4.78 13.92 -37.01
CA VAL B 27 5.22 15.00 -37.89
C VAL B 27 5.22 16.32 -37.14
N GLU B 28 4.16 16.58 -36.36
CA GLU B 28 4.08 17.81 -35.60
C GLU B 28 5.22 17.94 -34.60
N PHE B 29 5.60 16.83 -33.95
CA PHE B 29 6.68 16.87 -32.99
C PHE B 29 8.04 16.97 -33.67
N TYR B 30 8.18 16.37 -34.86
CA TYR B 30 9.46 16.37 -35.55
C TYR B 30 9.76 17.73 -36.17
N ASN B 31 8.73 18.48 -36.56
CA ASN B 31 8.96 19.76 -37.21
C ASN B 31 9.68 20.76 -36.30
N GLU B 32 9.51 20.66 -34.99
CA GLU B 32 10.10 21.61 -34.08
C GLU B 32 11.48 21.21 -33.57
N VAL B 33 11.94 20.00 -33.88
CA VAL B 33 13.24 19.52 -33.43
C VAL B 33 14.18 19.19 -34.59
N ALA B 34 13.67 19.10 -35.82
CA ALA B 34 14.53 18.75 -36.95
C ALA B 34 15.61 19.79 -37.18
N SER B 35 15.27 21.08 -37.04
CA SER B 35 16.23 22.14 -37.36
C SER B 35 17.48 22.06 -36.48
N TRP B 36 17.29 21.85 -35.16
CA TRP B 36 18.42 21.71 -34.27
C TRP B 36 19.06 20.33 -34.36
N LEU B 37 18.27 19.30 -34.69
CA LEU B 37 18.80 17.94 -34.76
C LEU B 37 19.83 17.78 -35.87
N LEU B 38 19.61 18.42 -37.01
CA LEU B 38 20.42 18.17 -38.21
C LEU B 38 21.63 19.08 -38.32
N ARG B 39 21.93 19.89 -37.30
CA ARG B 39 23.13 20.70 -37.33
C ARG B 39 24.41 19.88 -37.21
N ASP B 40 24.31 18.60 -36.88
CA ASP B 40 25.48 17.77 -36.64
C ASP B 40 25.34 16.43 -37.37
N GLU B 41 26.49 15.83 -37.69
CA GLU B 41 26.50 14.51 -38.32
C GLU B 41 26.04 13.46 -37.33
N THR B 42 25.07 12.64 -37.74
CA THR B 42 24.43 11.67 -36.84
C THR B 42 24.45 10.28 -37.46
N SER B 43 24.47 9.27 -36.59
CA SER B 43 24.35 7.88 -36.99
C SER B 43 23.03 7.35 -36.49
N PRO B 44 22.16 6.82 -37.36
CA PRO B 44 22.43 6.65 -38.79
C PRO B 44 22.23 7.90 -39.62
N ILE B 45 22.41 7.75 -40.93
CA ILE B 45 22.14 8.80 -41.91
C ILE B 45 20.66 9.16 -41.79
N PRO B 46 20.28 10.43 -41.91
CA PRO B 46 18.87 10.80 -41.70
C PRO B 46 17.89 10.01 -42.56
N ASP B 47 18.32 9.48 -43.70
CA ASP B 47 17.43 8.68 -44.53
C ASP B 47 17.02 7.38 -43.87
N LYS B 48 17.78 6.91 -42.88
CA LYS B 48 17.53 5.64 -42.22
C LYS B 48 16.85 5.79 -40.86
N PHE B 49 16.31 6.97 -40.57
CA PHE B 49 15.73 7.21 -39.24
C PHE B 49 14.44 6.41 -39.05
N PHE B 50 13.55 6.43 -40.04
CA PHE B 50 12.20 5.91 -39.90
C PHE B 50 11.95 4.73 -40.82
N ILE B 51 12.89 3.78 -40.88
CA ILE B 51 12.72 2.63 -41.77
C ILE B 51 12.02 1.46 -41.09
N GLN B 52 11.93 1.45 -39.76
CA GLN B 52 11.11 0.45 -39.07
C GLN B 52 9.64 0.78 -39.07
N LEU B 53 9.25 1.96 -39.56
CA LEU B 53 7.85 2.30 -39.69
C LEU B 53 7.13 1.46 -40.76
N LYS B 54 7.88 0.74 -41.58
CA LYS B 54 7.30 -0.15 -42.58
C LYS B 54 6.77 -1.45 -41.97
N GLN B 55 7.36 -1.92 -40.87
CA GLN B 55 7.04 -3.22 -40.31
C GLN B 55 5.60 -3.24 -39.79
N PRO B 56 4.83 -4.28 -40.09
CA PRO B 56 3.49 -4.39 -39.49
C PRO B 56 3.57 -4.67 -38.00
N LEU B 57 2.52 -4.25 -37.29
CA LEU B 57 2.45 -4.40 -35.84
C LEU B 57 1.37 -5.38 -35.38
N ARG B 58 0.52 -5.85 -36.28
CA ARG B 58 -0.55 -6.76 -35.90
C ARG B 58 -0.14 -8.22 -35.99
N ASN B 59 1.14 -8.50 -36.25
CA ASN B 59 1.65 -9.86 -36.28
C ASN B 59 2.92 -10.01 -35.44
N LYS B 60 3.02 -9.24 -34.37
CA LYS B 60 4.19 -9.25 -33.50
C LYS B 60 3.77 -9.55 -32.06
N ARG B 61 4.66 -10.20 -31.32
CA ARG B 61 4.35 -10.64 -29.96
C ARG B 61 5.38 -10.17 -28.96
N VAL B 62 6.64 -10.02 -29.37
CA VAL B 62 7.73 -9.67 -28.48
C VAL B 62 8.50 -8.50 -29.06
N CYS B 63 8.91 -7.57 -28.20
CA CYS B 63 9.71 -6.41 -28.59
C CYS B 63 10.98 -6.36 -27.76
N VAL B 64 12.13 -6.35 -28.43
CA VAL B 64 13.43 -6.15 -27.79
C VAL B 64 13.88 -4.73 -28.08
N CYS B 65 14.23 -4.00 -27.03
CA CYS B 65 14.43 -2.56 -27.12
C CYS B 65 15.74 -2.16 -26.45
N GLY B 66 16.49 -1.28 -27.10
CA GLY B 66 17.66 -0.68 -26.52
C GLY B 66 17.42 0.78 -26.16
N ILE B 67 18.50 1.46 -25.77
CA ILE B 67 18.43 2.86 -25.39
C ILE B 67 18.98 3.79 -26.47
N ASP B 68 19.86 3.32 -27.33
CA ASP B 68 20.44 4.15 -28.38
C ASP B 68 20.94 3.24 -29.49
N PRO B 69 21.12 3.78 -30.70
CA PRO B 69 21.77 3.00 -31.75
C PRO B 69 23.24 2.81 -31.49
N TYR B 70 23.93 2.10 -32.37
CA TYR B 70 25.38 2.02 -32.25
C TYR B 70 25.98 3.39 -32.48
N PRO B 71 26.92 3.83 -31.63
CA PRO B 71 27.52 5.15 -31.83
C PRO B 71 28.15 5.33 -33.20
N LYS B 72 28.71 4.27 -33.78
CA LYS B 72 29.30 4.34 -35.11
C LYS B 72 28.73 3.21 -35.97
N ASP B 73 28.66 3.48 -37.27
CA ASP B 73 28.17 2.52 -38.27
C ASP B 73 26.74 2.09 -37.95
N GLY B 74 25.83 3.07 -37.99
CA GLY B 74 24.42 2.80 -37.80
C GLY B 74 23.74 2.40 -39.09
N THR B 75 23.07 1.25 -39.08
CA THR B 75 22.46 0.72 -40.29
C THR B 75 21.02 1.17 -40.50
N GLY B 76 20.26 1.38 -39.42
CA GLY B 76 18.90 1.81 -39.54
C GLY B 76 17.92 0.89 -38.83
N VAL B 77 18.15 -0.42 -38.93
CA VAL B 77 17.35 -1.38 -38.18
C VAL B 77 18.11 -1.68 -36.88
N PRO B 78 17.42 -1.80 -35.75
CA PRO B 78 18.12 -1.96 -34.48
C PRO B 78 18.85 -3.30 -34.39
N PHE B 79 19.97 -3.28 -33.67
CA PHE B 79 20.73 -4.49 -33.36
C PHE B 79 21.16 -5.23 -34.62
N GLU B 80 21.79 -4.52 -35.56
CA GLU B 80 22.29 -5.12 -36.78
C GLU B 80 23.77 -4.82 -36.95
N SER B 81 24.53 -5.84 -37.35
CA SER B 81 25.94 -5.68 -37.68
C SER B 81 26.25 -6.64 -38.82
N PRO B 82 26.23 -6.15 -40.07
CA PRO B 82 26.50 -7.04 -41.21
C PRO B 82 27.86 -7.70 -41.15
N ASN B 83 28.87 -7.03 -40.60
CA ASN B 83 30.21 -7.59 -40.50
C ASN B 83 30.45 -8.33 -39.19
N PHE B 84 29.44 -8.40 -38.30
CA PHE B 84 29.54 -9.07 -37.02
C PHE B 84 30.72 -8.54 -36.21
N THR B 85 30.64 -7.25 -35.90
CA THR B 85 31.71 -6.57 -35.17
C THR B 85 31.29 -6.03 -33.81
N LYS B 86 30.01 -5.75 -33.58
CA LYS B 86 29.58 -5.16 -32.32
C LYS B 86 29.62 -6.19 -31.20
N LYS B 87 29.95 -5.72 -30.00
CA LYS B 87 30.02 -6.60 -28.84
C LYS B 87 28.63 -7.08 -28.42
N SER B 88 27.64 -6.20 -28.47
CA SER B 88 26.30 -6.56 -28.00
C SER B 88 25.70 -7.67 -28.85
N ILE B 89 25.82 -7.57 -30.17
CA ILE B 89 25.30 -8.63 -31.03
C ILE B 89 26.09 -9.91 -30.83
N LYS B 90 27.39 -9.80 -30.58
CA LYS B 90 28.19 -11.00 -30.29
C LYS B 90 27.65 -11.71 -29.06
N GLU B 91 27.42 -10.98 -27.98
CA GLU B 91 26.99 -11.64 -26.74
C GLU B 91 25.57 -12.17 -26.86
N ILE B 92 24.70 -11.44 -27.57
CA ILE B 92 23.34 -11.92 -27.78
C ILE B 92 23.35 -13.21 -28.59
N ALA B 93 24.15 -13.25 -29.66
CA ALA B 93 24.24 -14.45 -30.48
C ALA B 93 24.85 -15.60 -29.68
N SER B 94 25.82 -15.31 -28.83
CA SER B 94 26.39 -16.36 -27.98
C SER B 94 25.35 -16.94 -27.04
N SER B 95 24.53 -16.07 -26.42
CA SER B 95 23.48 -16.56 -25.53
C SER B 95 22.46 -17.40 -26.28
N ILE B 96 22.05 -16.95 -27.47
CA ILE B 96 21.06 -17.70 -28.24
C ILE B 96 21.64 -19.05 -28.69
N SER B 97 22.91 -19.06 -29.10
CA SER B 97 23.55 -20.32 -29.49
C SER B 97 23.66 -21.28 -28.31
N ARG B 98 24.00 -20.75 -27.12
CA ARG B 98 24.06 -21.60 -25.94
C ARG B 98 22.69 -22.18 -25.61
N LEU B 99 21.64 -21.36 -25.73
CA LEU B 99 20.29 -21.84 -25.45
C LEU B 99 19.86 -22.91 -26.45
N THR B 100 20.12 -22.69 -27.73
CA THR B 100 19.66 -23.61 -28.77
C THR B 100 20.62 -24.80 -28.92
N GLY B 101 21.88 -24.53 -29.26
CA GLY B 101 22.86 -25.60 -29.40
C GLY B 101 23.69 -25.51 -30.66
N VAL B 102 23.33 -24.60 -31.56
CA VAL B 102 24.08 -24.43 -32.80
C VAL B 102 25.46 -23.90 -32.48
N ILE B 103 26.49 -24.50 -33.08
CA ILE B 103 27.87 -24.18 -32.77
C ILE B 103 28.48 -23.22 -33.78
N ASP B 104 28.39 -23.54 -35.05
CA ASP B 104 29.03 -22.76 -36.12
C ASP B 104 28.01 -21.86 -36.79
N TYR B 105 28.09 -20.56 -36.50
CA TYR B 105 27.20 -19.57 -37.09
C TYR B 105 28.02 -18.39 -37.57
N LYS B 106 27.69 -17.88 -38.76
CA LYS B 106 28.42 -16.75 -39.32
C LYS B 106 27.88 -15.40 -38.85
N GLY B 107 26.58 -15.30 -38.61
CA GLY B 107 25.99 -14.04 -38.19
C GLY B 107 24.63 -14.25 -37.58
N TYR B 108 24.14 -13.24 -36.88
CA TYR B 108 22.83 -13.27 -36.25
C TYR B 108 22.07 -11.99 -36.58
N ASN B 109 20.76 -12.12 -36.73
CA ASN B 109 19.92 -10.97 -37.07
C ASN B 109 18.59 -11.11 -36.36
N LEU B 110 18.17 -10.05 -35.65
CA LEU B 110 16.91 -10.08 -34.94
C LEU B 110 15.73 -9.60 -35.77
N ASN B 111 15.97 -9.13 -36.99
CA ASN B 111 14.89 -8.63 -37.85
C ASN B 111 14.31 -9.70 -38.75
N ILE B 112 14.76 -10.94 -38.63
CA ILE B 112 14.23 -12.02 -39.46
C ILE B 112 13.28 -12.92 -38.69
N ILE B 113 13.44 -13.02 -37.37
CA ILE B 113 12.58 -13.87 -36.56
C ILE B 113 11.15 -13.35 -36.60
N ASP B 114 10.21 -14.26 -36.83
CA ASP B 114 8.80 -13.89 -36.93
C ASP B 114 8.23 -13.62 -35.54
N GLY B 115 7.50 -12.50 -35.41
CA GLY B 115 6.92 -12.12 -34.15
C GLY B 115 7.80 -11.32 -33.23
N VAL B 116 9.02 -10.98 -33.65
CA VAL B 116 9.96 -10.22 -32.83
C VAL B 116 10.31 -8.95 -33.59
N ILE B 117 10.13 -7.81 -32.92
CA ILE B 117 10.42 -6.51 -33.52
C ILE B 117 11.50 -5.80 -32.71
N PRO B 118 12.71 -5.67 -33.24
CA PRO B 118 13.75 -4.91 -32.53
C PRO B 118 13.50 -3.42 -32.63
N TRP B 119 13.82 -2.70 -31.55
CA TRP B 119 13.51 -1.29 -31.48
C TRP B 119 14.64 -0.54 -30.77
N ASN B 120 14.75 0.74 -31.09
CA ASN B 120 15.65 1.67 -30.41
C ASN B 120 14.81 2.78 -29.79
N TYR B 121 15.02 3.03 -28.50
CA TYR B 121 14.26 4.08 -27.83
C TYR B 121 14.57 5.45 -28.43
N TYR B 122 15.85 5.78 -28.55
CA TYR B 122 16.27 6.98 -29.27
C TYR B 122 16.67 6.59 -30.68
N LEU B 123 16.14 7.29 -31.66
CA LEU B 123 16.32 6.92 -33.07
C LEU B 123 17.58 7.50 -33.69
N SER B 124 18.36 8.28 -32.95
CA SER B 124 19.56 8.89 -33.50
C SER B 124 20.57 9.13 -32.38
N CYS B 125 21.81 9.37 -32.78
CA CYS B 125 22.91 9.51 -31.84
C CYS B 125 24.09 10.14 -32.55
N LYS B 126 24.83 10.99 -31.86
CA LYS B 126 26.05 11.56 -32.41
C LYS B 126 27.11 10.48 -32.58
N LEU B 127 28.00 10.67 -33.55
CA LEU B 127 29.09 9.75 -33.77
C LEU B 127 30.07 9.80 -32.60
N GLY B 128 30.14 8.71 -31.83
CA GLY B 128 31.05 8.65 -30.71
C GLY B 128 30.58 9.35 -29.45
N GLU B 129 29.30 9.72 -29.37
CA GLU B 129 28.75 10.40 -28.20
C GLU B 129 27.44 9.72 -27.83
N THR B 130 27.52 8.73 -26.95
CA THR B 130 26.35 7.95 -26.55
C THR B 130 25.32 8.84 -25.85
N LYS B 131 24.06 8.69 -26.25
CA LYS B 131 22.93 9.42 -25.65
C LYS B 131 23.13 10.94 -25.74
N SER B 132 23.19 11.45 -26.97
CA SER B 132 23.36 12.87 -27.21
C SER B 132 22.17 13.50 -27.90
N HIS B 133 21.06 12.77 -28.07
CA HIS B 133 19.87 13.31 -28.72
C HIS B 133 18.62 12.91 -27.94
N ALA B 134 18.73 12.86 -26.62
CA ALA B 134 17.57 12.46 -25.81
C ALA B 134 16.51 13.56 -25.78
N ILE B 135 16.93 14.82 -25.62
CA ILE B 135 15.99 15.91 -25.51
C ILE B 135 15.22 16.09 -26.81
N TYR B 136 15.88 15.87 -27.95
CA TYR B 136 15.21 15.97 -29.24
C TYR B 136 14.17 14.89 -29.44
N TRP B 137 14.41 13.68 -28.94
CA TRP B 137 13.57 12.53 -29.26
C TRP B 137 12.51 12.19 -28.21
N ASP B 138 12.61 12.75 -27.00
CA ASP B 138 11.80 12.33 -25.87
C ASP B 138 10.34 12.04 -26.22
N LYS B 139 9.63 13.03 -26.75
CA LYS B 139 8.20 12.88 -27.01
C LYS B 139 7.93 11.81 -28.09
N ILE B 140 8.74 11.82 -29.16
CA ILE B 140 8.56 10.86 -30.23
C ILE B 140 8.77 9.44 -29.72
N SER B 141 9.81 9.25 -28.91
CA SER B 141 10.08 7.94 -28.31
C SER B 141 8.91 7.50 -27.43
N LYS B 142 8.40 8.41 -26.60
CA LYS B 142 7.25 8.09 -25.77
C LYS B 142 6.10 7.59 -26.61
N LEU B 143 5.75 8.36 -27.64
CA LEU B 143 4.57 8.06 -28.45
C LEU B 143 4.73 6.75 -29.22
N LEU B 144 5.88 6.55 -29.85
CA LEU B 144 6.10 5.33 -30.63
C LEU B 144 6.15 4.09 -29.74
N LEU B 145 6.83 4.17 -28.59
CA LEU B 145 6.88 3.01 -27.71
C LEU B 145 5.52 2.70 -27.13
N GLN B 146 4.74 3.73 -26.80
CA GLN B 146 3.37 3.49 -26.35
C GLN B 146 2.55 2.80 -27.41
N HIS B 147 2.71 3.21 -28.67
CA HIS B 147 1.97 2.55 -29.74
C HIS B 147 2.40 1.10 -29.91
N ILE B 148 3.71 0.83 -29.81
CA ILE B 148 4.19 -0.55 -29.95
C ILE B 148 3.65 -1.42 -28.83
N THR B 149 3.62 -0.88 -27.60
CA THR B 149 3.19 -1.64 -26.43
C THR B 149 1.76 -2.16 -26.59
N LYS B 150 0.87 -1.37 -27.19
CA LYS B 150 -0.52 -1.77 -27.30
C LYS B 150 -0.71 -3.02 -28.16
N HIS B 151 0.26 -3.35 -29.01
CA HIS B 151 0.14 -4.47 -29.93
C HIS B 151 0.91 -5.71 -29.49
N VAL B 152 2.06 -5.54 -28.84
CA VAL B 152 2.87 -6.67 -28.41
C VAL B 152 2.30 -7.25 -27.13
N SER B 153 2.76 -8.45 -26.76
CA SER B 153 2.32 -9.11 -25.53
C SER B 153 3.40 -9.16 -24.46
N VAL B 154 4.67 -9.23 -24.85
CA VAL B 154 5.79 -9.21 -23.93
C VAL B 154 6.81 -8.19 -24.41
N LEU B 155 7.22 -7.29 -23.52
CA LEU B 155 8.18 -6.25 -23.84
C LEU B 155 9.44 -6.49 -23.03
N TYR B 156 10.58 -6.58 -23.72
CA TYR B 156 11.84 -6.94 -23.10
C TYR B 156 12.80 -5.76 -23.24
N CYS B 157 13.33 -5.29 -22.11
CA CYS B 157 14.23 -4.15 -22.07
C CYS B 157 15.64 -4.62 -21.79
N LEU B 158 16.60 -4.12 -22.55
CA LEU B 158 18.01 -4.39 -22.32
C LEU B 158 18.64 -3.17 -21.67
N GLY B 159 19.16 -3.35 -20.45
CA GLY B 159 19.74 -2.25 -19.71
C GLY B 159 19.01 -1.93 -18.42
N LYS B 160 19.63 -2.25 -17.29
CA LYS B 160 18.99 -2.02 -15.99
C LYS B 160 18.87 -0.53 -15.70
N THR B 161 19.96 0.22 -15.87
CA THR B 161 19.96 1.62 -15.47
C THR B 161 19.20 2.50 -16.46
N ASP B 162 19.24 2.14 -17.73
CA ASP B 162 18.62 2.99 -18.75
C ASP B 162 17.11 2.99 -18.64
N PHE B 163 16.51 1.85 -18.31
CA PHE B 163 15.06 1.70 -18.24
C PHE B 163 14.58 1.51 -16.81
N SER B 164 15.16 2.28 -15.88
CA SER B 164 14.83 2.10 -14.46
C SER B 164 13.41 2.56 -14.14
N ASN B 165 12.81 3.42 -14.96
CA ASN B 165 11.47 3.93 -14.73
C ASN B 165 10.60 3.71 -15.95
N ILE B 166 10.66 2.51 -16.54
CA ILE B 166 9.91 2.25 -17.76
C ILE B 166 8.40 2.22 -17.47
N ARG B 167 8.01 1.85 -16.26
CA ARG B 167 6.59 1.79 -15.95
C ARG B 167 5.97 3.18 -15.87
N ALA B 168 6.73 4.17 -15.42
CA ALA B 168 6.22 5.53 -15.38
C ALA B 168 6.14 6.12 -16.79
N LYS B 169 6.92 5.59 -17.73
CA LYS B 169 6.93 6.11 -19.10
C LYS B 169 5.75 5.61 -19.92
N LEU B 170 5.07 4.58 -19.45
CA LEU B 170 3.91 4.01 -20.14
C LEU B 170 2.68 4.11 -19.24
N GLU B 171 1.52 4.21 -19.87
CA GLU B 171 0.27 4.34 -19.12
C GLU B 171 -0.41 2.99 -18.86
N SER B 172 -0.74 2.27 -19.92
CA SER B 172 -1.38 0.96 -19.76
C SER B 172 -0.33 -0.08 -19.37
N PRO B 173 -0.63 -0.96 -18.42
CA PRO B 173 0.35 -1.97 -18.02
C PRO B 173 0.56 -3.01 -19.11
N VAL B 174 1.80 -3.47 -19.23
CA VAL B 174 2.19 -4.55 -20.14
C VAL B 174 3.20 -5.43 -19.42
N THR B 175 3.41 -6.63 -19.94
CA THR B 175 4.36 -7.57 -19.35
C THR B 175 5.77 -7.06 -19.63
N THR B 176 6.38 -6.42 -18.64
CA THR B 176 7.70 -5.83 -18.78
C THR B 176 8.74 -6.70 -18.09
N ILE B 177 9.84 -6.95 -18.78
CA ILE B 177 11.00 -7.61 -18.20
C ILE B 177 12.23 -6.77 -18.53
N VAL B 178 12.99 -6.42 -17.49
CA VAL B 178 14.19 -5.61 -17.63
C VAL B 178 15.39 -6.50 -17.32
N GLY B 179 16.39 -6.46 -18.19
CA GLY B 179 17.57 -7.28 -18.01
C GLY B 179 18.85 -6.48 -18.09
N TYR B 180 19.96 -7.11 -17.71
CA TYR B 180 21.26 -6.47 -17.74
C TYR B 180 21.68 -6.20 -19.18
N HIS B 181 22.40 -5.10 -19.37
CA HIS B 181 22.92 -4.77 -20.69
C HIS B 181 23.93 -5.82 -21.12
N PRO B 182 24.04 -6.11 -22.43
CA PRO B 182 25.03 -7.10 -22.87
C PRO B 182 26.45 -6.76 -22.49
N ALA B 183 26.79 -5.47 -22.40
CA ALA B 183 28.13 -5.04 -22.02
C ALA B 183 28.28 -4.82 -20.52
N ALA B 184 27.45 -5.48 -19.71
CA ALA B 184 27.51 -5.27 -18.27
C ALA B 184 28.79 -5.86 -17.69
N ARG B 185 29.32 -5.20 -16.66
CA ARG B 185 30.52 -5.68 -16.00
C ARG B 185 30.21 -6.91 -15.17
N ASP B 186 31.23 -7.74 -14.98
CA ASP B 186 31.15 -9.01 -14.24
C ASP B 186 30.53 -10.14 -15.05
N HIS B 187 30.36 -9.96 -16.36
CA HIS B 187 29.76 -10.98 -17.23
C HIS B 187 28.38 -11.40 -16.72
N GLN B 188 27.57 -10.40 -16.35
CA GLN B 188 26.26 -10.69 -15.78
C GLN B 188 25.29 -11.23 -16.83
N PHE B 189 25.42 -10.81 -18.08
CA PHE B 189 24.49 -11.24 -19.12
C PHE B 189 24.58 -12.73 -19.41
N GLU B 190 25.70 -13.38 -19.07
CA GLU B 190 25.84 -14.80 -19.33
C GLU B 190 24.83 -15.62 -18.54
N LYS B 191 24.62 -15.28 -17.28
CA LYS B 191 23.72 -16.04 -16.42
C LYS B 191 22.25 -15.64 -16.60
N ASP B 192 21.97 -14.65 -17.43
CA ASP B 192 20.58 -14.26 -17.68
C ASP B 192 19.86 -15.34 -18.48
N ARG B 193 18.62 -15.60 -18.11
CA ARG B 193 17.81 -16.60 -18.79
C ARG B 193 16.49 -16.00 -19.24
N SER B 194 16.55 -14.82 -19.86
CA SER B 194 15.32 -14.08 -20.15
C SER B 194 14.57 -14.65 -21.34
N PHE B 195 15.26 -15.38 -22.23
CA PHE B 195 14.58 -15.88 -23.42
C PHE B 195 13.62 -17.02 -23.09
N GLU B 196 14.07 -17.97 -22.26
CA GLU B 196 13.17 -19.03 -21.81
C GLU B 196 12.01 -18.47 -21.01
N ILE B 197 12.28 -17.47 -20.17
CA ILE B 197 11.22 -16.81 -19.42
C ILE B 197 10.22 -16.16 -20.36
N ILE B 198 10.71 -15.52 -21.41
CA ILE B 198 9.84 -14.90 -22.40
C ILE B 198 8.93 -15.96 -23.02
N ASN B 199 9.52 -17.09 -23.45
CA ASN B 199 8.73 -18.14 -24.06
C ASN B 199 7.69 -18.69 -23.11
N VAL B 200 8.06 -18.88 -21.83
CA VAL B 200 7.10 -19.33 -20.83
C VAL B 200 5.97 -18.33 -20.67
N LEU B 201 6.29 -17.04 -20.69
CA LEU B 201 5.26 -16.02 -20.55
C LEU B 201 4.29 -16.05 -21.73
N LEU B 202 4.78 -16.26 -22.93
CA LEU B 202 3.83 -16.22 -24.05
C LEU B 202 3.02 -17.51 -24.03
N GLU B 203 3.63 -18.65 -23.71
CA GLU B 203 2.84 -19.88 -23.63
C GLU B 203 1.89 -19.87 -22.43
N LEU B 204 2.09 -18.96 -21.48
CA LEU B 204 1.17 -18.79 -20.38
C LEU B 204 -0.03 -17.91 -20.75
N ASP B 205 0.08 -17.17 -21.85
CA ASP B 205 -0.99 -16.30 -22.32
C ASP B 205 -1.54 -16.79 -23.64
N ASN B 206 -1.46 -18.11 -23.85
CA ASN B 206 -1.96 -18.76 -25.07
C ASN B 206 -1.35 -18.14 -26.32
N LYS B 207 -0.04 -17.94 -26.30
CA LYS B 207 0.69 -17.37 -27.42
C LYS B 207 1.82 -18.30 -27.82
N THR B 208 2.03 -18.42 -29.12
CA THR B 208 3.02 -19.36 -29.64
C THR B 208 4.43 -18.89 -29.28
N PRO B 209 5.28 -19.78 -28.77
CA PRO B 209 6.67 -19.41 -28.47
C PRO B 209 7.43 -18.92 -29.68
N ILE B 210 8.62 -18.37 -29.44
CA ILE B 210 9.46 -17.78 -30.49
C ILE B 210 10.67 -18.69 -30.70
N ASN B 211 10.94 -19.02 -31.95
CA ASN B 211 12.09 -19.84 -32.32
C ASN B 211 13.30 -18.93 -32.48
N TRP B 212 14.18 -18.94 -31.47
CA TRP B 212 15.33 -18.04 -31.50
C TRP B 212 16.40 -18.54 -32.46
N ALA B 213 16.35 -19.81 -32.84
CA ALA B 213 17.32 -20.36 -33.78
C ALA B 213 17.10 -19.89 -35.20
N GLN B 214 15.98 -19.19 -35.47
CA GLN B 214 15.66 -18.80 -36.83
C GLN B 214 16.52 -17.62 -37.30
N GLY B 215 16.99 -16.79 -36.37
CA GLY B 215 17.68 -15.57 -36.75
C GLY B 215 19.13 -15.76 -37.15
N PHE B 216 19.66 -16.99 -37.06
CA PHE B 216 21.05 -17.22 -37.39
C PHE B 216 21.30 -17.02 -38.88
N ILE B 217 22.48 -16.52 -39.21
CA ILE B 217 22.90 -16.30 -40.59
C ILE B 217 24.14 -17.13 -40.86
N TYR B 218 24.12 -17.88 -41.96
CA TYR B 218 25.25 -18.70 -42.34
C TYR B 218 25.93 -18.16 -43.60
N THR C 2 13.92 -13.43 -13.90
CA THR C 2 15.14 -13.10 -14.62
C THR C 2 16.23 -14.11 -14.24
N SER C 3 16.12 -14.64 -13.03
CA SER C 3 17.07 -15.63 -12.52
C SER C 3 16.49 -17.04 -12.68
N SER C 4 17.26 -18.03 -12.23
CA SER C 4 16.82 -19.41 -12.32
C SER C 4 15.61 -19.66 -11.44
N ALA C 5 15.58 -19.06 -10.25
CA ALA C 5 14.44 -19.25 -9.35
C ALA C 5 13.15 -18.74 -9.98
N ASP C 6 13.22 -17.60 -10.67
CA ASP C 6 12.04 -17.08 -11.35
C ASP C 6 11.58 -18.04 -12.45
N LEU C 7 12.52 -18.62 -13.19
CA LEU C 7 12.15 -19.57 -14.24
C LEU C 7 11.47 -20.79 -13.66
N THR C 8 12.01 -21.32 -12.56
CA THR C 8 11.39 -22.46 -11.91
C THR C 8 10.00 -22.12 -11.37
N ASN C 9 9.85 -20.93 -10.79
CA ASN C 9 8.54 -20.52 -10.30
C ASN C 9 7.53 -20.42 -11.44
N LEU C 10 7.95 -19.84 -12.57
CA LEU C 10 7.04 -19.73 -13.71
C LEU C 10 6.65 -21.10 -14.25
N LYS C 11 7.62 -22.01 -14.35
CA LYS C 11 7.31 -23.35 -14.82
C LYS C 11 6.35 -24.07 -13.88
N GLU C 12 6.55 -23.91 -12.57
CA GLU C 12 5.70 -24.63 -11.62
C GLU C 12 4.31 -24.02 -11.60
N LEU C 13 4.22 -22.70 -11.77
CA LEU C 13 2.91 -22.06 -11.93
C LEU C 13 2.19 -22.55 -13.17
N LEU C 14 2.91 -22.70 -14.28
CA LEU C 14 2.29 -23.22 -15.49
C LEU C 14 1.82 -24.65 -15.29
N SER C 15 2.62 -25.47 -14.59
CA SER C 15 2.21 -26.83 -14.30
C SER C 15 0.95 -26.87 -13.45
N LEU C 16 0.86 -25.99 -12.44
CA LEU C 16 -0.35 -25.90 -11.64
C LEU C 16 -1.55 -25.45 -12.48
N TYR C 17 -1.32 -24.49 -13.39
CA TYR C 17 -2.41 -23.98 -14.21
C TYR C 17 -2.96 -25.08 -15.11
N LYS C 18 -2.08 -25.93 -15.64
CA LYS C 18 -2.56 -26.99 -16.53
C LYS C 18 -3.55 -27.92 -15.81
N SER C 19 -3.25 -28.29 -14.57
CA SER C 19 -4.14 -29.14 -13.78
C SER C 19 -4.72 -28.30 -12.65
N LEU C 20 -5.80 -27.59 -12.96
CA LEU C 20 -6.50 -26.77 -11.98
C LEU C 20 -7.87 -27.30 -11.63
N ARG C 21 -8.52 -28.02 -12.55
CA ARG C 21 -9.74 -28.74 -12.21
C ARG C 21 -9.46 -29.91 -11.27
N PHE C 22 -8.22 -30.40 -11.26
CA PHE C 22 -7.80 -31.50 -10.40
C PHE C 22 -7.21 -30.99 -9.10
N SER C 23 -7.89 -30.10 -8.39
CA SER C 23 -7.22 -29.34 -7.34
C SER C 23 -8.02 -29.37 -6.03
N ASP C 24 -7.47 -28.71 -5.04
CA ASP C 24 -8.06 -28.60 -3.70
C ASP C 24 -7.70 -27.24 -3.11
N SER C 25 -7.86 -27.08 -1.79
CA SER C 25 -7.56 -25.81 -1.14
C SER C 25 -6.09 -25.45 -1.24
N VAL C 26 -5.20 -26.43 -1.02
CA VAL C 26 -3.77 -26.16 -0.95
C VAL C 26 -3.24 -25.74 -2.32
N ALA C 27 -3.61 -26.49 -3.36
CA ALA C 27 -3.15 -26.16 -4.70
C ALA C 27 -3.66 -24.80 -5.14
N ILE C 28 -4.92 -24.49 -4.85
CA ILE C 28 -5.47 -23.19 -5.22
C ILE C 28 -4.76 -22.07 -4.47
N GLU C 29 -4.47 -22.28 -3.19
CA GLU C 29 -3.75 -21.27 -2.43
C GLU C 29 -2.36 -21.02 -3.00
N LYS C 30 -1.63 -22.09 -3.32
CA LYS C 30 -0.29 -21.93 -3.90
C LYS C 30 -0.37 -21.24 -5.25
N TYR C 31 -1.35 -21.60 -6.07
CA TYR C 31 -1.52 -20.98 -7.38
C TYR C 31 -1.82 -19.49 -7.24
N ASN C 32 -2.68 -19.13 -6.30
CA ASN C 32 -2.98 -17.71 -6.07
C ASN C 32 -1.76 -16.95 -5.59
N SER C 33 -0.98 -17.55 -4.69
CA SER C 33 0.22 -16.89 -4.20
C SER C 33 1.21 -16.63 -5.34
N LEU C 34 1.41 -17.63 -6.21
CA LEU C 34 2.35 -17.43 -7.31
C LEU C 34 1.82 -16.46 -8.34
N VAL C 35 0.50 -16.42 -8.54
CA VAL C 35 -0.08 -15.42 -9.43
C VAL C 35 0.17 -14.02 -8.89
N GLU C 36 -0.01 -13.84 -7.57
CA GLU C 36 0.28 -12.53 -6.97
C GLU C 36 1.75 -12.16 -7.14
N TRP C 37 2.65 -13.11 -6.91
CA TRP C 37 4.08 -12.81 -7.07
C TRP C 37 4.40 -12.44 -8.51
N GLY C 38 3.85 -13.18 -9.48
CA GLY C 38 4.14 -12.90 -10.87
C GLY C 38 3.58 -11.56 -11.33
N THR C 39 2.35 -11.25 -10.95
CA THR C 39 1.76 -9.97 -11.35
C THR C 39 2.44 -8.80 -10.64
N SER C 40 3.04 -9.03 -9.47
CA SER C 40 3.82 -7.98 -8.83
C SER C 40 5.14 -7.77 -9.55
N THR C 41 5.82 -8.86 -9.91
CA THR C 41 7.15 -8.74 -10.50
C THR C 41 7.10 -8.23 -11.94
N TYR C 42 6.21 -8.78 -12.77
CA TYR C 42 6.21 -8.49 -14.21
C TYR C 42 5.11 -7.52 -14.62
N TRP C 43 4.33 -7.00 -13.68
CA TRP C 43 3.39 -5.90 -13.90
C TRP C 43 2.17 -6.30 -14.70
N LYS C 44 2.16 -7.52 -15.26
CA LYS C 44 0.98 -8.07 -15.91
C LYS C 44 1.27 -9.52 -16.27
N ILE C 45 0.25 -10.37 -16.12
CA ILE C 45 0.37 -11.80 -16.39
C ILE C 45 -0.92 -12.26 -17.03
N GLY C 46 -0.81 -13.16 -18.00
CA GLY C 46 -1.96 -13.59 -18.78
C GLY C 46 -3.04 -14.30 -17.99
N VAL C 47 -2.70 -14.86 -16.83
CA VAL C 47 -3.67 -15.57 -16.00
C VAL C 47 -3.96 -14.73 -14.76
N GLN C 48 -5.17 -14.91 -14.23
CA GLN C 48 -5.65 -14.15 -13.09
C GLN C 48 -5.91 -15.08 -11.91
N LYS C 49 -6.44 -14.50 -10.84
CA LYS C 49 -6.78 -15.26 -9.63
C LYS C 49 -8.21 -15.78 -9.75
N VAL C 50 -8.40 -17.06 -9.44
CA VAL C 50 -9.72 -17.69 -9.49
C VAL C 50 -9.96 -18.40 -8.18
N THR C 51 -11.26 -18.46 -7.76
CA THR C 51 -11.63 -18.79 -6.36
C THR C 51 -12.75 -19.82 -6.23
N ASN C 52 -13.58 -20.01 -7.25
CA ASN C 52 -14.66 -20.98 -7.17
C ASN C 52 -14.14 -22.38 -7.45
N VAL C 53 -13.65 -22.61 -8.67
CA VAL C 53 -12.99 -23.85 -9.08
C VAL C 53 -13.91 -25.05 -8.88
N GLU C 54 -14.58 -25.47 -9.95
CA GLU C 54 -15.43 -26.66 -9.92
C GLU C 54 -14.66 -27.82 -10.51
N THR C 55 -14.45 -28.87 -9.71
CA THR C 55 -13.67 -30.02 -10.17
C THR C 55 -14.49 -30.84 -11.15
N SER C 56 -13.90 -31.09 -12.32
CA SER C 56 -14.55 -31.90 -13.35
C SER C 56 -13.52 -32.77 -14.05
N ILE C 57 -13.99 -33.88 -14.60
CA ILE C 57 -13.16 -34.85 -15.30
C ILE C 57 -13.61 -35.07 -16.73
N SER C 58 -14.70 -34.42 -17.14
CA SER C 58 -15.41 -34.80 -18.36
C SER C 58 -14.58 -34.63 -19.63
N ASP C 59 -13.47 -33.89 -19.58
CA ASP C 59 -12.67 -33.73 -20.78
C ASP C 59 -12.03 -35.03 -21.23
N TYR C 60 -11.94 -36.02 -20.33
CA TYR C 60 -11.41 -37.34 -20.66
C TYR C 60 -12.51 -38.33 -21.01
N TYR C 61 -13.75 -37.88 -21.15
CA TYR C 61 -14.88 -38.78 -21.33
C TYR C 61 -15.74 -38.30 -22.50
N ASP C 62 -16.75 -39.10 -22.83
CA ASP C 62 -17.67 -38.79 -23.91
C ASP C 62 -19.10 -38.79 -23.40
N GLU C 63 -20.07 -38.70 -24.31
CA GLU C 63 -21.47 -38.80 -23.97
C GLU C 63 -21.82 -40.27 -23.83
N VAL C 64 -22.52 -40.63 -22.76
CA VAL C 64 -22.85 -42.02 -22.46
C VAL C 64 -23.78 -42.56 -23.53
N LYS C 65 -23.54 -43.79 -23.97
CA LYS C 65 -24.42 -44.43 -24.94
C LYS C 65 -25.64 -45.01 -24.24
N ASN C 66 -26.82 -44.59 -24.67
CA ASN C 66 -28.08 -45.00 -24.05
C ASN C 66 -28.87 -45.95 -24.94
N LYS C 67 -28.25 -46.48 -25.98
CA LYS C 67 -28.91 -47.37 -26.92
C LYS C 67 -27.85 -48.14 -27.69
N PRO C 68 -28.21 -49.28 -28.32
CA PRO C 68 -27.20 -50.06 -29.05
C PRO C 68 -26.47 -49.29 -30.13
N PHE C 69 -25.17 -49.56 -30.28
CA PHE C 69 -24.31 -48.86 -31.21
C PHE C 69 -23.33 -49.86 -31.82
N ASN C 70 -22.33 -49.34 -32.55
CA ASN C 70 -21.46 -50.17 -33.35
C ASN C 70 -19.99 -49.94 -33.00
N ILE C 71 -19.18 -50.98 -33.16
CA ILE C 71 -17.75 -50.92 -32.97
C ILE C 71 -17.06 -51.63 -34.14
N ASP C 72 -15.75 -51.47 -34.26
CA ASP C 72 -15.00 -52.13 -35.34
C ASP C 72 -13.51 -52.24 -35.09
N PRO C 73 -12.76 -51.13 -34.96
CA PRO C 73 -11.31 -51.21 -35.13
C PRO C 73 -10.51 -51.46 -33.86
N GLY C 74 -9.38 -52.15 -34.00
CA GLY C 74 -8.37 -52.22 -32.96
C GLY C 74 -8.66 -53.12 -31.77
N TYR C 75 -7.73 -53.16 -30.83
CA TYR C 75 -7.95 -53.89 -29.59
C TYR C 75 -8.64 -53.01 -28.57
N TYR C 76 -9.45 -53.62 -27.71
CA TYR C 76 -10.19 -52.90 -26.69
C TYR C 76 -9.87 -53.46 -25.31
N ILE C 77 -9.90 -52.57 -24.32
CA ILE C 77 -9.72 -52.92 -22.92
C ILE C 77 -10.97 -52.52 -22.17
N PHE C 78 -11.59 -53.48 -21.48
CA PHE C 78 -12.87 -53.28 -20.82
C PHE C 78 -12.68 -53.21 -19.32
N LEU C 79 -13.31 -52.20 -18.70
CA LEU C 79 -13.29 -51.97 -17.27
C LEU C 79 -14.71 -51.79 -16.75
N PRO C 80 -14.98 -52.15 -15.49
CA PRO C 80 -16.31 -51.94 -14.93
C PRO C 80 -16.43 -50.59 -14.23
N VAL C 81 -17.68 -50.16 -14.07
CA VAL C 81 -18.00 -48.92 -13.36
C VAL C 81 -18.85 -49.29 -12.16
N TYR C 82 -18.44 -48.85 -10.99
CA TYR C 82 -19.05 -49.26 -9.73
C TYR C 82 -20.00 -48.18 -9.21
N PHE C 83 -20.56 -48.43 -8.03
CA PHE C 83 -21.57 -47.58 -7.42
C PHE C 83 -21.00 -46.96 -6.16
N GLY C 84 -21.26 -45.68 -5.96
CA GLY C 84 -20.84 -45.00 -4.75
C GLY C 84 -20.16 -43.69 -5.10
N SER C 85 -19.71 -43.00 -4.06
CA SER C 85 -19.09 -41.70 -4.24
C SER C 85 -17.77 -41.85 -4.98
N VAL C 86 -17.50 -40.89 -5.87
CA VAL C 86 -16.33 -40.92 -6.74
C VAL C 86 -15.32 -39.91 -6.23
N PHE C 87 -14.05 -40.31 -6.20
CA PHE C 87 -12.96 -39.47 -5.74
C PHE C 87 -11.80 -39.58 -6.72
N ILE C 88 -10.95 -38.55 -6.73
CA ILE C 88 -9.81 -38.48 -7.62
C ILE C 88 -8.57 -38.09 -6.81
N TYR C 89 -7.51 -38.88 -6.93
CA TYR C 89 -6.24 -38.64 -6.25
C TYR C 89 -5.27 -38.01 -7.22
N SER C 90 -4.58 -36.96 -6.77
CA SER C 90 -3.70 -36.19 -7.63
C SER C 90 -2.27 -36.27 -7.11
N LYS C 91 -1.38 -35.49 -7.73
CA LYS C 91 0.03 -35.53 -7.40
C LYS C 91 0.28 -34.80 -6.08
N GLY C 92 0.62 -35.55 -5.04
CA GLY C 92 0.88 -34.96 -3.75
C GLY C 92 -0.31 -34.29 -3.11
N LYS C 93 -1.52 -34.71 -3.46
CA LYS C 93 -2.74 -34.09 -2.95
C LYS C 93 -3.56 -35.12 -2.17
N ASN C 94 -4.77 -34.71 -1.81
CA ASN C 94 -5.65 -35.50 -0.98
C ASN C 94 -6.76 -36.10 -1.85
N MET C 95 -7.61 -36.92 -1.26
CA MET C 95 -8.88 -37.25 -1.91
C MET C 95 -9.73 -36.00 -2.04
N VAL C 96 -10.24 -35.75 -3.24
CA VAL C 96 -11.16 -34.65 -3.48
C VAL C 96 -12.42 -35.18 -4.14
N GLU C 97 -13.56 -34.88 -3.54
CA GLU C 97 -14.87 -35.30 -4.03
C GLU C 97 -15.16 -34.60 -5.34
N LEU C 98 -15.70 -35.34 -6.31
CA LEU C 98 -16.01 -34.77 -7.61
C LEU C 98 -17.16 -33.79 -7.49
N GLY C 99 -17.05 -32.67 -8.18
CA GLY C 99 -18.10 -31.66 -8.24
C GLY C 99 -18.14 -30.72 -7.05
N SER C 100 -17.84 -31.21 -5.85
CA SER C 100 -17.91 -30.40 -4.64
C SER C 100 -16.60 -30.52 -3.88
N GLY C 101 -15.48 -30.33 -4.57
CA GLY C 101 -14.15 -30.64 -4.06
C GLY C 101 -13.88 -30.28 -2.62
N ASN C 102 -13.70 -31.32 -1.80
CA ASN C 102 -13.26 -31.15 -0.42
C ASN C 102 -12.05 -32.03 -0.17
N SER C 103 -11.62 -32.13 1.08
CA SER C 103 -10.50 -33.00 1.43
C SER C 103 -10.96 -34.11 2.35
N PHE C 104 -11.42 -35.22 1.77
CA PHE C 104 -11.85 -36.36 2.55
C PHE C 104 -10.68 -36.97 3.31
N GLN C 105 -11.00 -37.60 4.44
CA GLN C 105 -10.01 -38.25 5.29
C GLN C 105 -9.96 -39.73 4.97
N ILE C 106 -8.75 -40.24 4.75
CA ILE C 106 -8.55 -41.67 4.47
C ILE C 106 -7.58 -42.23 5.50
N PRO C 107 -7.80 -43.48 5.95
CA PRO C 107 -6.92 -44.15 6.93
C PRO C 107 -5.41 -43.89 6.88
N ASP C 108 -4.64 -44.96 6.76
CA ASP C 108 -3.19 -44.81 6.58
C ASP C 108 -2.67 -45.71 5.48
N GLU C 109 -3.28 -46.89 5.32
CA GLU C 109 -2.79 -47.88 4.36
C GLU C 109 -3.09 -47.44 2.94
N ILE C 110 -4.30 -46.92 2.71
CA ILE C 110 -4.69 -46.40 1.41
C ILE C 110 -3.76 -45.25 1.07
N ARG C 111 -3.45 -44.42 2.06
CA ARG C 111 -2.56 -43.29 1.86
C ARG C 111 -1.18 -43.75 1.41
N SER C 112 -0.62 -44.72 2.12
CA SER C 112 0.72 -45.21 1.78
C SER C 112 0.73 -45.81 0.38
N ALA C 113 -0.28 -46.63 0.08
CA ALA C 113 -0.33 -47.28 -1.22
C ALA C 113 -0.46 -46.27 -2.35
N CYS C 114 -1.34 -45.28 -2.19
CA CYS C 114 -1.51 -44.26 -3.22
C CYS C 114 -0.25 -43.43 -3.40
N ASN C 115 0.40 -43.06 -2.28
CA ASN C 115 1.61 -42.29 -2.39
C ASN C 115 2.70 -43.07 -3.11
N LYS C 116 2.82 -44.36 -2.84
CA LYS C 116 3.91 -45.12 -3.45
C LYS C 116 3.61 -45.41 -4.92
N VAL C 117 2.35 -45.63 -5.29
CA VAL C 117 2.04 -45.83 -6.70
C VAL C 117 2.25 -44.54 -7.48
N LEU C 118 1.96 -43.39 -6.86
CA LEU C 118 2.32 -42.12 -7.49
C LEU C 118 3.82 -41.98 -7.63
N ASP C 119 4.57 -42.42 -6.61
CA ASP C 119 6.03 -42.33 -6.67
C ASP C 119 6.63 -43.31 -7.66
N SER C 120 5.85 -44.28 -8.15
CA SER C 120 6.37 -45.24 -9.13
C SER C 120 6.83 -44.54 -10.40
N ASP C 121 6.06 -43.56 -10.88
CA ASP C 121 6.46 -42.82 -12.07
C ASP C 121 5.79 -41.45 -12.05
N ASN C 122 6.29 -40.55 -12.89
CA ASN C 122 5.80 -39.17 -12.93
C ASN C 122 4.43 -39.09 -13.59
N GLY C 123 4.23 -39.87 -14.66
CA GLY C 123 3.06 -39.68 -15.50
C GLY C 123 1.77 -40.33 -15.05
N ILE C 124 1.25 -39.93 -13.89
CA ILE C 124 -0.12 -40.25 -13.51
C ILE C 124 -0.90 -38.94 -13.41
N ASP C 125 -1.90 -38.76 -14.26
CA ASP C 125 -2.71 -37.56 -14.21
C ASP C 125 -3.58 -37.56 -12.96
N PHE C 126 -4.25 -38.68 -12.68
CA PHE C 126 -5.03 -38.85 -11.47
C PHE C 126 -5.40 -40.31 -11.30
N LEU C 127 -5.84 -40.66 -10.09
CA LEU C 127 -6.34 -42.00 -9.78
C LEU C 127 -7.80 -41.91 -9.38
N ARG C 128 -8.62 -42.81 -9.93
CA ARG C 128 -10.06 -42.78 -9.67
C ARG C 128 -10.42 -43.82 -8.62
N PHE C 129 -11.22 -43.40 -7.65
CA PHE C 129 -11.63 -44.23 -6.53
C PHE C 129 -13.14 -44.16 -6.36
N VAL C 130 -13.72 -45.26 -5.88
CA VAL C 130 -15.14 -45.33 -5.56
C VAL C 130 -15.28 -45.91 -4.15
N LEU C 131 -16.02 -45.20 -3.30
CA LEU C 131 -16.32 -45.65 -1.95
C LEU C 131 -17.71 -46.26 -1.94
N LEU C 132 -17.80 -47.51 -1.48
CA LEU C 132 -19.07 -48.22 -1.47
C LEU C 132 -19.19 -48.98 -0.15
N ASN C 133 -19.95 -48.42 0.79
CA ASN C 133 -20.13 -49.02 2.11
C ASN C 133 -18.78 -49.28 2.79
N ASN C 134 -17.97 -48.23 2.89
CA ASN C 134 -16.66 -48.28 3.51
C ASN C 134 -15.75 -49.32 2.86
N ARG C 135 -15.78 -49.41 1.53
CA ARG C 135 -14.97 -50.36 0.78
C ARG C 135 -14.31 -49.61 -0.37
N TRP C 136 -13.08 -49.16 -0.16
CA TRP C 136 -12.34 -48.46 -1.19
C TRP C 136 -12.03 -49.38 -2.36
N ILE C 137 -12.26 -48.89 -3.57
CA ILE C 137 -12.01 -49.63 -4.80
C ILE C 137 -11.35 -48.70 -5.80
N MET C 138 -10.10 -48.98 -6.16
CA MET C 138 -9.48 -48.27 -7.27
C MET C 138 -10.11 -48.72 -8.58
N GLU C 139 -10.66 -47.77 -9.33
CA GLU C 139 -11.45 -48.09 -10.50
C GLU C 139 -10.72 -47.89 -11.81
N ASP C 140 -9.86 -46.88 -11.92
CA ASP C 140 -9.27 -46.51 -13.21
C ASP C 140 -8.16 -45.49 -13.00
N ALA C 141 -7.23 -45.41 -13.95
CA ALA C 141 -6.19 -44.40 -13.92
C ALA C 141 -5.84 -43.98 -15.33
N ILE C 142 -5.64 -42.69 -15.56
CA ILE C 142 -5.36 -42.20 -16.90
C ILE C 142 -3.91 -41.74 -16.98
N SER C 143 -3.31 -41.93 -18.15
CA SER C 143 -1.97 -41.46 -18.43
C SER C 143 -1.80 -41.37 -19.95
N LYS C 144 -0.84 -40.56 -20.37
CA LYS C 144 -0.55 -40.40 -21.78
C LYS C 144 0.52 -41.36 -22.29
N TYR C 145 1.09 -42.19 -21.41
CA TYR C 145 2.21 -43.04 -21.77
C TYR C 145 1.77 -44.48 -21.66
N GLN C 146 1.26 -44.93 -20.51
CA GLN C 146 0.94 -46.34 -20.33
C GLN C 146 -0.52 -46.59 -20.64
N SER C 147 -0.98 -47.80 -20.31
CA SER C 147 -2.35 -48.25 -20.39
C SER C 147 -2.75 -48.81 -19.02
N PRO C 148 -4.02 -48.72 -18.64
CA PRO C 148 -4.39 -49.13 -17.27
C PRO C 148 -4.27 -50.62 -17.04
N VAL C 149 -3.05 -51.15 -17.17
CA VAL C 149 -2.78 -52.56 -16.94
C VAL C 149 -1.60 -52.70 -15.98
N ASN C 150 -0.49 -52.05 -16.30
CA ASN C 150 0.71 -52.09 -15.46
C ASN C 150 0.43 -51.47 -14.10
N ILE C 151 -0.24 -50.32 -14.09
CA ILE C 151 -0.57 -49.62 -12.85
C ILE C 151 -1.55 -50.48 -12.06
N PHE C 152 -2.42 -51.20 -12.76
CA PHE C 152 -3.36 -52.09 -12.10
C PHE C 152 -2.62 -53.21 -11.35
N LYS C 153 -1.66 -53.85 -12.03
CA LYS C 153 -0.89 -54.90 -11.38
C LYS C 153 -0.09 -54.33 -10.21
N LEU C 154 0.47 -53.14 -10.39
CA LEU C 154 1.27 -52.51 -9.35
C LEU C 154 0.41 -52.25 -8.11
N ALA C 155 -0.79 -51.73 -8.31
CA ALA C 155 -1.71 -51.49 -7.21
C ALA C 155 -2.09 -52.79 -6.52
N SER C 156 -2.30 -53.87 -7.30
CA SER C 156 -2.57 -55.17 -6.70
C SER C 156 -1.42 -55.61 -5.79
N GLU C 157 -0.19 -55.45 -6.26
CA GLU C 157 0.94 -55.94 -5.48
C GLU C 157 1.31 -54.96 -4.37
N TYR C 158 0.66 -53.80 -4.30
CA TYR C 158 0.85 -52.94 -3.12
C TYR C 158 -0.24 -53.16 -2.07
N GLY C 159 -1.39 -53.70 -2.48
CA GLY C 159 -2.37 -54.11 -1.50
C GLY C 159 -3.75 -53.49 -1.57
N LEU C 160 -3.97 -52.56 -2.50
CA LEU C 160 -5.29 -51.98 -2.71
C LEU C 160 -5.94 -52.66 -3.91
N ASN C 161 -7.21 -53.02 -3.74
CA ASN C 161 -7.87 -53.89 -4.70
C ASN C 161 -8.15 -53.17 -6.02
N ILE C 162 -8.14 -53.93 -7.11
CA ILE C 162 -8.51 -53.42 -8.42
C ILE C 162 -9.56 -54.36 -9.00
N PRO C 163 -10.33 -53.89 -9.99
CA PRO C 163 -11.21 -54.82 -10.71
C PRO C 163 -10.42 -55.60 -11.74
N ASN C 164 -10.89 -56.80 -12.09
CA ASN C 164 -10.24 -57.59 -13.13
C ASN C 164 -10.45 -56.93 -14.49
N TYR C 165 -9.34 -56.75 -15.20
CA TYR C 165 -9.34 -56.06 -16.49
C TYR C 165 -9.27 -57.08 -17.62
N LEU C 166 -10.06 -56.83 -18.66
CA LEU C 166 -10.23 -57.76 -19.77
C LEU C 166 -9.58 -57.17 -21.02
N GLU C 167 -8.72 -57.95 -21.67
CA GLU C 167 -8.15 -57.57 -22.96
C GLU C 167 -8.77 -58.47 -24.02
N ILE C 168 -9.34 -57.86 -25.07
CA ILE C 168 -10.07 -58.58 -26.09
C ILE C 168 -9.78 -57.94 -27.44
N GLU C 169 -10.08 -58.67 -28.51
CA GLU C 169 -9.90 -58.19 -29.87
C GLU C 169 -11.20 -58.35 -30.66
N ILE C 170 -11.39 -57.48 -31.66
CA ILE C 170 -12.59 -57.46 -32.47
C ILE C 170 -12.19 -57.24 -33.93
N GLU C 171 -12.80 -58.01 -34.84
CA GLU C 171 -12.61 -57.82 -36.27
C GLU C 171 -13.87 -57.38 -37.00
N GLU C 172 -14.97 -58.12 -36.90
CA GLU C 172 -16.15 -57.90 -37.72
C GLU C 172 -17.06 -56.81 -37.15
N ASP C 173 -18.16 -56.53 -37.86
CA ASP C 173 -19.06 -55.44 -37.48
C ASP C 173 -20.20 -56.00 -36.63
N THR C 174 -20.12 -55.76 -35.33
CA THR C 174 -21.16 -56.21 -34.41
C THR C 174 -21.83 -55.00 -33.77
N LEU C 175 -23.11 -55.13 -33.47
CA LEU C 175 -23.84 -54.08 -32.78
C LEU C 175 -23.82 -54.33 -31.29
N PHE C 176 -23.05 -53.53 -30.54
CA PHE C 176 -22.92 -53.73 -29.09
C PHE C 176 -24.29 -53.54 -28.46
N ASP C 177 -24.88 -54.63 -27.99
CA ASP C 177 -26.29 -54.66 -27.61
C ASP C 177 -26.46 -55.22 -26.20
N ASP C 178 -27.71 -55.48 -25.83
CA ASP C 178 -28.02 -55.96 -24.49
C ASP C 178 -27.37 -57.30 -24.22
N GLU C 179 -27.41 -58.22 -25.19
CA GLU C 179 -26.89 -59.57 -24.96
C GLU C 179 -25.38 -59.55 -24.79
N LEU C 180 -24.68 -58.81 -25.64
CA LEU C 180 -23.23 -58.70 -25.52
C LEU C 180 -22.83 -58.00 -24.21
N TYR C 181 -23.57 -56.96 -23.83
CA TYR C 181 -23.31 -56.30 -22.56
C TYR C 181 -23.49 -57.27 -21.40
N SER C 182 -24.55 -58.07 -21.45
CA SER C 182 -24.78 -59.05 -20.39
C SER C 182 -23.65 -60.06 -20.32
N ILE C 183 -23.21 -60.58 -21.48
CA ILE C 183 -22.13 -61.57 -21.49
C ILE C 183 -20.86 -60.95 -20.92
N MET C 184 -20.51 -59.75 -21.34
CA MET C 184 -19.24 -59.16 -20.93
C MET C 184 -19.29 -58.77 -19.45
N GLU C 185 -20.45 -58.34 -18.96
CA GLU C 185 -20.62 -58.10 -17.54
C GLU C 185 -20.47 -59.38 -16.73
N ARG C 186 -21.07 -60.49 -17.19
CA ARG C 186 -20.87 -61.77 -16.53
C ARG C 186 -19.40 -62.16 -16.54
N SER C 187 -18.69 -61.79 -17.60
CA SER C 187 -17.27 -62.13 -17.73
C SER C 187 -16.41 -61.53 -16.62
N PHE C 188 -16.89 -60.50 -15.92
CA PHE C 188 -16.15 -59.97 -14.79
C PHE C 188 -16.12 -60.94 -13.61
N ASP C 189 -17.22 -61.66 -13.39
CA ASP C 189 -17.35 -62.62 -12.29
C ASP C 189 -17.13 -61.94 -10.94
N ASP C 190 -18.01 -61.00 -10.64
CA ASP C 190 -17.97 -60.28 -9.38
C ASP C 190 -19.39 -60.07 -8.87
N THR C 191 -19.51 -59.79 -7.58
CA THR C 191 -20.79 -59.59 -6.93
C THR C 191 -21.05 -58.14 -6.54
N PHE C 192 -20.05 -57.27 -6.62
CA PHE C 192 -20.26 -55.87 -6.29
C PHE C 192 -21.11 -55.22 -7.39
N PRO C 193 -21.80 -54.12 -7.10
CA PRO C 193 -22.66 -53.50 -8.12
C PRO C 193 -21.91 -52.89 -9.29
N LYS C 194 -22.36 -53.18 -10.51
CA LYS C 194 -21.83 -52.56 -11.72
C LYS C 194 -22.92 -51.69 -12.37
N ILE C 195 -22.49 -50.58 -12.97
CA ILE C 195 -23.44 -49.65 -13.59
C ILE C 195 -23.08 -49.39 -15.05
N SER C 196 -21.80 -49.48 -15.39
CA SER C 196 -21.38 -49.11 -16.74
C SER C 196 -20.05 -49.79 -17.05
N ILE C 197 -19.61 -49.61 -18.29
CA ILE C 197 -18.35 -50.17 -18.77
C ILE C 197 -17.54 -49.04 -19.39
N SER C 198 -16.27 -48.96 -19.01
CA SER C 198 -15.34 -47.99 -19.59
C SER C 198 -14.34 -48.74 -20.46
N TYR C 199 -14.26 -48.37 -21.73
CA TYR C 199 -13.43 -49.08 -22.69
C TYR C 199 -12.61 -48.09 -23.50
N ILE C 200 -11.40 -48.50 -23.88
CA ILE C 200 -10.46 -47.64 -24.58
C ILE C 200 -9.94 -48.37 -25.81
N LYS C 201 -9.37 -47.59 -26.72
CA LYS C 201 -8.61 -48.11 -27.85
C LYS C 201 -7.15 -47.74 -27.63
N LEU C 202 -6.25 -48.63 -28.05
CA LEU C 202 -4.84 -48.49 -27.70
C LEU C 202 -4.24 -47.23 -28.30
N GLY C 203 -3.97 -46.23 -27.46
CA GLY C 203 -3.41 -44.98 -27.90
C GLY C 203 -4.30 -43.79 -27.66
N GLU C 204 -5.61 -43.97 -27.88
CA GLU C 204 -6.54 -42.86 -27.75
C GLU C 204 -6.75 -42.50 -26.28
N LEU C 205 -6.70 -41.20 -25.99
CA LEU C 205 -6.92 -40.69 -24.64
C LEU C 205 -8.38 -40.70 -24.22
N LYS C 206 -9.29 -40.38 -25.13
CA LYS C 206 -10.69 -40.23 -24.77
C LYS C 206 -11.29 -41.58 -24.41
N ARG C 207 -12.05 -41.61 -23.31
CA ARG C 207 -12.63 -42.84 -22.79
C ARG C 207 -14.14 -42.72 -22.77
N GLN C 208 -14.82 -43.72 -23.33
CA GLN C 208 -16.26 -43.66 -23.52
C GLN C 208 -16.93 -44.83 -22.81
N VAL C 209 -18.12 -44.56 -22.28
CA VAL C 209 -18.83 -45.50 -21.42
C VAL C 209 -20.24 -45.71 -21.96
N VAL C 210 -20.85 -46.83 -21.61
CA VAL C 210 -22.18 -47.20 -22.07
C VAL C 210 -23.05 -47.51 -20.86
N ASP C 211 -24.37 -47.42 -21.04
CA ASP C 211 -25.32 -47.60 -19.96
C ASP C 211 -26.66 -48.03 -20.54
N PHE C 212 -27.00 -49.31 -20.37
CA PHE C 212 -28.27 -49.84 -20.85
C PHE C 212 -29.20 -50.05 -19.66
N PHE C 213 -30.36 -49.40 -19.69
CA PHE C 213 -31.28 -49.44 -18.57
C PHE C 213 -32.69 -49.14 -19.06
N LYS C 214 -33.62 -49.08 -18.09
CA LYS C 214 -35.00 -48.72 -18.36
C LYS C 214 -35.67 -48.31 -17.05
N PHE C 215 -36.80 -47.61 -17.17
CA PHE C 215 -37.52 -47.10 -16.00
C PHE C 215 -38.34 -48.22 -15.34
N SER C 216 -38.74 -47.95 -14.10
CA SER C 216 -39.64 -48.83 -13.36
C SER C 216 -40.22 -48.06 -12.18
N PHE C 217 -41.38 -48.52 -11.71
CA PHE C 217 -42.04 -47.96 -10.55
C PHE C 217 -42.33 -49.06 -9.55
N MET C 218 -41.99 -48.81 -8.29
CA MET C 218 -42.27 -49.77 -7.23
C MET C 218 -42.47 -49.05 -5.90
N TYR C 219 -43.10 -49.75 -4.97
CA TYR C 219 -43.53 -49.18 -3.70
C TYR C 219 -42.38 -49.18 -2.71
N ILE C 220 -42.44 -48.30 -1.71
CA ILE C 220 -41.45 -48.28 -0.64
C ILE C 220 -42.12 -48.74 0.64
N GLU C 221 -41.56 -49.77 1.27
CA GLU C 221 -42.24 -50.45 2.37
C GLU C 221 -41.64 -50.16 3.74
N SER C 222 -40.34 -49.90 3.84
CA SER C 222 -39.74 -49.56 5.12
C SER C 222 -38.32 -49.03 4.95
N ILE C 223 -37.98 -47.98 5.70
CA ILE C 223 -36.59 -47.54 5.80
C ILE C 223 -35.99 -48.13 7.07
N LYS C 224 -34.93 -48.92 6.92
CA LYS C 224 -34.29 -49.53 8.07
C LYS C 224 -32.78 -49.47 7.88
N VAL C 225 -32.05 -49.47 8.99
CA VAL C 225 -30.59 -49.43 8.92
C VAL C 225 -30.03 -50.84 8.84
N ASP C 226 -28.78 -50.94 8.40
CA ASP C 226 -28.07 -52.21 8.30
C ASP C 226 -26.63 -52.02 8.74
N ARG C 227 -26.13 -52.93 9.57
CA ARG C 227 -24.76 -52.85 10.04
C ARG C 227 -23.79 -53.16 8.91
N ILE C 228 -22.78 -52.30 8.75
CA ILE C 228 -21.67 -52.52 7.83
C ILE C 228 -20.33 -52.38 8.49
N GLY C 229 -20.27 -52.43 9.82
CA GLY C 229 -19.02 -52.23 10.53
C GLY C 229 -19.30 -51.93 11.99
N ASP C 230 -18.31 -51.31 12.62
CA ASP C 230 -18.47 -50.90 14.01
C ASP C 230 -19.12 -49.53 14.11
N ASN C 231 -20.34 -49.48 14.63
CA ASN C 231 -21.08 -48.25 14.90
C ASN C 231 -21.55 -47.58 13.61
N ILE C 232 -21.19 -48.12 12.45
CA ILE C 232 -21.55 -47.52 11.17
C ILE C 232 -22.74 -48.25 10.59
N PHE C 233 -23.78 -47.50 10.22
CA PHE C 233 -24.99 -48.07 9.64
C PHE C 233 -25.18 -47.52 8.24
N ILE C 234 -25.97 -48.24 7.45
CA ILE C 234 -26.21 -47.88 6.05
C ILE C 234 -27.71 -47.85 5.83
N PRO C 235 -28.23 -46.93 5.02
CA PRO C 235 -29.67 -46.93 4.74
C PRO C 235 -30.05 -48.00 3.73
N SER C 236 -31.33 -48.35 3.75
CA SER C 236 -31.86 -49.41 2.90
C SER C 236 -33.38 -49.34 2.91
N VAL C 237 -33.98 -49.64 1.76
CA VAL C 237 -35.43 -49.76 1.66
C VAL C 237 -35.78 -51.07 0.98
N ILE C 238 -36.75 -51.80 1.53
CA ILE C 238 -37.16 -53.07 0.95
C ILE C 238 -38.53 -52.90 0.29
N THR C 239 -38.83 -53.79 -0.66
CA THR C 239 -40.05 -53.73 -1.44
C THR C 239 -41.06 -54.76 -0.94
N LYS C 240 -42.25 -54.77 -1.55
CA LYS C 240 -43.23 -55.80 -1.25
C LYS C 240 -42.71 -57.17 -1.65
N SER C 241 -42.08 -57.26 -2.83
CA SER C 241 -41.45 -58.50 -3.25
C SER C 241 -40.16 -58.77 -2.49
N GLY C 242 -39.66 -57.81 -1.72
CA GLY C 242 -38.42 -57.97 -1.00
C GLY C 242 -37.20 -57.46 -1.70
N LYS C 243 -37.36 -56.78 -2.83
CA LYS C 243 -36.21 -56.28 -3.58
C LYS C 243 -35.49 -55.20 -2.77
N LYS C 244 -34.19 -55.06 -3.01
CA LYS C 244 -33.34 -54.16 -2.24
C LYS C 244 -32.95 -52.99 -3.14
N ILE C 245 -33.49 -51.82 -2.87
CA ILE C 245 -33.17 -50.61 -3.61
C ILE C 245 -31.93 -49.99 -3.00
N LEU C 246 -30.86 -49.94 -3.79
CA LEU C 246 -29.56 -49.47 -3.29
C LEU C 246 -29.52 -47.96 -3.25
N VAL C 247 -28.93 -47.41 -2.19
CA VAL C 247 -28.78 -45.99 -1.99
C VAL C 247 -27.31 -45.70 -1.67
N LYS C 248 -26.74 -44.70 -2.33
CA LYS C 248 -25.32 -44.41 -2.16
C LYS C 248 -25.00 -43.96 -0.74
N ASP C 249 -25.79 -43.04 -0.20
CA ASP C 249 -25.35 -42.25 0.96
C ASP C 249 -26.59 -41.73 1.67
N VAL C 250 -26.40 -41.18 2.87
CA VAL C 250 -27.48 -40.53 3.61
C VAL C 250 -27.94 -39.32 2.81
N ASP C 251 -26.98 -38.58 2.26
CA ASP C 251 -27.29 -37.41 1.43
C ASP C 251 -28.23 -37.78 0.30
N HIS C 252 -28.09 -38.99 -0.23
CA HIS C 252 -28.97 -39.44 -1.31
C HIS C 252 -30.41 -39.49 -0.84
N LEU C 253 -30.66 -40.00 0.38
CA LEU C 253 -32.02 -39.98 0.90
C LEU C 253 -32.49 -38.56 1.19
N ILE C 254 -31.61 -37.72 1.75
CA ILE C 254 -32.03 -36.37 2.11
C ILE C 254 -32.46 -35.61 0.87
N ARG C 255 -31.71 -35.72 -0.22
CA ARG C 255 -32.00 -34.97 -1.43
C ARG C 255 -32.99 -35.67 -2.35
N SER C 256 -33.19 -36.98 -2.17
CA SER C 256 -34.19 -37.72 -2.95
C SER C 256 -35.57 -37.70 -2.35
N LYS C 257 -35.71 -37.26 -1.09
CA LYS C 257 -37.02 -37.12 -0.43
C LYS C 257 -37.82 -38.41 -0.48
N VAL C 258 -37.19 -39.53 -0.14
CA VAL C 258 -37.88 -40.81 -0.04
C VAL C 258 -38.96 -40.68 1.03
N ARG C 259 -40.09 -41.36 0.82
CA ARG C 259 -41.21 -41.29 1.75
C ARG C 259 -41.63 -42.70 2.14
N GLU C 260 -41.90 -42.90 3.42
CA GLU C 260 -42.44 -44.17 3.89
C GLU C 260 -43.80 -44.45 3.27
N HIS C 261 -43.99 -45.69 2.81
CA HIS C 261 -45.27 -46.17 2.29
C HIS C 261 -45.76 -45.36 1.10
N THR C 262 -44.90 -45.17 0.09
CA THR C 262 -45.29 -44.44 -1.12
C THR C 262 -44.73 -45.12 -2.35
N PHE C 263 -44.79 -44.44 -3.50
CA PHE C 263 -44.27 -44.95 -4.76
C PHE C 263 -43.21 -44.01 -5.30
N VAL C 264 -42.15 -44.57 -5.87
CA VAL C 264 -41.03 -43.82 -6.43
C VAL C 264 -40.68 -44.41 -7.79
N LYS C 265 -39.80 -43.70 -8.51
CA LYS C 265 -39.32 -44.14 -9.82
C LYS C 265 -37.89 -44.63 -9.64
N VAL C 266 -37.59 -45.77 -10.26
CA VAL C 266 -36.30 -46.42 -10.10
C VAL C 266 -35.86 -47.04 -11.41
N LYS C 267 -34.58 -46.87 -11.75
CA LYS C 267 -33.95 -47.59 -12.86
C LYS C 267 -33.36 -48.90 -12.38
N LYS C 268 -33.90 -49.99 -12.92
CA LYS C 268 -33.52 -51.35 -12.59
C LYS C 268 -32.70 -51.94 -13.73
N LYS C 269 -31.77 -52.82 -13.37
CA LYS C 269 -30.93 -53.46 -14.36
C LYS C 269 -31.00 -54.97 -14.12
N ASN C 270 -30.15 -55.72 -14.84
CA ASN C 270 -30.29 -57.18 -14.88
C ASN C 270 -30.29 -57.80 -13.50
N THR C 271 -29.50 -57.25 -12.57
CA THR C 271 -29.47 -57.79 -11.22
C THR C 271 -30.23 -56.93 -10.22
N PHE C 272 -29.85 -55.66 -10.07
CA PHE C 272 -30.35 -54.85 -8.97
C PHE C 272 -31.03 -53.60 -9.52
N SER C 273 -31.39 -52.69 -8.62
CA SER C 273 -31.97 -51.41 -8.97
C SER C 273 -31.36 -50.32 -8.09
N ILE C 274 -31.37 -49.09 -8.59
CA ILE C 274 -30.81 -47.95 -7.88
C ILE C 274 -31.81 -46.79 -7.91
N LEU C 275 -32.03 -46.19 -6.75
CA LEU C 275 -32.99 -45.10 -6.62
C LEU C 275 -32.43 -43.84 -7.29
N TYR C 276 -33.33 -43.03 -7.82
CA TYR C 276 -32.98 -41.86 -8.61
C TYR C 276 -33.20 -40.56 -7.85
N ASP C 277 -32.37 -39.59 -8.17
CA ASP C 277 -32.27 -38.30 -7.51
C ASP C 277 -33.04 -37.23 -8.29
N TYR C 278 -32.83 -35.97 -7.91
CA TYR C 278 -33.44 -34.84 -8.61
C TYR C 278 -34.97 -34.96 -8.61
N ASP C 279 -35.58 -34.87 -7.42
CA ASP C 279 -37.02 -34.94 -7.29
C ASP C 279 -37.73 -33.87 -8.13
N THR C 285 -39.12 -29.40 3.50
CA THR C 285 -37.89 -29.50 2.72
C THR C 285 -36.86 -30.36 3.45
N ARG C 286 -35.69 -29.76 3.72
CA ARG C 286 -34.60 -30.50 4.34
C ARG C 286 -34.88 -30.75 5.82
N GLY C 287 -35.41 -29.74 6.53
CA GLY C 287 -35.65 -29.89 7.94
C GLY C 287 -36.68 -30.95 8.25
N GLU C 288 -37.74 -31.03 7.43
CA GLU C 288 -38.77 -32.04 7.65
C GLU C 288 -38.20 -33.45 7.48
N VAL C 289 -37.42 -33.67 6.42
CA VAL C 289 -36.91 -35.00 6.13
C VAL C 289 -35.86 -35.41 7.15
N ILE C 290 -34.96 -34.50 7.50
CA ILE C 290 -33.84 -34.84 8.37
C ILE C 290 -34.33 -35.29 9.75
N LYS C 291 -35.55 -34.94 10.12
CA LYS C 291 -36.17 -35.44 11.35
C LYS C 291 -37.15 -36.58 11.11
N ARG C 292 -37.82 -36.59 9.96
CA ARG C 292 -38.76 -37.67 9.66
C ARG C 292 -38.04 -39.01 9.56
N ILE C 293 -36.88 -39.04 8.90
CA ILE C 293 -36.16 -40.29 8.75
C ILE C 293 -35.71 -40.81 10.12
N ILE C 294 -35.22 -39.93 10.98
CA ILE C 294 -34.73 -40.35 12.29
C ILE C 294 -35.89 -40.81 13.16
N ASP C 295 -37.03 -40.13 13.05
CA ASP C 295 -38.22 -40.55 13.79
C ASP C 295 -38.67 -41.93 13.35
N THR C 296 -38.63 -42.18 12.03
CA THR C 296 -39.08 -43.47 11.52
C THR C 296 -38.15 -44.59 11.93
N ILE C 297 -36.84 -44.42 11.72
CA ILE C 297 -35.90 -45.50 12.04
C ILE C 297 -35.77 -45.67 13.55
N GLY C 298 -35.75 -44.57 14.30
CA GLY C 298 -35.51 -44.61 15.73
C GLY C 298 -34.80 -43.39 16.24
N ARG C 299 -35.20 -42.92 17.42
CA ARG C 299 -34.65 -41.67 17.96
C ARG C 299 -33.15 -41.79 18.20
N ASP C 300 -32.70 -42.94 18.69
CA ASP C 300 -31.30 -43.11 19.07
C ASP C 300 -30.40 -43.33 17.87
N TYR C 301 -30.45 -42.42 16.90
CA TYR C 301 -29.54 -42.47 15.76
C TYR C 301 -29.16 -41.02 15.42
N TYR C 302 -27.90 -40.81 15.06
CA TYR C 302 -27.41 -39.50 14.67
C TYR C 302 -26.61 -39.59 13.39
N VAL C 303 -26.75 -38.58 12.54
CA VAL C 303 -26.12 -38.57 11.22
C VAL C 303 -24.63 -38.28 11.36
N ASN C 304 -23.81 -39.30 11.19
CA ASN C 304 -22.36 -39.15 11.26
C ASN C 304 -21.76 -39.02 9.87
N GLY C 305 -21.72 -37.80 9.35
CA GLY C 305 -21.13 -37.57 8.04
C GLY C 305 -21.97 -38.15 6.91
N LYS C 306 -21.49 -39.23 6.30
CA LYS C 306 -22.24 -39.87 5.24
C LYS C 306 -22.81 -41.22 5.65
N TYR C 307 -23.00 -41.44 6.96
CA TYR C 307 -23.52 -42.71 7.47
C TYR C 307 -24.49 -42.47 8.63
N PHE C 308 -24.88 -43.55 9.30
CA PHE C 308 -25.69 -43.47 10.52
C PHE C 308 -24.90 -44.14 11.63
N SER C 309 -24.86 -43.51 12.80
CA SER C 309 -24.11 -44.05 13.92
C SER C 309 -25.02 -44.25 15.13
N LYS C 310 -24.55 -45.04 16.08
CA LYS C 310 -25.33 -45.38 17.27
C LYS C 310 -24.92 -44.50 18.45
N VAL C 311 -25.78 -44.40 19.45
CA VAL C 311 -25.55 -43.52 20.59
C VAL C 311 -25.46 -44.39 21.85
N GLY C 312 -24.94 -45.60 21.68
CA GLY C 312 -24.88 -46.58 22.73
C GLY C 312 -24.08 -46.14 23.94
N ILE C 313 -24.09 -47.00 24.96
CA ILE C 313 -23.52 -46.68 26.26
C ILE C 313 -22.00 -46.52 26.16
N ALA C 314 -21.37 -47.28 25.27
CA ALA C 314 -19.93 -47.24 25.09
C ALA C 314 -19.20 -47.49 26.41
N GLY C 315 -17.93 -47.09 26.50
CA GLY C 315 -17.21 -47.23 27.73
C GLY C 315 -15.72 -47.46 27.60
N LEU C 316 -15.17 -48.36 28.41
CA LEU C 316 -13.72 -48.48 28.53
C LEU C 316 -13.10 -49.12 27.29
N LYS C 317 -13.70 -50.19 26.80
CA LYS C 317 -13.12 -50.91 25.66
C LYS C 317 -13.30 -50.16 24.34
N GLN C 318 -14.26 -49.23 24.26
CA GLN C 318 -14.39 -48.43 23.05
C GLN C 318 -13.18 -47.53 22.86
N LEU C 319 -12.50 -47.18 23.96
CA LEU C 319 -11.18 -46.57 23.85
C LEU C 319 -10.16 -47.50 23.23
N THR C 320 -10.10 -48.75 23.69
CA THR C 320 -9.03 -49.67 23.29
C THR C 320 -9.02 -49.99 21.81
N ASN C 321 -10.19 -50.19 21.20
CA ASN C 321 -10.23 -50.65 19.81
C ASN C 321 -9.66 -49.62 18.85
N LYS C 322 -9.73 -48.33 19.20
CA LYS C 322 -9.24 -47.30 18.28
C LYS C 322 -7.72 -47.31 18.19
N LEU C 323 -7.03 -47.41 19.33
CA LEU C 323 -5.58 -47.42 19.32
C LEU C 323 -4.99 -48.71 18.75
N ASP C 324 -5.83 -49.72 18.51
CA ASP C 324 -5.38 -51.02 18.03
C ASP C 324 -4.40 -51.65 19.00
N ILE C 325 -4.82 -51.81 20.25
CA ILE C 325 -4.00 -52.42 21.28
C ILE C 325 -4.75 -53.62 21.84
N ASN C 326 -4.06 -54.40 22.67
CA ASN C 326 -4.68 -55.55 23.32
C ASN C 326 -5.86 -55.10 24.17
N GLU C 327 -7.00 -55.77 24.03
CA GLU C 327 -8.20 -55.41 24.77
C GLU C 327 -7.98 -55.54 26.27
N CYS C 328 -8.41 -54.54 27.04
CA CYS C 328 -8.24 -54.58 28.48
C CYS C 328 -9.50 -54.06 29.18
N ALA C 329 -9.72 -54.56 30.40
CA ALA C 329 -10.80 -54.09 31.24
C ALA C 329 -10.29 -53.36 32.48
N THR C 330 -8.98 -53.21 32.61
CA THR C 330 -8.39 -52.55 33.77
C THR C 330 -7.69 -51.26 33.35
N VAL C 331 -7.81 -50.22 34.17
CA VAL C 331 -7.22 -48.92 33.87
C VAL C 331 -5.70 -49.02 33.89
N ASP C 332 -5.16 -49.86 34.79
CA ASP C 332 -3.71 -49.98 34.91
C ASP C 332 -3.10 -50.60 33.65
N GLU C 333 -3.86 -51.44 32.95
CA GLU C 333 -3.35 -52.03 31.72
C GLU C 333 -3.26 -50.99 30.60
N LEU C 334 -4.03 -49.92 30.72
CA LEU C 334 -4.09 -48.90 29.67
C LEU C 334 -2.79 -48.11 29.56
N VAL C 335 -1.89 -48.30 30.52
CA VAL C 335 -0.58 -47.64 30.50
C VAL C 335 0.55 -48.62 30.27
N ASP C 336 0.31 -49.93 30.40
CA ASP C 336 1.38 -50.92 30.40
C ASP C 336 2.04 -51.06 29.03
N GLU C 337 1.27 -51.46 28.02
CA GLU C 337 1.84 -51.71 26.71
C GLU C 337 1.99 -50.46 25.86
N ILE C 338 1.47 -49.33 26.31
CA ILE C 338 1.65 -48.09 25.56
C ILE C 338 3.13 -47.72 25.50
N ASN C 339 3.84 -47.85 26.62
CA ASN C 339 5.30 -47.68 26.59
C ASN C 339 5.94 -48.73 25.70
N LYS C 340 5.47 -49.98 25.80
CA LYS C 340 6.01 -51.04 24.95
C LYS C 340 5.70 -50.78 23.48
N SER C 341 4.52 -50.24 23.19
CA SER C 341 4.16 -49.89 21.83
C SER C 341 5.03 -48.75 21.31
N GLY C 342 5.55 -48.89 20.10
CA GLY C 342 6.44 -47.89 19.53
C GLY C 342 5.77 -46.61 19.07
N THR C 343 4.62 -46.73 18.42
CA THR C 343 3.98 -45.60 17.77
C THR C 343 2.62 -45.25 18.37
N VAL C 344 2.05 -46.13 19.19
CA VAL C 344 0.77 -45.83 19.82
C VAL C 344 0.92 -44.64 20.78
N LYS C 345 1.98 -44.64 21.58
CA LYS C 345 2.21 -43.51 22.48
C LYS C 345 2.52 -42.24 21.72
N ARG C 346 3.20 -42.36 20.57
CA ARG C 346 3.45 -41.20 19.72
C ARG C 346 2.14 -40.61 19.21
N LYS C 347 1.21 -41.47 18.78
CA LYS C 347 -0.10 -41.01 18.36
C LYS C 347 -0.85 -40.36 19.51
N ILE C 348 -0.74 -40.93 20.71
CA ILE C 348 -1.37 -40.36 21.89
C ILE C 348 -0.86 -38.95 22.15
N LYS C 349 0.47 -38.78 22.19
CA LYS C 349 1.08 -37.51 22.51
C LYS C 349 0.89 -36.46 21.42
N ASN C 350 0.88 -36.86 20.16
CA ASN C 350 0.75 -35.89 19.06
C ASN C 350 -0.60 -35.18 19.07
N GLN C 351 -1.69 -35.92 19.31
CA GLN C 351 -3.03 -35.34 19.29
C GLN C 351 -3.36 -34.73 20.64
N SER C 352 -4.58 -34.24 20.79
CA SER C 352 -5.07 -33.67 22.03
C SER C 352 -6.15 -34.56 22.62
N VAL C 353 -6.56 -34.22 23.85
CA VAL C 353 -7.53 -35.04 24.56
C VAL C 353 -8.92 -34.93 23.93
N PHE C 354 -9.31 -33.72 23.52
CA PHE C 354 -10.64 -33.52 22.97
C PHE C 354 -10.83 -34.27 21.67
N ASP C 355 -9.85 -34.20 20.77
CA ASP C 355 -9.98 -34.86 19.47
C ASP C 355 -10.09 -36.38 19.64
N LEU C 356 -9.25 -36.95 20.49
CA LEU C 356 -9.28 -38.40 20.68
C LEU C 356 -10.56 -38.83 21.38
N SER C 357 -11.00 -38.06 22.37
CA SER C 357 -12.25 -38.37 23.06
C SER C 357 -13.45 -38.29 22.12
N ARG C 358 -13.50 -37.30 21.24
CA ARG C 358 -14.56 -37.21 20.24
C ARG C 358 -14.49 -38.37 19.25
N GLU C 359 -13.29 -38.71 18.80
CA GLU C 359 -13.13 -39.78 17.81
C GLU C 359 -13.42 -41.15 18.40
N CYS C 360 -13.32 -41.31 19.72
CA CYS C 360 -13.55 -42.63 20.31
C CYS C 360 -15.03 -42.98 20.34
N LEU C 361 -15.89 -41.98 20.53
CA LEU C 361 -17.32 -42.23 20.46
C LEU C 361 -17.92 -41.83 19.12
N GLY C 362 -17.12 -41.34 18.19
CA GLY C 362 -17.57 -41.11 16.82
C GLY C 362 -18.63 -40.05 16.67
N TYR C 363 -18.48 -38.90 17.32
CA TYR C 363 -19.38 -37.79 17.07
C TYR C 363 -18.98 -37.05 15.79
N PRO C 364 -19.92 -36.37 15.15
CA PRO C 364 -19.53 -35.48 14.05
C PRO C 364 -18.76 -34.27 14.58
N GLU C 365 -17.95 -33.69 13.70
CA GLU C 365 -17.11 -32.58 14.13
C GLU C 365 -17.92 -31.31 14.32
N ALA C 366 -18.56 -30.81 13.26
CA ALA C 366 -19.21 -29.51 13.31
C ALA C 366 -20.35 -29.49 14.31
N ASP C 367 -21.19 -30.52 14.31
CA ASP C 367 -22.34 -30.55 15.20
C ASP C 367 -21.91 -30.57 16.66
N PHE C 368 -20.90 -31.38 16.99
CA PHE C 368 -20.44 -31.46 18.37
C PHE C 368 -19.78 -30.16 18.80
N ILE C 369 -19.04 -29.53 17.89
CA ILE C 369 -18.43 -28.23 18.22
C ILE C 369 -19.51 -27.20 18.51
N THR C 370 -20.57 -27.19 17.71
CA THR C 370 -21.67 -26.26 17.96
C THR C 370 -22.33 -26.54 19.31
N LEU C 371 -22.56 -27.82 19.62
CA LEU C 371 -23.17 -28.16 20.90
C LEU C 371 -22.31 -27.71 22.06
N VAL C 372 -20.99 -27.92 21.96
CA VAL C 372 -20.09 -27.52 23.03
C VAL C 372 -20.09 -26.00 23.17
N ASN C 373 -20.07 -25.28 22.04
CA ASN C 373 -20.11 -23.83 22.09
C ASN C 373 -21.45 -23.27 22.57
N ASN C 374 -22.49 -24.10 22.62
CA ASN C 374 -23.77 -23.70 23.19
C ASN C 374 -24.01 -24.27 24.58
N MET C 375 -22.97 -24.35 25.41
CA MET C 375 -23.09 -24.90 26.75
C MET C 375 -22.28 -24.05 27.73
N ARG C 376 -22.34 -24.44 29.00
CA ARG C 376 -21.52 -23.85 30.05
C ARG C 376 -20.94 -24.99 30.89
N PHE C 377 -19.70 -24.84 31.32
CA PHE C 377 -18.96 -25.90 32.00
C PHE C 377 -18.43 -25.41 33.33
N LYS C 378 -18.30 -26.34 34.28
CA LYS C 378 -17.61 -26.11 35.54
C LYS C 378 -16.51 -27.15 35.67
N ILE C 379 -15.27 -26.73 35.53
CA ILE C 379 -14.13 -27.63 35.39
C ILE C 379 -13.25 -27.51 36.62
N GLU C 380 -12.93 -28.66 37.23
CA GLU C 380 -12.07 -28.73 38.39
C GLU C 380 -10.93 -29.71 38.12
N ASN C 381 -9.70 -29.24 38.31
CA ASN C 381 -8.49 -30.05 38.15
C ASN C 381 -8.44 -30.68 36.75
N CYS C 382 -8.67 -29.82 35.75
CA CYS C 382 -8.64 -30.21 34.34
C CYS C 382 -9.61 -31.34 34.02
N LYS C 383 -10.72 -31.41 34.75
CA LYS C 383 -11.71 -32.45 34.56
C LYS C 383 -13.10 -31.82 34.62
N VAL C 384 -14.04 -32.41 33.87
CA VAL C 384 -15.39 -31.88 33.81
C VAL C 384 -16.25 -32.58 34.85
N VAL C 385 -16.94 -31.80 35.67
CA VAL C 385 -17.80 -32.35 36.71
C VAL C 385 -19.25 -31.93 36.57
N ASN C 386 -19.56 -30.87 35.83
CA ASN C 386 -20.94 -30.42 35.66
C ASN C 386 -21.07 -29.73 34.31
N PHE C 387 -22.27 -29.79 33.75
CA PHE C 387 -22.54 -29.14 32.48
C PHE C 387 -24.02 -28.82 32.38
N ASN C 388 -24.35 -27.86 31.52
CA ASN C 388 -25.74 -27.46 31.30
C ASN C 388 -25.85 -26.73 29.97
N ILE C 389 -27.07 -26.55 29.52
CA ILE C 389 -27.36 -25.88 28.25
C ILE C 389 -27.71 -24.43 28.51
N GLU C 390 -27.20 -23.55 27.66
CA GLU C 390 -27.47 -22.12 27.75
C GLU C 390 -28.54 -21.67 26.77
N ASN C 391 -28.44 -22.07 25.51
CA ASN C 391 -29.41 -21.71 24.48
C ASN C 391 -29.99 -23.01 23.93
N THR C 392 -31.31 -23.05 23.78
CA THR C 392 -32.00 -24.27 23.39
C THR C 392 -32.36 -24.30 21.91
N ASN C 393 -31.99 -23.29 21.13
CA ASN C 393 -32.31 -23.31 19.70
C ASN C 393 -31.58 -24.45 18.99
N CYS C 394 -30.35 -24.73 19.40
CA CYS C 394 -29.56 -25.77 18.76
C CYS C 394 -30.17 -27.15 18.94
N LEU C 395 -31.07 -27.33 19.90
CA LEU C 395 -31.70 -28.62 20.13
C LEU C 395 -32.73 -28.98 19.06
N ASN C 396 -33.06 -28.04 18.16
CA ASN C 396 -33.97 -28.36 17.06
C ASN C 396 -33.39 -29.42 16.15
N ASN C 397 -32.10 -29.35 15.88
CA ASN C 397 -31.42 -30.35 15.07
C ASN C 397 -31.48 -31.70 15.78
N PRO C 398 -32.03 -32.74 15.15
CA PRO C 398 -32.10 -34.04 15.84
C PRO C 398 -30.74 -34.59 16.23
N SER C 399 -29.72 -34.33 15.41
CA SER C 399 -28.38 -34.81 15.74
C SER C 399 -27.91 -34.24 17.07
N ILE C 400 -28.15 -32.95 17.30
CA ILE C 400 -27.69 -32.31 18.53
C ILE C 400 -28.36 -32.93 19.75
N GLU C 401 -29.67 -33.17 19.67
CA GLU C 401 -30.36 -33.75 20.82
C GLU C 401 -29.92 -35.19 21.07
N THR C 402 -29.73 -35.97 20.00
CA THR C 402 -29.24 -37.33 20.18
C THR C 402 -27.84 -37.34 20.81
N ILE C 403 -26.99 -36.40 20.40
CA ILE C 403 -25.66 -36.32 20.99
C ILE C 403 -25.74 -35.91 22.46
N TYR C 404 -26.57 -34.92 22.76
CA TYR C 404 -26.76 -34.49 24.14
C TYR C 404 -27.30 -35.64 24.99
N GLY C 405 -27.95 -36.61 24.35
CA GLY C 405 -28.43 -37.79 25.06
C GLY C 405 -27.36 -38.52 25.87
N ASN C 406 -26.13 -38.64 25.36
CA ASN C 406 -25.10 -39.39 26.06
C ASN C 406 -23.84 -38.56 26.26
N PHE C 407 -23.99 -37.31 26.71
CA PHE C 407 -22.83 -36.51 27.05
C PHE C 407 -22.12 -37.05 28.29
N ASN C 408 -22.81 -37.85 29.11
CA ASN C 408 -22.19 -38.41 30.29
C ASN C 408 -21.07 -39.38 29.92
N GLN C 409 -21.29 -40.20 28.89
CA GLN C 409 -20.24 -41.12 28.46
C GLN C 409 -19.05 -40.35 27.90
N PHE C 410 -19.32 -39.26 27.19
CA PHE C 410 -18.24 -38.41 26.69
C PHE C 410 -17.43 -37.83 27.84
N VAL C 411 -18.09 -37.32 28.88
CA VAL C 411 -17.33 -36.73 29.96
C VAL C 411 -16.56 -37.81 30.73
N SER C 412 -17.13 -39.01 30.86
CA SER C 412 -16.41 -40.09 31.54
C SER C 412 -15.13 -40.45 30.79
N ILE C 413 -15.24 -40.68 29.48
CA ILE C 413 -14.05 -41.05 28.71
C ILE C 413 -13.09 -39.87 28.63
N PHE C 414 -13.60 -38.65 28.65
CA PHE C 414 -12.74 -37.47 28.64
C PHE C 414 -11.89 -37.41 29.91
N ASN C 415 -12.53 -37.61 31.07
CA ASN C 415 -11.79 -37.59 32.32
C ASN C 415 -10.79 -38.75 32.38
N THR C 416 -11.18 -39.92 31.86
CA THR C 416 -10.25 -41.04 31.84
C THR C 416 -9.02 -40.73 30.99
N VAL C 417 -9.23 -40.22 29.77
CA VAL C 417 -8.11 -39.92 28.90
C VAL C 417 -7.25 -38.81 29.48
N THR C 418 -7.86 -37.82 30.14
CA THR C 418 -7.08 -36.75 30.74
C THR C 418 -6.21 -37.28 31.87
N ASP C 419 -6.79 -38.07 32.77
CA ASP C 419 -6.02 -38.54 33.92
C ASP C 419 -5.07 -39.67 33.56
N VAL C 420 -5.16 -40.22 32.35
CA VAL C 420 -4.13 -41.16 31.93
C VAL C 420 -3.05 -40.44 31.11
N LYS C 421 -3.42 -39.34 30.47
CA LYS C 421 -2.43 -38.48 29.83
C LYS C 421 -1.57 -37.78 30.86
N LYS C 422 -2.09 -37.59 32.08
CA LYS C 422 -1.31 -37.00 33.15
C LYS C 422 -0.09 -37.84 33.49
N ARG C 423 -0.07 -39.11 33.07
CA ARG C 423 1.04 -39.99 33.40
C ARG C 423 1.69 -40.63 32.18
N LEU C 424 1.01 -40.61 31.03
CA LEU C 424 1.60 -41.21 29.84
C LEU C 424 2.53 -40.25 29.11
N PHE C 425 2.10 -38.99 28.96
CA PHE C 425 2.80 -38.01 28.13
C PHE C 425 2.92 -38.50 26.70
#